data_2EHG
# 
_entry.id   2EHG 
# 
_audit_conform.dict_name       mmcif_pdbx.dic 
_audit_conform.dict_version    5.397 
_audit_conform.dict_location   http://mmcif.pdb.org/dictionaries/ascii/mmcif_pdbx.dic 
# 
loop_
_database_2.database_id 
_database_2.database_code 
_database_2.pdbx_database_accession 
_database_2.pdbx_DOI 
PDB   2EHG         pdb_00002ehg 10.2210/pdb2ehg/pdb 
RCSB  RCSB026669   ?            ?                   
WWPDB D_1000026669 ?            ?                   
# 
loop_
_pdbx_audit_revision_history.ordinal 
_pdbx_audit_revision_history.data_content_type 
_pdbx_audit_revision_history.major_revision 
_pdbx_audit_revision_history.minor_revision 
_pdbx_audit_revision_history.revision_date 
1 'Structure model' 1 0 2007-09-11 
2 'Structure model' 1 1 2011-07-13 
3 'Structure model' 1 2 2024-10-16 
# 
_pdbx_audit_revision_details.ordinal             1 
_pdbx_audit_revision_details.revision_ordinal    1 
_pdbx_audit_revision_details.data_content_type   'Structure model' 
_pdbx_audit_revision_details.provider            repository 
_pdbx_audit_revision_details.type                'Initial release' 
_pdbx_audit_revision_details.description         ? 
_pdbx_audit_revision_details.details             ? 
# 
loop_
_pdbx_audit_revision_group.ordinal 
_pdbx_audit_revision_group.revision_ordinal 
_pdbx_audit_revision_group.data_content_type 
_pdbx_audit_revision_group.group 
1 2 'Structure model' 'Source and taxonomy'       
2 2 'Structure model' 'Version format compliance' 
3 3 'Structure model' 'Data collection'           
4 3 'Structure model' 'Database references'       
5 3 'Structure model' 'Structure summary'         
# 
loop_
_pdbx_audit_revision_category.ordinal 
_pdbx_audit_revision_category.revision_ordinal 
_pdbx_audit_revision_category.data_content_type 
_pdbx_audit_revision_category.category 
1 3 'Structure model' chem_comp_atom            
2 3 'Structure model' chem_comp_bond            
3 3 'Structure model' database_2                
4 3 'Structure model' pdbx_entry_details        
5 3 'Structure model' pdbx_modification_feature 
# 
loop_
_pdbx_audit_revision_item.ordinal 
_pdbx_audit_revision_item.revision_ordinal 
_pdbx_audit_revision_item.data_content_type 
_pdbx_audit_revision_item.item 
1 3 'Structure model' '_database_2.pdbx_DOI'                
2 3 'Structure model' '_database_2.pdbx_database_accession' 
# 
_pdbx_database_status.status_code                     REL 
_pdbx_database_status.entry_id                        2EHG 
_pdbx_database_status.recvd_initial_deposition_date   2007-03-06 
_pdbx_database_status.deposit_site                    PDBJ 
_pdbx_database_status.process_site                    PDBJ 
_pdbx_database_status.status_code_sf                  REL 
_pdbx_database_status.status_code_mr                  ? 
_pdbx_database_status.SG_entry                        ? 
_pdbx_database_status.pdb_format_compatible           Y 
_pdbx_database_status.status_code_cs                  ? 
_pdbx_database_status.status_code_nmr_data            ? 
_pdbx_database_status.methods_development_category    ? 
# 
loop_
_audit_author.name 
_audit_author.pdbx_ordinal 
'You, D.J.'  1 
'Chon, H.'   2 
'Koga, Y.'   3 
'Takano, K.' 4 
'Kanaya, S.' 5 
# 
_citation.id                        primary 
_citation.title                     
'Crystal Structure of Type 1 RNase H from a Hyperthermophilic Archaeon with Double-stranded RNA-dependent RNase Activity' 
_citation.journal_abbrev            'To be Published' 
_citation.journal_volume            ? 
_citation.page_first                ? 
_citation.page_last                 ? 
_citation.year                      ? 
_citation.journal_id_ASTM           ? 
_citation.country                   ? 
_citation.journal_id_ISSN           ? 
_citation.journal_id_CSD            0353 
_citation.book_publisher            ? 
_citation.pdbx_database_id_PubMed   ? 
_citation.pdbx_database_id_DOI      ? 
# 
loop_
_citation_author.citation_id 
_citation_author.name 
_citation_author.ordinal 
_citation_author.identifier_ORCID 
primary 'You, D.J.'  1 ? 
primary 'Chon, H.'   2 ? 
primary 'Koga, Y.'   3 ? 
primary 'Takano, K.' 4 ? 
primary 'Kanaya, S.' 5 ? 
# 
loop_
_entity.id 
_entity.type 
_entity.src_method 
_entity.pdbx_description 
_entity.formula_weight 
_entity.pdbx_number_of_molecules 
_entity.pdbx_ec 
_entity.pdbx_mutation 
_entity.pdbx_fragment 
_entity.details 
1 polymer man 'ribonuclease HI' 16835.830 1   3.1.26.4 ? ? ? 
2 water   nat water             18.015    139 ?        ? ? ? 
# 
_entity_name_com.entity_id   1 
_entity_name_com.name        'Hypothetical protein ST0753' 
# 
_entity_poly.entity_id                      1 
_entity_poly.type                           'polypeptide(L)' 
_entity_poly.nstd_linkage                   no 
_entity_poly.nstd_monomer                   no 
_entity_poly.pdbx_seq_one_letter_code       
;MIIGYFDGLCEPKNPGGIATFGFVIYLDNRKIEGYGLAEKPFSINSTNNVAEYSGLICLMETMLRLGISSPIIKGDSQLV
IKQMNGEYKVKAKRIIPLYEKAIELKKKLNATLIWVPREENKEADRLSRVAYELVRRGKLRDIGCIILT
;
_entity_poly.pdbx_seq_one_letter_code_can   
;MIIGYFDGLCEPKNPGGIATFGFVIYLDNRKIEGYGLAEKPFSINSTNNVAEYSGLICLMETMLRLGISSPIIKGDSQLV
IKQMNGEYKVKAKRIIPLYEKAIELKKKLNATLIWVPREENKEADRLSRVAYELVRRGKLRDIGCIILT
;
_entity_poly.pdbx_strand_id                 A 
_entity_poly.pdbx_target_identifier         ? 
# 
_pdbx_entity_nonpoly.entity_id   2 
_pdbx_entity_nonpoly.name        water 
_pdbx_entity_nonpoly.comp_id     HOH 
# 
loop_
_entity_poly_seq.entity_id 
_entity_poly_seq.num 
_entity_poly_seq.mon_id 
_entity_poly_seq.hetero 
1 1   MET n 
1 2   ILE n 
1 3   ILE n 
1 4   GLY n 
1 5   TYR n 
1 6   PHE n 
1 7   ASP n 
1 8   GLY n 
1 9   LEU n 
1 10  CYS n 
1 11  GLU n 
1 12  PRO n 
1 13  LYS n 
1 14  ASN n 
1 15  PRO n 
1 16  GLY n 
1 17  GLY n 
1 18  ILE n 
1 19  ALA n 
1 20  THR n 
1 21  PHE n 
1 22  GLY n 
1 23  PHE n 
1 24  VAL n 
1 25  ILE n 
1 26  TYR n 
1 27  LEU n 
1 28  ASP n 
1 29  ASN n 
1 30  ARG n 
1 31  LYS n 
1 32  ILE n 
1 33  GLU n 
1 34  GLY n 
1 35  TYR n 
1 36  GLY n 
1 37  LEU n 
1 38  ALA n 
1 39  GLU n 
1 40  LYS n 
1 41  PRO n 
1 42  PHE n 
1 43  SER n 
1 44  ILE n 
1 45  ASN n 
1 46  SER n 
1 47  THR n 
1 48  ASN n 
1 49  ASN n 
1 50  VAL n 
1 51  ALA n 
1 52  GLU n 
1 53  TYR n 
1 54  SER n 
1 55  GLY n 
1 56  LEU n 
1 57  ILE n 
1 58  CYS n 
1 59  LEU n 
1 60  MET n 
1 61  GLU n 
1 62  THR n 
1 63  MET n 
1 64  LEU n 
1 65  ARG n 
1 66  LEU n 
1 67  GLY n 
1 68  ILE n 
1 69  SER n 
1 70  SER n 
1 71  PRO n 
1 72  ILE n 
1 73  ILE n 
1 74  LYS n 
1 75  GLY n 
1 76  ASP n 
1 77  SER n 
1 78  GLN n 
1 79  LEU n 
1 80  VAL n 
1 81  ILE n 
1 82  LYS n 
1 83  GLN n 
1 84  MET n 
1 85  ASN n 
1 86  GLY n 
1 87  GLU n 
1 88  TYR n 
1 89  LYS n 
1 90  VAL n 
1 91  LYS n 
1 92  ALA n 
1 93  LYS n 
1 94  ARG n 
1 95  ILE n 
1 96  ILE n 
1 97  PRO n 
1 98  LEU n 
1 99  TYR n 
1 100 GLU n 
1 101 LYS n 
1 102 ALA n 
1 103 ILE n 
1 104 GLU n 
1 105 LEU n 
1 106 LYS n 
1 107 LYS n 
1 108 LYS n 
1 109 LEU n 
1 110 ASN n 
1 111 ALA n 
1 112 THR n 
1 113 LEU n 
1 114 ILE n 
1 115 TRP n 
1 116 VAL n 
1 117 PRO n 
1 118 ARG n 
1 119 GLU n 
1 120 GLU n 
1 121 ASN n 
1 122 LYS n 
1 123 GLU n 
1 124 ALA n 
1 125 ASP n 
1 126 ARG n 
1 127 LEU n 
1 128 SER n 
1 129 ARG n 
1 130 VAL n 
1 131 ALA n 
1 132 TYR n 
1 133 GLU n 
1 134 LEU n 
1 135 VAL n 
1 136 ARG n 
1 137 ARG n 
1 138 GLY n 
1 139 LYS n 
1 140 LEU n 
1 141 ARG n 
1 142 ASP n 
1 143 ILE n 
1 144 GLY n 
1 145 CYS n 
1 146 ILE n 
1 147 ILE n 
1 148 LEU n 
1 149 THR n 
# 
_entity_src_gen.entity_id                          1 
_entity_src_gen.pdbx_src_id                        1 
_entity_src_gen.pdbx_alt_source_flag               sample 
_entity_src_gen.pdbx_seq_type                      ? 
_entity_src_gen.pdbx_beg_seq_num                   ? 
_entity_src_gen.pdbx_end_seq_num                   ? 
_entity_src_gen.gene_src_common_name               ? 
_entity_src_gen.gene_src_genus                     Sulfolobus 
_entity_src_gen.pdbx_gene_src_gene                 ? 
_entity_src_gen.gene_src_species                   'Sulfolobus tokodaii' 
_entity_src_gen.gene_src_strain                    7 
_entity_src_gen.gene_src_tissue                    ? 
_entity_src_gen.gene_src_tissue_fraction           ? 
_entity_src_gen.gene_src_details                   ? 
_entity_src_gen.pdbx_gene_src_fragment             ? 
_entity_src_gen.pdbx_gene_src_scientific_name      'Sulfolobus tokodaii' 
_entity_src_gen.pdbx_gene_src_ncbi_taxonomy_id     273063 
_entity_src_gen.pdbx_gene_src_variant              ? 
_entity_src_gen.pdbx_gene_src_cell_line            ? 
_entity_src_gen.pdbx_gene_src_atcc                 ? 
_entity_src_gen.pdbx_gene_src_organ                ? 
_entity_src_gen.pdbx_gene_src_organelle            ? 
_entity_src_gen.pdbx_gene_src_cell                 ? 
_entity_src_gen.pdbx_gene_src_cellular_location    ? 
_entity_src_gen.host_org_common_name               ? 
_entity_src_gen.pdbx_host_org_scientific_name      'Escherichia coli' 
_entity_src_gen.pdbx_host_org_ncbi_taxonomy_id     562 
_entity_src_gen.host_org_genus                     Escherichia 
_entity_src_gen.pdbx_host_org_gene                 ? 
_entity_src_gen.pdbx_host_org_organ                ? 
_entity_src_gen.host_org_species                   ? 
_entity_src_gen.pdbx_host_org_tissue               ? 
_entity_src_gen.pdbx_host_org_tissue_fraction      ? 
_entity_src_gen.pdbx_host_org_strain               'MIC2067(DE3)' 
_entity_src_gen.pdbx_host_org_variant              ? 
_entity_src_gen.pdbx_host_org_cell_line            ? 
_entity_src_gen.pdbx_host_org_atcc                 ? 
_entity_src_gen.pdbx_host_org_culture_collection   ? 
_entity_src_gen.pdbx_host_org_cell                 ? 
_entity_src_gen.pdbx_host_org_organelle            ? 
_entity_src_gen.pdbx_host_org_cellular_location    ? 
_entity_src_gen.pdbx_host_org_vector_type          PLASMID 
_entity_src_gen.pdbx_host_org_vector               ? 
_entity_src_gen.host_org_details                   ? 
_entity_src_gen.expression_system_id               ? 
_entity_src_gen.plasmid_name                       pET25b 
_entity_src_gen.plasmid_details                    ? 
_entity_src_gen.pdbx_description                   ? 
# 
loop_
_chem_comp.id 
_chem_comp.type 
_chem_comp.mon_nstd_flag 
_chem_comp.name 
_chem_comp.pdbx_synonyms 
_chem_comp.formula 
_chem_comp.formula_weight 
ALA 'L-peptide linking' y ALANINE         ? 'C3 H7 N O2'     89.093  
ARG 'L-peptide linking' y ARGININE        ? 'C6 H15 N4 O2 1' 175.209 
ASN 'L-peptide linking' y ASPARAGINE      ? 'C4 H8 N2 O3'    132.118 
ASP 'L-peptide linking' y 'ASPARTIC ACID' ? 'C4 H7 N O4'     133.103 
CYS 'L-peptide linking' y CYSTEINE        ? 'C3 H7 N O2 S'   121.158 
GLN 'L-peptide linking' y GLUTAMINE       ? 'C5 H10 N2 O3'   146.144 
GLU 'L-peptide linking' y 'GLUTAMIC ACID' ? 'C5 H9 N O4'     147.129 
GLY 'peptide linking'   y GLYCINE         ? 'C2 H5 N O2'     75.067  
HOH non-polymer         . WATER           ? 'H2 O'           18.015  
ILE 'L-peptide linking' y ISOLEUCINE      ? 'C6 H13 N O2'    131.173 
LEU 'L-peptide linking' y LEUCINE         ? 'C6 H13 N O2'    131.173 
LYS 'L-peptide linking' y LYSINE          ? 'C6 H15 N2 O2 1' 147.195 
MET 'L-peptide linking' y METHIONINE      ? 'C5 H11 N O2 S'  149.211 
PHE 'L-peptide linking' y PHENYLALANINE   ? 'C9 H11 N O2'    165.189 
PRO 'L-peptide linking' y PROLINE         ? 'C5 H9 N O2'     115.130 
SER 'L-peptide linking' y SERINE          ? 'C3 H7 N O3'     105.093 
THR 'L-peptide linking' y THREONINE       ? 'C4 H9 N O3'     119.119 
TRP 'L-peptide linking' y TRYPTOPHAN      ? 'C11 H12 N2 O2'  204.225 
TYR 'L-peptide linking' y TYROSINE        ? 'C9 H11 N O3'    181.189 
VAL 'L-peptide linking' y VALINE          ? 'C5 H11 N O2'    117.146 
# 
loop_
_pdbx_poly_seq_scheme.asym_id 
_pdbx_poly_seq_scheme.entity_id 
_pdbx_poly_seq_scheme.seq_id 
_pdbx_poly_seq_scheme.mon_id 
_pdbx_poly_seq_scheme.ndb_seq_num 
_pdbx_poly_seq_scheme.pdb_seq_num 
_pdbx_poly_seq_scheme.auth_seq_num 
_pdbx_poly_seq_scheme.pdb_mon_id 
_pdbx_poly_seq_scheme.auth_mon_id 
_pdbx_poly_seq_scheme.pdb_strand_id 
_pdbx_poly_seq_scheme.pdb_ins_code 
_pdbx_poly_seq_scheme.hetero 
A 1 1   MET 1   1   1   MET MET A . n 
A 1 2   ILE 2   2   2   ILE ILE A . n 
A 1 3   ILE 3   3   3   ILE ILE A . n 
A 1 4   GLY 4   4   4   GLY GLY A . n 
A 1 5   TYR 5   5   5   TYR TYR A . n 
A 1 6   PHE 6   6   6   PHE PHE A . n 
A 1 7   ASP 7   7   7   ASP ASP A . n 
A 1 8   GLY 8   8   8   GLY GLY A . n 
A 1 9   LEU 9   9   9   LEU LEU A . n 
A 1 10  CYS 10  10  10  CYS CYS A . n 
A 1 11  GLU 11  11  11  GLU GLU A . n 
A 1 12  PRO 12  12  12  PRO PRO A . n 
A 1 13  LYS 13  13  13  LYS LYS A . n 
A 1 14  ASN 14  14  14  ASN ASN A . n 
A 1 15  PRO 15  15  15  PRO PRO A . n 
A 1 16  GLY 16  16  16  GLY GLY A . n 
A 1 17  GLY 17  17  17  GLY GLY A . n 
A 1 18  ILE 18  18  18  ILE ILE A . n 
A 1 19  ALA 19  19  19  ALA ALA A . n 
A 1 20  THR 20  20  20  THR THR A . n 
A 1 21  PHE 21  21  21  PHE PHE A . n 
A 1 22  GLY 22  22  22  GLY GLY A . n 
A 1 23  PHE 23  23  23  PHE PHE A . n 
A 1 24  VAL 24  24  24  VAL VAL A . n 
A 1 25  ILE 25  25  25  ILE ILE A . n 
A 1 26  TYR 26  26  26  TYR TYR A . n 
A 1 27  LEU 27  27  27  LEU LEU A . n 
A 1 28  ASP 28  28  28  ASP ASP A . n 
A 1 29  ASN 29  29  29  ASN ASN A . n 
A 1 30  ARG 30  30  30  ARG ARG A . n 
A 1 31  LYS 31  31  31  LYS LYS A . n 
A 1 32  ILE 32  32  32  ILE ILE A . n 
A 1 33  GLU 33  33  33  GLU GLU A . n 
A 1 34  GLY 34  34  34  GLY GLY A . n 
A 1 35  TYR 35  35  35  TYR TYR A . n 
A 1 36  GLY 36  36  36  GLY GLY A . n 
A 1 37  LEU 37  37  37  LEU LEU A . n 
A 1 38  ALA 38  38  38  ALA ALA A . n 
A 1 39  GLU 39  39  39  GLU GLU A . n 
A 1 40  LYS 40  40  40  LYS LYS A . n 
A 1 41  PRO 41  41  41  PRO PRO A . n 
A 1 42  PHE 42  42  42  PHE PHE A . n 
A 1 43  SER 43  43  43  SER SER A . n 
A 1 44  ILE 44  44  44  ILE ILE A . n 
A 1 45  ASN 45  45  45  ASN ASN A . n 
A 1 46  SER 46  46  46  SER SER A . n 
A 1 47  THR 47  47  47  THR THR A . n 
A 1 48  ASN 48  48  48  ASN ASN A . n 
A 1 49  ASN 49  49  49  ASN ASN A . n 
A 1 50  VAL 50  50  50  VAL VAL A . n 
A 1 51  ALA 51  51  51  ALA ALA A . n 
A 1 52  GLU 52  52  52  GLU GLU A . n 
A 1 53  TYR 53  53  53  TYR TYR A . n 
A 1 54  SER 54  54  54  SER SER A . n 
A 1 55  GLY 55  55  55  GLY GLY A . n 
A 1 56  LEU 56  56  56  LEU LEU A . n 
A 1 57  ILE 57  57  57  ILE ILE A . n 
A 1 58  CYS 58  58  58  CYS CYS A . n 
A 1 59  LEU 59  59  59  LEU LEU A . n 
A 1 60  MET 60  60  60  MET MET A . n 
A 1 61  GLU 61  61  61  GLU GLU A . n 
A 1 62  THR 62  62  62  THR THR A . n 
A 1 63  MET 63  63  63  MET MET A . n 
A 1 64  LEU 64  64  64  LEU LEU A . n 
A 1 65  ARG 65  65  65  ARG ARG A . n 
A 1 66  LEU 66  66  66  LEU LEU A . n 
A 1 67  GLY 67  67  67  GLY GLY A . n 
A 1 68  ILE 68  68  68  ILE ILE A . n 
A 1 69  SER 69  69  69  SER SER A . n 
A 1 70  SER 70  70  70  SER SER A . n 
A 1 71  PRO 71  71  71  PRO PRO A . n 
A 1 72  ILE 72  72  72  ILE ILE A . n 
A 1 73  ILE 73  73  73  ILE ILE A . n 
A 1 74  LYS 74  74  74  LYS LYS A . n 
A 1 75  GLY 75  75  75  GLY GLY A . n 
A 1 76  ASP 76  76  76  ASP ASP A . n 
A 1 77  SER 77  77  77  SER SER A . n 
A 1 78  GLN 78  78  78  GLN GLN A . n 
A 1 79  LEU 79  79  79  LEU LEU A . n 
A 1 80  VAL 80  80  80  VAL VAL A . n 
A 1 81  ILE 81  81  81  ILE ILE A . n 
A 1 82  LYS 82  82  82  LYS LYS A . n 
A 1 83  GLN 83  83  83  GLN GLN A . n 
A 1 84  MET 84  84  84  MET MET A . n 
A 1 85  ASN 85  85  85  ASN ASN A . n 
A 1 86  GLY 86  86  86  GLY GLY A . n 
A 1 87  GLU 87  87  87  GLU GLU A . n 
A 1 88  TYR 88  88  88  TYR TYR A . n 
A 1 89  LYS 89  89  89  LYS LYS A . n 
A 1 90  VAL 90  90  90  VAL VAL A . n 
A 1 91  LYS 91  91  91  LYS LYS A . n 
A 1 92  ALA 92  92  92  ALA ALA A . n 
A 1 93  LYS 93  93  93  LYS LYS A . n 
A 1 94  ARG 94  94  94  ARG ARG A . n 
A 1 95  ILE 95  95  95  ILE ILE A . n 
A 1 96  ILE 96  96  96  ILE ILE A . n 
A 1 97  PRO 97  97  97  PRO PRO A . n 
A 1 98  LEU 98  98  98  LEU LEU A . n 
A 1 99  TYR 99  99  99  TYR TYR A . n 
A 1 100 GLU 100 100 100 GLU GLU A . n 
A 1 101 LYS 101 101 101 LYS LYS A . n 
A 1 102 ALA 102 102 102 ALA ALA A . n 
A 1 103 ILE 103 103 103 ILE ILE A . n 
A 1 104 GLU 104 104 104 GLU GLU A . n 
A 1 105 LEU 105 105 105 LEU LEU A . n 
A 1 106 LYS 106 106 106 LYS LYS A . n 
A 1 107 LYS 107 107 107 LYS LYS A . n 
A 1 108 LYS 108 108 108 LYS LYS A . n 
A 1 109 LEU 109 109 109 LEU LEU A . n 
A 1 110 ASN 110 110 110 ASN ASN A . n 
A 1 111 ALA 111 111 111 ALA ALA A . n 
A 1 112 THR 112 112 112 THR THR A . n 
A 1 113 LEU 113 113 113 LEU LEU A . n 
A 1 114 ILE 114 114 114 ILE ILE A . n 
A 1 115 TRP 115 115 115 TRP TRP A . n 
A 1 116 VAL 116 116 116 VAL VAL A . n 
A 1 117 PRO 117 117 117 PRO PRO A . n 
A 1 118 ARG 118 118 118 ARG ARG A . n 
A 1 119 GLU 119 119 119 GLU GLU A . n 
A 1 120 GLU 120 120 120 GLU GLU A . n 
A 1 121 ASN 121 121 121 ASN ASN A . n 
A 1 122 LYS 122 122 122 LYS LYS A . n 
A 1 123 GLU 123 123 123 GLU GLU A . n 
A 1 124 ALA 124 124 124 ALA ALA A . n 
A 1 125 ASP 125 125 125 ASP ASP A . n 
A 1 126 ARG 126 126 126 ARG ARG A . n 
A 1 127 LEU 127 127 127 LEU LEU A . n 
A 1 128 SER 128 128 128 SER SER A . n 
A 1 129 ARG 129 129 129 ARG ARG A . n 
A 1 130 VAL 130 130 130 VAL VAL A . n 
A 1 131 ALA 131 131 131 ALA ALA A . n 
A 1 132 TYR 132 132 132 TYR TYR A . n 
A 1 133 GLU 133 133 133 GLU GLU A . n 
A 1 134 LEU 134 134 134 LEU LEU A . n 
A 1 135 VAL 135 135 135 VAL VAL A . n 
A 1 136 ARG 136 136 136 ARG ARG A . n 
A 1 137 ARG 137 137 137 ARG ARG A . n 
A 1 138 GLY 138 138 138 GLY GLY A . n 
A 1 139 LYS 139 139 139 LYS LYS A . n 
A 1 140 LEU 140 140 140 LEU LEU A . n 
A 1 141 ARG 141 141 141 ARG ARG A . n 
A 1 142 ASP 142 142 142 ASP ASP A . n 
A 1 143 ILE 143 143 143 ILE ILE A . n 
A 1 144 GLY 144 144 144 GLY GLY A . n 
A 1 145 CYS 145 145 145 CYS CYS A . n 
A 1 146 ILE 146 146 146 ILE ILE A . n 
A 1 147 ILE 147 147 147 ILE ILE A . n 
A 1 148 LEU 148 148 148 LEU LEU A . n 
A 1 149 THR 149 149 149 THR THR A . n 
# 
loop_
_pdbx_nonpoly_scheme.asym_id 
_pdbx_nonpoly_scheme.entity_id 
_pdbx_nonpoly_scheme.mon_id 
_pdbx_nonpoly_scheme.ndb_seq_num 
_pdbx_nonpoly_scheme.pdb_seq_num 
_pdbx_nonpoly_scheme.auth_seq_num 
_pdbx_nonpoly_scheme.pdb_mon_id 
_pdbx_nonpoly_scheme.auth_mon_id 
_pdbx_nonpoly_scheme.pdb_strand_id 
_pdbx_nonpoly_scheme.pdb_ins_code 
B 2 HOH 1   150 1   HOH WAT A . 
B 2 HOH 2   151 2   HOH WAT A . 
B 2 HOH 3   152 3   HOH WAT A . 
B 2 HOH 4   153 4   HOH WAT A . 
B 2 HOH 5   154 5   HOH WAT A . 
B 2 HOH 6   155 6   HOH WAT A . 
B 2 HOH 7   156 7   HOH WAT A . 
B 2 HOH 8   157 8   HOH WAT A . 
B 2 HOH 9   158 9   HOH WAT A . 
B 2 HOH 10  159 10  HOH WAT A . 
B 2 HOH 11  160 11  HOH WAT A . 
B 2 HOH 12  161 12  HOH WAT A . 
B 2 HOH 13  162 13  HOH WAT A . 
B 2 HOH 14  163 14  HOH WAT A . 
B 2 HOH 15  164 15  HOH WAT A . 
B 2 HOH 16  165 16  HOH WAT A . 
B 2 HOH 17  166 17  HOH WAT A . 
B 2 HOH 18  167 18  HOH WAT A . 
B 2 HOH 19  168 19  HOH WAT A . 
B 2 HOH 20  169 20  HOH WAT A . 
B 2 HOH 21  170 21  HOH WAT A . 
B 2 HOH 22  171 22  HOH WAT A . 
B 2 HOH 23  172 23  HOH WAT A . 
B 2 HOH 24  173 24  HOH WAT A . 
B 2 HOH 25  174 25  HOH WAT A . 
B 2 HOH 26  175 26  HOH WAT A . 
B 2 HOH 27  176 27  HOH WAT A . 
B 2 HOH 28  177 28  HOH WAT A . 
B 2 HOH 29  178 29  HOH WAT A . 
B 2 HOH 30  179 30  HOH WAT A . 
B 2 HOH 31  180 31  HOH WAT A . 
B 2 HOH 32  181 32  HOH WAT A . 
B 2 HOH 33  182 33  HOH WAT A . 
B 2 HOH 34  183 34  HOH WAT A . 
B 2 HOH 35  184 35  HOH WAT A . 
B 2 HOH 36  185 36  HOH WAT A . 
B 2 HOH 37  186 37  HOH WAT A . 
B 2 HOH 38  187 38  HOH WAT A . 
B 2 HOH 39  188 39  HOH WAT A . 
B 2 HOH 40  189 40  HOH WAT A . 
B 2 HOH 41  190 41  HOH WAT A . 
B 2 HOH 42  191 42  HOH WAT A . 
B 2 HOH 43  192 43  HOH WAT A . 
B 2 HOH 44  193 44  HOH WAT A . 
B 2 HOH 45  194 45  HOH WAT A . 
B 2 HOH 46  195 46  HOH WAT A . 
B 2 HOH 47  196 47  HOH WAT A . 
B 2 HOH 48  197 48  HOH WAT A . 
B 2 HOH 49  198 49  HOH WAT A . 
B 2 HOH 50  199 50  HOH WAT A . 
B 2 HOH 51  200 51  HOH WAT A . 
B 2 HOH 52  201 52  HOH WAT A . 
B 2 HOH 53  202 53  HOH WAT A . 
B 2 HOH 54  203 54  HOH WAT A . 
B 2 HOH 55  204 55  HOH WAT A . 
B 2 HOH 56  205 56  HOH WAT A . 
B 2 HOH 57  206 57  HOH WAT A . 
B 2 HOH 58  207 58  HOH WAT A . 
B 2 HOH 59  208 59  HOH WAT A . 
B 2 HOH 60  209 60  HOH WAT A . 
B 2 HOH 61  210 61  HOH WAT A . 
B 2 HOH 62  211 62  HOH WAT A . 
B 2 HOH 63  212 63  HOH WAT A . 
B 2 HOH 64  213 64  HOH WAT A . 
B 2 HOH 65  214 65  HOH WAT A . 
B 2 HOH 66  215 66  HOH WAT A . 
B 2 HOH 67  216 67  HOH WAT A . 
B 2 HOH 68  217 68  HOH WAT A . 
B 2 HOH 69  218 69  HOH WAT A . 
B 2 HOH 70  219 70  HOH WAT A . 
B 2 HOH 71  220 71  HOH WAT A . 
B 2 HOH 72  221 72  HOH WAT A . 
B 2 HOH 73  222 73  HOH WAT A . 
B 2 HOH 74  223 74  HOH WAT A . 
B 2 HOH 75  224 75  HOH WAT A . 
B 2 HOH 76  225 76  HOH WAT A . 
B 2 HOH 77  226 77  HOH WAT A . 
B 2 HOH 78  227 78  HOH WAT A . 
B 2 HOH 79  228 79  HOH WAT A . 
B 2 HOH 80  229 80  HOH WAT A . 
B 2 HOH 81  230 81  HOH WAT A . 
B 2 HOH 82  231 82  HOH WAT A . 
B 2 HOH 83  232 83  HOH WAT A . 
B 2 HOH 84  233 84  HOH WAT A . 
B 2 HOH 85  234 85  HOH WAT A . 
B 2 HOH 86  235 86  HOH WAT A . 
B 2 HOH 87  236 87  HOH WAT A . 
B 2 HOH 88  237 88  HOH WAT A . 
B 2 HOH 89  238 89  HOH WAT A . 
B 2 HOH 90  239 90  HOH WAT A . 
B 2 HOH 91  240 91  HOH WAT A . 
B 2 HOH 92  241 92  HOH WAT A . 
B 2 HOH 93  242 93  HOH WAT A . 
B 2 HOH 94  243 94  HOH WAT A . 
B 2 HOH 95  244 95  HOH WAT A . 
B 2 HOH 96  245 96  HOH WAT A . 
B 2 HOH 97  246 97  HOH WAT A . 
B 2 HOH 98  247 98  HOH WAT A . 
B 2 HOH 99  248 99  HOH WAT A . 
B 2 HOH 100 249 100 HOH WAT A . 
B 2 HOH 101 250 101 HOH WAT A . 
B 2 HOH 102 251 102 HOH WAT A . 
B 2 HOH 103 252 103 HOH WAT A . 
B 2 HOH 104 253 104 HOH WAT A . 
B 2 HOH 105 254 105 HOH WAT A . 
B 2 HOH 106 255 106 HOH WAT A . 
B 2 HOH 107 256 107 HOH WAT A . 
B 2 HOH 108 257 108 HOH WAT A . 
B 2 HOH 109 258 109 HOH WAT A . 
B 2 HOH 110 259 110 HOH WAT A . 
B 2 HOH 111 260 111 HOH WAT A . 
B 2 HOH 112 261 112 HOH WAT A . 
B 2 HOH 113 262 113 HOH WAT A . 
B 2 HOH 114 263 114 HOH WAT A . 
B 2 HOH 115 264 115 HOH WAT A . 
B 2 HOH 116 265 116 HOH WAT A . 
B 2 HOH 117 266 117 HOH WAT A . 
B 2 HOH 118 267 118 HOH WAT A . 
B 2 HOH 119 268 119 HOH WAT A . 
B 2 HOH 120 269 120 HOH WAT A . 
B 2 HOH 121 270 121 HOH WAT A . 
B 2 HOH 122 271 122 HOH WAT A . 
B 2 HOH 123 272 123 HOH WAT A . 
B 2 HOH 124 273 124 HOH WAT A . 
B 2 HOH 125 274 125 HOH WAT A . 
B 2 HOH 126 275 126 HOH WAT A . 
B 2 HOH 127 276 127 HOH WAT A . 
B 2 HOH 128 277 128 HOH WAT A . 
B 2 HOH 129 278 129 HOH WAT A . 
B 2 HOH 130 279 130 HOH WAT A . 
B 2 HOH 131 280 131 HOH WAT A . 
B 2 HOH 132 281 132 HOH WAT A . 
B 2 HOH 133 282 133 HOH WAT A . 
B 2 HOH 134 283 134 HOH WAT A . 
B 2 HOH 135 284 135 HOH WAT A . 
B 2 HOH 136 285 136 HOH WAT A . 
B 2 HOH 137 286 137 HOH WAT A . 
B 2 HOH 138 287 138 HOH WAT A . 
B 2 HOH 139 288 139 HOH WAT A . 
# 
loop_
_software.name 
_software.classification 
_software.version 
_software.citation_id 
_software.pdbx_ordinal 
CNS      refinement        1.0 ? 1 
HKL-2000 'data collection' .   ? 2 
HKL-2000 'data reduction'  .   ? 3 
HKL-2000 'data scaling'    .   ? 4 
SOLVE    phasing           .   ? 5 
# 
_cell.entry_id           2EHG 
_cell.length_a           39.206 
_cell.length_b           39.206 
_cell.length_c           91.147 
_cell.angle_alpha        90.00 
_cell.angle_beta         90.00 
_cell.angle_gamma        90.00 
_cell.Z_PDB              4 
_cell.pdbx_unique_axis   ? 
_cell.length_a_esd       ? 
_cell.length_b_esd       ? 
_cell.length_c_esd       ? 
_cell.angle_alpha_esd    ? 
_cell.angle_beta_esd     ? 
_cell.angle_gamma_esd    ? 
# 
_symmetry.entry_id                         2EHG 
_symmetry.space_group_name_H-M             'P 43' 
_symmetry.pdbx_full_space_group_name_H-M   ? 
_symmetry.cell_setting                     ? 
_symmetry.Int_Tables_number                78 
_symmetry.space_group_name_Hall            ? 
# 
_exptl.entry_id          2EHG 
_exptl.method            'X-RAY DIFFRACTION' 
_exptl.crystals_number   2 
# 
_exptl_crystal.id                    1 
_exptl_crystal.density_meas          ? 
_exptl_crystal.density_Matthews      2.08 
_exptl_crystal.density_percent_sol   40.86 
_exptl_crystal.description           ? 
_exptl_crystal.F_000                 ? 
_exptl_crystal.preparation           ? 
# 
_exptl_crystal_grow.crystal_id      1 
_exptl_crystal_grow.method          'VAPOR DIFFUSION, SITTING DROP' 
_exptl_crystal_grow.temp            277 
_exptl_crystal_grow.temp_details    ? 
_exptl_crystal_grow.pH              10.5 
_exptl_crystal_grow.pdbx_details    '0.1M CAPS-NaOH, 30% PEG400, pH 10.5, VAPOR DIFFUSION, SITTING DROP, temperature 277K' 
_exptl_crystal_grow.pdbx_pH_range   . 
# 
loop_
_diffrn.id 
_diffrn.ambient_temp 
_diffrn.ambient_temp_details 
_diffrn.crystal_id 
1   100 ? 1 
2   100 ? 1 
1,2 ?   ? 1 
# 
loop_
_diffrn_detector.diffrn_id 
_diffrn_detector.detector 
_diffrn_detector.type 
_diffrn_detector.pdbx_collection_date 
_diffrn_detector.details 
1 CCD 'ADSC QUANTUM 315' 2005-10-03 ? 
2 CCD 'ADSC QUANTUM 315' 2005-11-28 ? 
# 
loop_
_diffrn_radiation.diffrn_id 
_diffrn_radiation.wavelength_id 
_diffrn_radiation.pdbx_monochromatic_or_laue_m_l 
_diffrn_radiation.monochromator 
_diffrn_radiation.pdbx_diffrn_protocol 
_diffrn_radiation.pdbx_scattering_type 
1 1 M ? 'SINGLE WAVELENGTH' x-ray 
2 2 M ? MAD                 x-ray 
# 
loop_
_diffrn_radiation_wavelength.id 
_diffrn_radiation_wavelength.wavelength 
_diffrn_radiation_wavelength.wt 
1 1.0    1.0 
2 0.9796 1.0 
3 0.9793 1.0 
4 0.973  1.0 
# 
loop_
_diffrn_source.diffrn_id 
_diffrn_source.source 
_diffrn_source.type 
_diffrn_source.pdbx_synchrotron_site 
_diffrn_source.pdbx_synchrotron_beamline 
_diffrn_source.pdbx_wavelength 
_diffrn_source.pdbx_wavelength_list 
1 SYNCHROTRON 'SPRING-8 BEAMLINE BL41XU' SPring-8 BL41XU ? 1.0                     
2 SYNCHROTRON 'SPRING-8 BEAMLINE BL41XU' SPring-8 BL41XU ? '0.9796, 0.9793, 0.973' 
# 
_reflns.entry_id                     2EHG 
_reflns.observed_criterion_sigma_I   ? 
_reflns.observed_criterion_sigma_F   ? 
_reflns.d_resolution_low             26.52 
_reflns.d_resolution_high            1.52 
_reflns.number_obs                   21009 
_reflns.number_all                   ? 
_reflns.percent_possible_obs         99.1 
_reflns.pdbx_Rmerge_I_obs            0.047 
_reflns.pdbx_Rsym_value              ? 
_reflns.pdbx_netI_over_sigmaI        28.1 
_reflns.B_iso_Wilson_estimate        17.7 
_reflns.pdbx_redundancy              ? 
_reflns.R_free_details               ? 
_reflns.limit_h_max                  ? 
_reflns.limit_h_min                  ? 
_reflns.limit_k_max                  ? 
_reflns.limit_k_min                  ? 
_reflns.limit_l_max                  ? 
_reflns.limit_l_min                  ? 
_reflns.observed_criterion_F_max     ? 
_reflns.observed_criterion_F_min     ? 
_reflns.pdbx_chi_squared             ? 
_reflns.pdbx_scaling_rejects         ? 
_reflns.pdbx_ordinal                 1 
_reflns.pdbx_diffrn_id               1,2 
# 
_reflns_shell.d_res_high             1.52 
_reflns_shell.d_res_low              1.57 
_reflns_shell.percent_possible_all   93.9 
_reflns_shell.Rmerge_I_obs           0.199 
_reflns_shell.pdbx_Rsym_value        ? 
_reflns_shell.meanI_over_sigI_obs    3.8 
_reflns_shell.pdbx_redundancy        ? 
_reflns_shell.percent_possible_obs   ? 
_reflns_shell.number_unique_all      ? 
_reflns_shell.number_measured_all    ? 
_reflns_shell.number_measured_obs    ? 
_reflns_shell.number_unique_obs      ? 
_reflns_shell.pdbx_chi_squared       ? 
_reflns_shell.pdbx_ordinal           1 
_reflns_shell.pdbx_diffrn_id         1,2 
# 
_refine.entry_id                                 2EHG 
_refine.ls_number_reflns_obs                     18091 
_refine.ls_number_reflns_all                     ? 
_refine.pdbx_ls_sigma_I                          ? 
_refine.pdbx_ls_sigma_F                          0.0 
_refine.pdbx_data_cutoff_high_absF               933828.92 
_refine.pdbx_data_cutoff_low_absF                0.000000 
_refine.pdbx_data_cutoff_high_rms_absF           ? 
_refine.ls_d_res_low                             26.52 
_refine.ls_d_res_high                            1.60 
_refine.ls_percent_reflns_obs                    99.7 
_refine.ls_R_factor_obs                          0.194 
_refine.ls_R_factor_all                          ? 
_refine.ls_R_factor_R_work                       0.194 
_refine.ls_R_factor_R_free                       0.218 
_refine.ls_R_factor_R_free_error                 0.007 
_refine.ls_R_factor_R_free_error_details         ? 
_refine.ls_percent_reflns_R_free                 4.8 
_refine.ls_number_reflns_R_free                  874 
_refine.ls_number_parameters                     ? 
_refine.ls_number_restraints                     ? 
_refine.occupancy_min                            ? 
_refine.occupancy_max                            ? 
_refine.correlation_coeff_Fo_to_Fc               ? 
_refine.correlation_coeff_Fo_to_Fc_free          ? 
_refine.B_iso_mean                               16.8 
_refine.aniso_B[1][1]                            1.31 
_refine.aniso_B[2][2]                            1.31 
_refine.aniso_B[3][3]                            -2.63 
_refine.aniso_B[1][2]                            0.00 
_refine.aniso_B[1][3]                            0.00 
_refine.aniso_B[2][3]                            0.00 
_refine.solvent_model_details                    'FLAT MODEL' 
_refine.solvent_model_param_ksol                 0.397575 
_refine.solvent_model_param_bsol                 51.7455 
_refine.pdbx_solvent_vdw_probe_radii             ? 
_refine.pdbx_solvent_ion_probe_radii             ? 
_refine.pdbx_solvent_shrinkage_radii             ? 
_refine.pdbx_ls_cross_valid_method               THROUGHOUT 
_refine.details                                  ? 
_refine.pdbx_starting_model                      ? 
_refine.pdbx_method_to_determine_struct          MAD 
_refine.pdbx_isotropic_thermal_model             RESTRAINED 
_refine.pdbx_stereochemistry_target_values       ? 
_refine.pdbx_stereochem_target_val_spec_case     ? 
_refine.pdbx_R_Free_selection_details            RANDOM 
_refine.pdbx_overall_ESU_R                       ? 
_refine.pdbx_overall_ESU_R_Free                  ? 
_refine.overall_SU_ML                            ? 
_refine.overall_SU_B                             ? 
_refine.ls_redundancy_reflns_obs                 ? 
_refine.B_iso_min                                ? 
_refine.B_iso_max                                ? 
_refine.overall_SU_R_Cruickshank_DPI             ? 
_refine.overall_SU_R_free                        ? 
_refine.ls_wR_factor_R_free                      ? 
_refine.ls_wR_factor_R_work                      ? 
_refine.overall_FOM_free_R_set                   ? 
_refine.overall_FOM_work_R_set                   ? 
_refine.pdbx_refine_id                           'X-RAY DIFFRACTION' 
_refine.pdbx_diffrn_id                           1 
_refine.pdbx_TLS_residual_ADP_flag               ? 
_refine.pdbx_overall_phase_error                 ? 
_refine.pdbx_overall_SU_R_free_Cruickshank_DPI   ? 
_refine.pdbx_overall_SU_R_Blow_DPI               ? 
_refine.pdbx_overall_SU_R_free_Blow_DPI          ? 
# 
_refine_analyze.entry_id                        2EHG 
_refine_analyze.Luzzati_coordinate_error_obs    0.17 
_refine_analyze.Luzzati_sigma_a_obs             0.04 
_refine_analyze.Luzzati_d_res_low_obs           5.00 
_refine_analyze.Luzzati_coordinate_error_free   0.20 
_refine_analyze.Luzzati_sigma_a_free            0.08 
_refine_analyze.Luzzati_d_res_low_free          ? 
_refine_analyze.number_disordered_residues      ? 
_refine_analyze.occupancy_sum_hydrogen          ? 
_refine_analyze.occupancy_sum_non_hydrogen      ? 
_refine_analyze.pdbx_Luzzati_d_res_high_obs     ? 
_refine_analyze.pdbx_refine_id                  'X-RAY DIFFRACTION' 
# 
_refine_hist.pdbx_refine_id                   'X-RAY DIFFRACTION' 
_refine_hist.cycle_id                         LAST 
_refine_hist.pdbx_number_atoms_protein        1180 
_refine_hist.pdbx_number_atoms_nucleic_acid   0 
_refine_hist.pdbx_number_atoms_ligand         0 
_refine_hist.number_atoms_solvent             139 
_refine_hist.number_atoms_total               1319 
_refine_hist.d_res_high                       1.60 
_refine_hist.d_res_low                        26.52 
# 
loop_
_refine_ls_restr.type 
_refine_ls_restr.dev_ideal 
_refine_ls_restr.dev_ideal_target 
_refine_ls_restr.weight 
_refine_ls_restr.number 
_refine_ls_restr.pdbx_refine_id 
_refine_ls_restr.pdbx_restraint_function 
c_bond_d           0.005 ?    ? ? 'X-RAY DIFFRACTION' ? 
c_angle_deg        1.0   ?    ? ? 'X-RAY DIFFRACTION' ? 
c_dihedral_angle_d 22.1  ?    ? ? 'X-RAY DIFFRACTION' ? 
c_improper_angle_d 0.74  ?    ? ? 'X-RAY DIFFRACTION' ? 
c_mcbond_it        0.65  1.50 ? ? 'X-RAY DIFFRACTION' ? 
c_mcangle_it       1.07  2.00 ? ? 'X-RAY DIFFRACTION' ? 
c_scbond_it        1.31  2.00 ? ? 'X-RAY DIFFRACTION' ? 
c_scangle_it       2.04  2.50 ? ? 'X-RAY DIFFRACTION' ? 
# 
_refine_ls_shell.pdbx_total_number_of_bins_used   6 
_refine_ls_shell.d_res_high                       1.60 
_refine_ls_shell.d_res_low                        1.70 
_refine_ls_shell.number_reflns_R_work             2846 
_refine_ls_shell.R_factor_R_work                  0.201 
_refine_ls_shell.percent_reflns_obs               99.7 
_refine_ls_shell.R_factor_R_free                  0.222 
_refine_ls_shell.R_factor_R_free_error            0.019 
_refine_ls_shell.percent_reflns_R_free            4.8 
_refine_ls_shell.number_reflns_R_free             142 
_refine_ls_shell.number_reflns_all                ? 
_refine_ls_shell.R_factor_all                     ? 
_refine_ls_shell.number_reflns_obs                ? 
_refine_ls_shell.redundancy_reflns_obs            ? 
_refine_ls_shell.pdbx_refine_id                   'X-RAY DIFFRACTION' 
# 
loop_
_pdbx_xplor_file.serial_no 
_pdbx_xplor_file.param_file 
_pdbx_xplor_file.topol_file 
_pdbx_xplor_file.pdbx_refine_id 
1 protein_rep.param protein.top 'X-RAY DIFFRACTION' 
2 water_rep.param   water.top   'X-RAY DIFFRACTION' 
3 ion.param         ion.top     'X-RAY DIFFRACTION' 
# 
_struct.entry_id                  2EHG 
_struct.title                     'Crystal structure of hyperthermophilic archaeal RNase HI' 
_struct.pdbx_model_details        ? 
_struct.pdbx_CASP_flag            ? 
_struct.pdbx_model_type_details   ? 
# 
_struct_keywords.entry_id        2EHG 
_struct_keywords.pdbx_keywords   HYDROLASE 
_struct_keywords.text            
'RNase HI, hyperthermophilic archaeon, Sulfolobus tokodaii, double-stranded RNA-dependent RNase, HYDROLASE' 
# 
loop_
_struct_asym.id 
_struct_asym.pdbx_blank_PDB_chainid_flag 
_struct_asym.pdbx_modified 
_struct_asym.entity_id 
_struct_asym.details 
A N N 1 ? 
B N N 2 ? 
# 
_struct_ref.id                         1 
_struct_ref.db_name                    UNP 
_struct_ref.db_code                    Q973Z8_SULTO 
_struct_ref.pdbx_db_accession          Q973Z8 
_struct_ref.entity_id                  1 
_struct_ref.pdbx_seq_one_letter_code   
;MIIGYFDGLCEPKNPGGIATFGFVIYLDNRKIEGYGLAEKPFSINSTNNVAEYSGLICLMETMLRLGISSPIIKGDSQLV
IKQMNGEYKVKAKRIIPLYEKAIELKKKLNATLIWVPREENKEADRLSRVAYELVRRGKLRDIGCIILT
;
_struct_ref.pdbx_align_begin           1 
_struct_ref.pdbx_db_isoform            ? 
# 
_struct_ref_seq.align_id                      1 
_struct_ref_seq.ref_id                        1 
_struct_ref_seq.pdbx_PDB_id_code              2EHG 
_struct_ref_seq.pdbx_strand_id                A 
_struct_ref_seq.seq_align_beg                 1 
_struct_ref_seq.pdbx_seq_align_beg_ins_code   ? 
_struct_ref_seq.seq_align_end                 149 
_struct_ref_seq.pdbx_seq_align_end_ins_code   ? 
_struct_ref_seq.pdbx_db_accession             Q973Z8 
_struct_ref_seq.db_align_beg                  1 
_struct_ref_seq.pdbx_db_align_beg_ins_code    ? 
_struct_ref_seq.db_align_end                  149 
_struct_ref_seq.pdbx_db_align_end_ins_code    ? 
_struct_ref_seq.pdbx_auth_seq_align_beg       1 
_struct_ref_seq.pdbx_auth_seq_align_end       149 
# 
_pdbx_struct_assembly.id                   1 
_pdbx_struct_assembly.details              author_defined_assembly 
_pdbx_struct_assembly.method_details       ? 
_pdbx_struct_assembly.oligomeric_details   monomeric 
_pdbx_struct_assembly.oligomeric_count     1 
# 
_pdbx_struct_assembly_gen.assembly_id       1 
_pdbx_struct_assembly_gen.oper_expression   1 
_pdbx_struct_assembly_gen.asym_id_list      A,B 
# 
_pdbx_struct_oper_list.id                   1 
_pdbx_struct_oper_list.type                 'identity operation' 
_pdbx_struct_oper_list.name                 1_555 
_pdbx_struct_oper_list.symmetry_operation   x,y,z 
_pdbx_struct_oper_list.matrix[1][1]         1.0000000000 
_pdbx_struct_oper_list.matrix[1][2]         0.0000000000 
_pdbx_struct_oper_list.matrix[1][3]         0.0000000000 
_pdbx_struct_oper_list.vector[1]            0.0000000000 
_pdbx_struct_oper_list.matrix[2][1]         0.0000000000 
_pdbx_struct_oper_list.matrix[2][2]         1.0000000000 
_pdbx_struct_oper_list.matrix[2][3]         0.0000000000 
_pdbx_struct_oper_list.vector[2]            0.0000000000 
_pdbx_struct_oper_list.matrix[3][1]         0.0000000000 
_pdbx_struct_oper_list.matrix[3][2]         0.0000000000 
_pdbx_struct_oper_list.matrix[3][3]         1.0000000000 
_pdbx_struct_oper_list.vector[3]            0.0000000000 
# 
_struct_biol.id   1 
# 
loop_
_struct_conf.conf_type_id 
_struct_conf.id 
_struct_conf.pdbx_PDB_helix_id 
_struct_conf.beg_label_comp_id 
_struct_conf.beg_label_asym_id 
_struct_conf.beg_label_seq_id 
_struct_conf.pdbx_beg_PDB_ins_code 
_struct_conf.end_label_comp_id 
_struct_conf.end_label_asym_id 
_struct_conf.end_label_seq_id 
_struct_conf.pdbx_end_PDB_ins_code 
_struct_conf.beg_auth_comp_id 
_struct_conf.beg_auth_asym_id 
_struct_conf.beg_auth_seq_id 
_struct_conf.end_auth_comp_id 
_struct_conf.end_auth_asym_id 
_struct_conf.end_auth_seq_id 
_struct_conf.pdbx_PDB_helix_class 
_struct_conf.details 
_struct_conf.pdbx_PDB_helix_length 
HELX_P HELX_P1 1 THR A 47  ? GLY A 67  ? THR A 47  GLY A 67  1 ? 21 
HELX_P HELX_P2 2 SER A 77  ? ASN A 85  ? SER A 77  ASN A 85  1 ? 9  
HELX_P HELX_P3 3 ARG A 94  ? ASN A 110 ? ARG A 94  ASN A 110 1 ? 17 
HELX_P HELX_P4 4 PRO A 117 ? GLU A 120 ? PRO A 117 GLU A 120 5 ? 4  
HELX_P HELX_P5 5 ASN A 121 ? ARG A 137 ? ASN A 121 ARG A 137 1 ? 17 
# 
_struct_conf_type.id          HELX_P 
_struct_conf_type.criteria    ? 
_struct_conf_type.reference   ? 
# 
_struct_conn.id                            disulf1 
_struct_conn.conn_type_id                  disulf 
_struct_conn.pdbx_leaving_atom_flag        ? 
_struct_conn.pdbx_PDB_id                   ? 
_struct_conn.ptnr1_label_asym_id           A 
_struct_conn.ptnr1_label_comp_id           CYS 
_struct_conn.ptnr1_label_seq_id            58 
_struct_conn.ptnr1_label_atom_id           SG 
_struct_conn.pdbx_ptnr1_label_alt_id       ? 
_struct_conn.pdbx_ptnr1_PDB_ins_code       ? 
_struct_conn.pdbx_ptnr1_standard_comp_id   ? 
_struct_conn.ptnr1_symmetry                1_555 
_struct_conn.ptnr2_label_asym_id           A 
_struct_conn.ptnr2_label_comp_id           CYS 
_struct_conn.ptnr2_label_seq_id            145 
_struct_conn.ptnr2_label_atom_id           SG 
_struct_conn.pdbx_ptnr2_label_alt_id       ? 
_struct_conn.pdbx_ptnr2_PDB_ins_code       ? 
_struct_conn.ptnr1_auth_asym_id            A 
_struct_conn.ptnr1_auth_comp_id            CYS 
_struct_conn.ptnr1_auth_seq_id             58 
_struct_conn.ptnr2_auth_asym_id            A 
_struct_conn.ptnr2_auth_comp_id            CYS 
_struct_conn.ptnr2_auth_seq_id             145 
_struct_conn.ptnr2_symmetry                1_555 
_struct_conn.pdbx_ptnr3_label_atom_id      ? 
_struct_conn.pdbx_ptnr3_label_seq_id       ? 
_struct_conn.pdbx_ptnr3_label_comp_id      ? 
_struct_conn.pdbx_ptnr3_label_asym_id      ? 
_struct_conn.pdbx_ptnr3_label_alt_id       ? 
_struct_conn.pdbx_ptnr3_PDB_ins_code       ? 
_struct_conn.details                       ? 
_struct_conn.pdbx_dist_value               2.034 
_struct_conn.pdbx_value_order              ? 
_struct_conn.pdbx_role                     ? 
# 
_struct_conn_type.id          disulf 
_struct_conn_type.criteria    ? 
_struct_conn_type.reference   ? 
# 
_pdbx_modification_feature.ordinal                            1 
_pdbx_modification_feature.label_comp_id                      CYS 
_pdbx_modification_feature.label_asym_id                      A 
_pdbx_modification_feature.label_seq_id                       58 
_pdbx_modification_feature.label_alt_id                       ? 
_pdbx_modification_feature.modified_residue_label_comp_id     CYS 
_pdbx_modification_feature.modified_residue_label_asym_id     A 
_pdbx_modification_feature.modified_residue_label_seq_id      145 
_pdbx_modification_feature.modified_residue_label_alt_id      ? 
_pdbx_modification_feature.auth_comp_id                       CYS 
_pdbx_modification_feature.auth_asym_id                       A 
_pdbx_modification_feature.auth_seq_id                        58 
_pdbx_modification_feature.PDB_ins_code                       ? 
_pdbx_modification_feature.symmetry                           1_555 
_pdbx_modification_feature.modified_residue_auth_comp_id      CYS 
_pdbx_modification_feature.modified_residue_auth_asym_id      A 
_pdbx_modification_feature.modified_residue_auth_seq_id       145 
_pdbx_modification_feature.modified_residue_PDB_ins_code      ? 
_pdbx_modification_feature.modified_residue_symmetry          1_555 
_pdbx_modification_feature.comp_id_linking_atom               SG 
_pdbx_modification_feature.modified_residue_id_linking_atom   SG 
_pdbx_modification_feature.modified_residue_id                . 
_pdbx_modification_feature.ref_pcm_id                         . 
_pdbx_modification_feature.ref_comp_id                        . 
_pdbx_modification_feature.type                               None 
_pdbx_modification_feature.category                           'Disulfide bridge' 
# 
loop_
_struct_mon_prot_cis.pdbx_id 
_struct_mon_prot_cis.label_comp_id 
_struct_mon_prot_cis.label_seq_id 
_struct_mon_prot_cis.label_asym_id 
_struct_mon_prot_cis.label_alt_id 
_struct_mon_prot_cis.pdbx_PDB_ins_code 
_struct_mon_prot_cis.auth_comp_id 
_struct_mon_prot_cis.auth_seq_id 
_struct_mon_prot_cis.auth_asym_id 
_struct_mon_prot_cis.pdbx_label_comp_id_2 
_struct_mon_prot_cis.pdbx_label_seq_id_2 
_struct_mon_prot_cis.pdbx_label_asym_id_2 
_struct_mon_prot_cis.pdbx_PDB_ins_code_2 
_struct_mon_prot_cis.pdbx_auth_comp_id_2 
_struct_mon_prot_cis.pdbx_auth_seq_id_2 
_struct_mon_prot_cis.pdbx_auth_asym_id_2 
_struct_mon_prot_cis.pdbx_PDB_model_num 
_struct_mon_prot_cis.pdbx_omega_angle 
1 GLU 11 A . ? GLU 11 A PRO 12 A ? PRO 12 A 1 0.09 
2 ASN 14 A . ? ASN 14 A PRO 15 A ? PRO 15 A 1 1.67 
# 
_struct_sheet.id               A 
_struct_sheet.type             ? 
_struct_sheet.number_strands   6 
_struct_sheet.details          ? 
# 
loop_
_struct_sheet_order.sheet_id 
_struct_sheet_order.range_id_1 
_struct_sheet_order.range_id_2 
_struct_sheet_order.offset 
_struct_sheet_order.sense 
A 1 2 ? parallel      
A 2 3 ? parallel      
A 3 4 ? anti-parallel 
A 4 5 ? anti-parallel 
A 5 6 ? anti-parallel 
# 
loop_
_struct_sheet_range.sheet_id 
_struct_sheet_range.id 
_struct_sheet_range.beg_label_comp_id 
_struct_sheet_range.beg_label_asym_id 
_struct_sheet_range.beg_label_seq_id 
_struct_sheet_range.pdbx_beg_PDB_ins_code 
_struct_sheet_range.end_label_comp_id 
_struct_sheet_range.end_label_asym_id 
_struct_sheet_range.end_label_seq_id 
_struct_sheet_range.pdbx_end_PDB_ins_code 
_struct_sheet_range.beg_auth_comp_id 
_struct_sheet_range.beg_auth_asym_id 
_struct_sheet_range.beg_auth_seq_id 
_struct_sheet_range.end_auth_comp_id 
_struct_sheet_range.end_auth_asym_id 
_struct_sheet_range.end_auth_seq_id 
A 1 THR A 112 ? TRP A 115 ? THR A 112 TRP A 115 
A 2 ILE A 72  ? GLY A 75  ? ILE A 72  GLY A 75  
A 3 ILE A 3   ? GLU A 11  ? ILE A 3   GLU A 11  
A 4 ILE A 18  ? TYR A 26  ? ILE A 18  TYR A 26  
A 5 LYS A 31  ? LEU A 37  ? LYS A 31  LEU A 37  
A 6 CYS A 145 ? ILE A 147 ? CYS A 145 ILE A 147 
# 
loop_
_pdbx_struct_sheet_hbond.sheet_id 
_pdbx_struct_sheet_hbond.range_id_1 
_pdbx_struct_sheet_hbond.range_id_2 
_pdbx_struct_sheet_hbond.range_1_label_atom_id 
_pdbx_struct_sheet_hbond.range_1_label_comp_id 
_pdbx_struct_sheet_hbond.range_1_label_asym_id 
_pdbx_struct_sheet_hbond.range_1_label_seq_id 
_pdbx_struct_sheet_hbond.range_1_PDB_ins_code 
_pdbx_struct_sheet_hbond.range_1_auth_atom_id 
_pdbx_struct_sheet_hbond.range_1_auth_comp_id 
_pdbx_struct_sheet_hbond.range_1_auth_asym_id 
_pdbx_struct_sheet_hbond.range_1_auth_seq_id 
_pdbx_struct_sheet_hbond.range_2_label_atom_id 
_pdbx_struct_sheet_hbond.range_2_label_comp_id 
_pdbx_struct_sheet_hbond.range_2_label_asym_id 
_pdbx_struct_sheet_hbond.range_2_label_seq_id 
_pdbx_struct_sheet_hbond.range_2_PDB_ins_code 
_pdbx_struct_sheet_hbond.range_2_auth_atom_id 
_pdbx_struct_sheet_hbond.range_2_auth_comp_id 
_pdbx_struct_sheet_hbond.range_2_auth_asym_id 
_pdbx_struct_sheet_hbond.range_2_auth_seq_id 
A 1 2 O THR A 112 ? O THR A 112 N ILE A 73  ? N ILE A 73  
A 2 3 O LYS A 74  ? O LYS A 74  N GLY A 4   ? N GLY A 4   
A 3 4 N GLU A 11  ? N GLU A 11  O ILE A 18  ? O ILE A 18  
A 4 5 N ILE A 25  ? N ILE A 25  O ILE A 32  ? O ILE A 32  
A 5 6 N TYR A 35  ? N TYR A 35  O ILE A 146 ? O ILE A 146 
# 
_pdbx_entry_details.entry_id                   2EHG 
_pdbx_entry_details.compound_details           ? 
_pdbx_entry_details.source_details             ? 
_pdbx_entry_details.nonpolymer_details         ? 
_pdbx_entry_details.sequence_details           ? 
_pdbx_entry_details.has_ligand_of_interest     ? 
_pdbx_entry_details.has_protein_modification   Y 
# 
_pdbx_validate_torsion.id              1 
_pdbx_validate_torsion.PDB_model_num   1 
_pdbx_validate_torsion.auth_comp_id    ARG 
_pdbx_validate_torsion.auth_asym_id    A 
_pdbx_validate_torsion.auth_seq_id     141 
_pdbx_validate_torsion.PDB_ins_code    ? 
_pdbx_validate_torsion.label_alt_id    ? 
_pdbx_validate_torsion.phi             -143.57 
_pdbx_validate_torsion.psi             12.55 
# 
loop_
_chem_comp_atom.comp_id 
_chem_comp_atom.atom_id 
_chem_comp_atom.type_symbol 
_chem_comp_atom.pdbx_aromatic_flag 
_chem_comp_atom.pdbx_stereo_config 
_chem_comp_atom.pdbx_ordinal 
ALA N    N N N 1   
ALA CA   C N S 2   
ALA C    C N N 3   
ALA O    O N N 4   
ALA CB   C N N 5   
ALA OXT  O N N 6   
ALA H    H N N 7   
ALA H2   H N N 8   
ALA HA   H N N 9   
ALA HB1  H N N 10  
ALA HB2  H N N 11  
ALA HB3  H N N 12  
ALA HXT  H N N 13  
ARG N    N N N 14  
ARG CA   C N S 15  
ARG C    C N N 16  
ARG O    O N N 17  
ARG CB   C N N 18  
ARG CG   C N N 19  
ARG CD   C N N 20  
ARG NE   N N N 21  
ARG CZ   C N N 22  
ARG NH1  N N N 23  
ARG NH2  N N N 24  
ARG OXT  O N N 25  
ARG H    H N N 26  
ARG H2   H N N 27  
ARG HA   H N N 28  
ARG HB2  H N N 29  
ARG HB3  H N N 30  
ARG HG2  H N N 31  
ARG HG3  H N N 32  
ARG HD2  H N N 33  
ARG HD3  H N N 34  
ARG HE   H N N 35  
ARG HH11 H N N 36  
ARG HH12 H N N 37  
ARG HH21 H N N 38  
ARG HH22 H N N 39  
ARG HXT  H N N 40  
ASN N    N N N 41  
ASN CA   C N S 42  
ASN C    C N N 43  
ASN O    O N N 44  
ASN CB   C N N 45  
ASN CG   C N N 46  
ASN OD1  O N N 47  
ASN ND2  N N N 48  
ASN OXT  O N N 49  
ASN H    H N N 50  
ASN H2   H N N 51  
ASN HA   H N N 52  
ASN HB2  H N N 53  
ASN HB3  H N N 54  
ASN HD21 H N N 55  
ASN HD22 H N N 56  
ASN HXT  H N N 57  
ASP N    N N N 58  
ASP CA   C N S 59  
ASP C    C N N 60  
ASP O    O N N 61  
ASP CB   C N N 62  
ASP CG   C N N 63  
ASP OD1  O N N 64  
ASP OD2  O N N 65  
ASP OXT  O N N 66  
ASP H    H N N 67  
ASP H2   H N N 68  
ASP HA   H N N 69  
ASP HB2  H N N 70  
ASP HB3  H N N 71  
ASP HD2  H N N 72  
ASP HXT  H N N 73  
CYS N    N N N 74  
CYS CA   C N R 75  
CYS C    C N N 76  
CYS O    O N N 77  
CYS CB   C N N 78  
CYS SG   S N N 79  
CYS OXT  O N N 80  
CYS H    H N N 81  
CYS H2   H N N 82  
CYS HA   H N N 83  
CYS HB2  H N N 84  
CYS HB3  H N N 85  
CYS HG   H N N 86  
CYS HXT  H N N 87  
GLN N    N N N 88  
GLN CA   C N S 89  
GLN C    C N N 90  
GLN O    O N N 91  
GLN CB   C N N 92  
GLN CG   C N N 93  
GLN CD   C N N 94  
GLN OE1  O N N 95  
GLN NE2  N N N 96  
GLN OXT  O N N 97  
GLN H    H N N 98  
GLN H2   H N N 99  
GLN HA   H N N 100 
GLN HB2  H N N 101 
GLN HB3  H N N 102 
GLN HG2  H N N 103 
GLN HG3  H N N 104 
GLN HE21 H N N 105 
GLN HE22 H N N 106 
GLN HXT  H N N 107 
GLU N    N N N 108 
GLU CA   C N S 109 
GLU C    C N N 110 
GLU O    O N N 111 
GLU CB   C N N 112 
GLU CG   C N N 113 
GLU CD   C N N 114 
GLU OE1  O N N 115 
GLU OE2  O N N 116 
GLU OXT  O N N 117 
GLU H    H N N 118 
GLU H2   H N N 119 
GLU HA   H N N 120 
GLU HB2  H N N 121 
GLU HB3  H N N 122 
GLU HG2  H N N 123 
GLU HG3  H N N 124 
GLU HE2  H N N 125 
GLU HXT  H N N 126 
GLY N    N N N 127 
GLY CA   C N N 128 
GLY C    C N N 129 
GLY O    O N N 130 
GLY OXT  O N N 131 
GLY H    H N N 132 
GLY H2   H N N 133 
GLY HA2  H N N 134 
GLY HA3  H N N 135 
GLY HXT  H N N 136 
HOH O    O N N 137 
HOH H1   H N N 138 
HOH H2   H N N 139 
ILE N    N N N 140 
ILE CA   C N S 141 
ILE C    C N N 142 
ILE O    O N N 143 
ILE CB   C N S 144 
ILE CG1  C N N 145 
ILE CG2  C N N 146 
ILE CD1  C N N 147 
ILE OXT  O N N 148 
ILE H    H N N 149 
ILE H2   H N N 150 
ILE HA   H N N 151 
ILE HB   H N N 152 
ILE HG12 H N N 153 
ILE HG13 H N N 154 
ILE HG21 H N N 155 
ILE HG22 H N N 156 
ILE HG23 H N N 157 
ILE HD11 H N N 158 
ILE HD12 H N N 159 
ILE HD13 H N N 160 
ILE HXT  H N N 161 
LEU N    N N N 162 
LEU CA   C N S 163 
LEU C    C N N 164 
LEU O    O N N 165 
LEU CB   C N N 166 
LEU CG   C N N 167 
LEU CD1  C N N 168 
LEU CD2  C N N 169 
LEU OXT  O N N 170 
LEU H    H N N 171 
LEU H2   H N N 172 
LEU HA   H N N 173 
LEU HB2  H N N 174 
LEU HB3  H N N 175 
LEU HG   H N N 176 
LEU HD11 H N N 177 
LEU HD12 H N N 178 
LEU HD13 H N N 179 
LEU HD21 H N N 180 
LEU HD22 H N N 181 
LEU HD23 H N N 182 
LEU HXT  H N N 183 
LYS N    N N N 184 
LYS CA   C N S 185 
LYS C    C N N 186 
LYS O    O N N 187 
LYS CB   C N N 188 
LYS CG   C N N 189 
LYS CD   C N N 190 
LYS CE   C N N 191 
LYS NZ   N N N 192 
LYS OXT  O N N 193 
LYS H    H N N 194 
LYS H2   H N N 195 
LYS HA   H N N 196 
LYS HB2  H N N 197 
LYS HB3  H N N 198 
LYS HG2  H N N 199 
LYS HG3  H N N 200 
LYS HD2  H N N 201 
LYS HD3  H N N 202 
LYS HE2  H N N 203 
LYS HE3  H N N 204 
LYS HZ1  H N N 205 
LYS HZ2  H N N 206 
LYS HZ3  H N N 207 
LYS HXT  H N N 208 
MET N    N N N 209 
MET CA   C N S 210 
MET C    C N N 211 
MET O    O N N 212 
MET CB   C N N 213 
MET CG   C N N 214 
MET SD   S N N 215 
MET CE   C N N 216 
MET OXT  O N N 217 
MET H    H N N 218 
MET H2   H N N 219 
MET HA   H N N 220 
MET HB2  H N N 221 
MET HB3  H N N 222 
MET HG2  H N N 223 
MET HG3  H N N 224 
MET HE1  H N N 225 
MET HE2  H N N 226 
MET HE3  H N N 227 
MET HXT  H N N 228 
PHE N    N N N 229 
PHE CA   C N S 230 
PHE C    C N N 231 
PHE O    O N N 232 
PHE CB   C N N 233 
PHE CG   C Y N 234 
PHE CD1  C Y N 235 
PHE CD2  C Y N 236 
PHE CE1  C Y N 237 
PHE CE2  C Y N 238 
PHE CZ   C Y N 239 
PHE OXT  O N N 240 
PHE H    H N N 241 
PHE H2   H N N 242 
PHE HA   H N N 243 
PHE HB2  H N N 244 
PHE HB3  H N N 245 
PHE HD1  H N N 246 
PHE HD2  H N N 247 
PHE HE1  H N N 248 
PHE HE2  H N N 249 
PHE HZ   H N N 250 
PHE HXT  H N N 251 
PRO N    N N N 252 
PRO CA   C N S 253 
PRO C    C N N 254 
PRO O    O N N 255 
PRO CB   C N N 256 
PRO CG   C N N 257 
PRO CD   C N N 258 
PRO OXT  O N N 259 
PRO H    H N N 260 
PRO HA   H N N 261 
PRO HB2  H N N 262 
PRO HB3  H N N 263 
PRO HG2  H N N 264 
PRO HG3  H N N 265 
PRO HD2  H N N 266 
PRO HD3  H N N 267 
PRO HXT  H N N 268 
SER N    N N N 269 
SER CA   C N S 270 
SER C    C N N 271 
SER O    O N N 272 
SER CB   C N N 273 
SER OG   O N N 274 
SER OXT  O N N 275 
SER H    H N N 276 
SER H2   H N N 277 
SER HA   H N N 278 
SER HB2  H N N 279 
SER HB3  H N N 280 
SER HG   H N N 281 
SER HXT  H N N 282 
THR N    N N N 283 
THR CA   C N S 284 
THR C    C N N 285 
THR O    O N N 286 
THR CB   C N R 287 
THR OG1  O N N 288 
THR CG2  C N N 289 
THR OXT  O N N 290 
THR H    H N N 291 
THR H2   H N N 292 
THR HA   H N N 293 
THR HB   H N N 294 
THR HG1  H N N 295 
THR HG21 H N N 296 
THR HG22 H N N 297 
THR HG23 H N N 298 
THR HXT  H N N 299 
TRP N    N N N 300 
TRP CA   C N S 301 
TRP C    C N N 302 
TRP O    O N N 303 
TRP CB   C N N 304 
TRP CG   C Y N 305 
TRP CD1  C Y N 306 
TRP CD2  C Y N 307 
TRP NE1  N Y N 308 
TRP CE2  C Y N 309 
TRP CE3  C Y N 310 
TRP CZ2  C Y N 311 
TRP CZ3  C Y N 312 
TRP CH2  C Y N 313 
TRP OXT  O N N 314 
TRP H    H N N 315 
TRP H2   H N N 316 
TRP HA   H N N 317 
TRP HB2  H N N 318 
TRP HB3  H N N 319 
TRP HD1  H N N 320 
TRP HE1  H N N 321 
TRP HE3  H N N 322 
TRP HZ2  H N N 323 
TRP HZ3  H N N 324 
TRP HH2  H N N 325 
TRP HXT  H N N 326 
TYR N    N N N 327 
TYR CA   C N S 328 
TYR C    C N N 329 
TYR O    O N N 330 
TYR CB   C N N 331 
TYR CG   C Y N 332 
TYR CD1  C Y N 333 
TYR CD2  C Y N 334 
TYR CE1  C Y N 335 
TYR CE2  C Y N 336 
TYR CZ   C Y N 337 
TYR OH   O N N 338 
TYR OXT  O N N 339 
TYR H    H N N 340 
TYR H2   H N N 341 
TYR HA   H N N 342 
TYR HB2  H N N 343 
TYR HB3  H N N 344 
TYR HD1  H N N 345 
TYR HD2  H N N 346 
TYR HE1  H N N 347 
TYR HE2  H N N 348 
TYR HH   H N N 349 
TYR HXT  H N N 350 
VAL N    N N N 351 
VAL CA   C N S 352 
VAL C    C N N 353 
VAL O    O N N 354 
VAL CB   C N N 355 
VAL CG1  C N N 356 
VAL CG2  C N N 357 
VAL OXT  O N N 358 
VAL H    H N N 359 
VAL H2   H N N 360 
VAL HA   H N N 361 
VAL HB   H N N 362 
VAL HG11 H N N 363 
VAL HG12 H N N 364 
VAL HG13 H N N 365 
VAL HG21 H N N 366 
VAL HG22 H N N 367 
VAL HG23 H N N 368 
VAL HXT  H N N 369 
# 
loop_
_chem_comp_bond.comp_id 
_chem_comp_bond.atom_id_1 
_chem_comp_bond.atom_id_2 
_chem_comp_bond.value_order 
_chem_comp_bond.pdbx_aromatic_flag 
_chem_comp_bond.pdbx_stereo_config 
_chem_comp_bond.pdbx_ordinal 
ALA N   CA   sing N N 1   
ALA N   H    sing N N 2   
ALA N   H2   sing N N 3   
ALA CA  C    sing N N 4   
ALA CA  CB   sing N N 5   
ALA CA  HA   sing N N 6   
ALA C   O    doub N N 7   
ALA C   OXT  sing N N 8   
ALA CB  HB1  sing N N 9   
ALA CB  HB2  sing N N 10  
ALA CB  HB3  sing N N 11  
ALA OXT HXT  sing N N 12  
ARG N   CA   sing N N 13  
ARG N   H    sing N N 14  
ARG N   H2   sing N N 15  
ARG CA  C    sing N N 16  
ARG CA  CB   sing N N 17  
ARG CA  HA   sing N N 18  
ARG C   O    doub N N 19  
ARG C   OXT  sing N N 20  
ARG CB  CG   sing N N 21  
ARG CB  HB2  sing N N 22  
ARG CB  HB3  sing N N 23  
ARG CG  CD   sing N N 24  
ARG CG  HG2  sing N N 25  
ARG CG  HG3  sing N N 26  
ARG CD  NE   sing N N 27  
ARG CD  HD2  sing N N 28  
ARG CD  HD3  sing N N 29  
ARG NE  CZ   sing N N 30  
ARG NE  HE   sing N N 31  
ARG CZ  NH1  sing N N 32  
ARG CZ  NH2  doub N N 33  
ARG NH1 HH11 sing N N 34  
ARG NH1 HH12 sing N N 35  
ARG NH2 HH21 sing N N 36  
ARG NH2 HH22 sing N N 37  
ARG OXT HXT  sing N N 38  
ASN N   CA   sing N N 39  
ASN N   H    sing N N 40  
ASN N   H2   sing N N 41  
ASN CA  C    sing N N 42  
ASN CA  CB   sing N N 43  
ASN CA  HA   sing N N 44  
ASN C   O    doub N N 45  
ASN C   OXT  sing N N 46  
ASN CB  CG   sing N N 47  
ASN CB  HB2  sing N N 48  
ASN CB  HB3  sing N N 49  
ASN CG  OD1  doub N N 50  
ASN CG  ND2  sing N N 51  
ASN ND2 HD21 sing N N 52  
ASN ND2 HD22 sing N N 53  
ASN OXT HXT  sing N N 54  
ASP N   CA   sing N N 55  
ASP N   H    sing N N 56  
ASP N   H2   sing N N 57  
ASP CA  C    sing N N 58  
ASP CA  CB   sing N N 59  
ASP CA  HA   sing N N 60  
ASP C   O    doub N N 61  
ASP C   OXT  sing N N 62  
ASP CB  CG   sing N N 63  
ASP CB  HB2  sing N N 64  
ASP CB  HB3  sing N N 65  
ASP CG  OD1  doub N N 66  
ASP CG  OD2  sing N N 67  
ASP OD2 HD2  sing N N 68  
ASP OXT HXT  sing N N 69  
CYS N   CA   sing N N 70  
CYS N   H    sing N N 71  
CYS N   H2   sing N N 72  
CYS CA  C    sing N N 73  
CYS CA  CB   sing N N 74  
CYS CA  HA   sing N N 75  
CYS C   O    doub N N 76  
CYS C   OXT  sing N N 77  
CYS CB  SG   sing N N 78  
CYS CB  HB2  sing N N 79  
CYS CB  HB3  sing N N 80  
CYS SG  HG   sing N N 81  
CYS OXT HXT  sing N N 82  
GLN N   CA   sing N N 83  
GLN N   H    sing N N 84  
GLN N   H2   sing N N 85  
GLN CA  C    sing N N 86  
GLN CA  CB   sing N N 87  
GLN CA  HA   sing N N 88  
GLN C   O    doub N N 89  
GLN C   OXT  sing N N 90  
GLN CB  CG   sing N N 91  
GLN CB  HB2  sing N N 92  
GLN CB  HB3  sing N N 93  
GLN CG  CD   sing N N 94  
GLN CG  HG2  sing N N 95  
GLN CG  HG3  sing N N 96  
GLN CD  OE1  doub N N 97  
GLN CD  NE2  sing N N 98  
GLN NE2 HE21 sing N N 99  
GLN NE2 HE22 sing N N 100 
GLN OXT HXT  sing N N 101 
GLU N   CA   sing N N 102 
GLU N   H    sing N N 103 
GLU N   H2   sing N N 104 
GLU CA  C    sing N N 105 
GLU CA  CB   sing N N 106 
GLU CA  HA   sing N N 107 
GLU C   O    doub N N 108 
GLU C   OXT  sing N N 109 
GLU CB  CG   sing N N 110 
GLU CB  HB2  sing N N 111 
GLU CB  HB3  sing N N 112 
GLU CG  CD   sing N N 113 
GLU CG  HG2  sing N N 114 
GLU CG  HG3  sing N N 115 
GLU CD  OE1  doub N N 116 
GLU CD  OE2  sing N N 117 
GLU OE2 HE2  sing N N 118 
GLU OXT HXT  sing N N 119 
GLY N   CA   sing N N 120 
GLY N   H    sing N N 121 
GLY N   H2   sing N N 122 
GLY CA  C    sing N N 123 
GLY CA  HA2  sing N N 124 
GLY CA  HA3  sing N N 125 
GLY C   O    doub N N 126 
GLY C   OXT  sing N N 127 
GLY OXT HXT  sing N N 128 
HOH O   H1   sing N N 129 
HOH O   H2   sing N N 130 
ILE N   CA   sing N N 131 
ILE N   H    sing N N 132 
ILE N   H2   sing N N 133 
ILE CA  C    sing N N 134 
ILE CA  CB   sing N N 135 
ILE CA  HA   sing N N 136 
ILE C   O    doub N N 137 
ILE C   OXT  sing N N 138 
ILE CB  CG1  sing N N 139 
ILE CB  CG2  sing N N 140 
ILE CB  HB   sing N N 141 
ILE CG1 CD1  sing N N 142 
ILE CG1 HG12 sing N N 143 
ILE CG1 HG13 sing N N 144 
ILE CG2 HG21 sing N N 145 
ILE CG2 HG22 sing N N 146 
ILE CG2 HG23 sing N N 147 
ILE CD1 HD11 sing N N 148 
ILE CD1 HD12 sing N N 149 
ILE CD1 HD13 sing N N 150 
ILE OXT HXT  sing N N 151 
LEU N   CA   sing N N 152 
LEU N   H    sing N N 153 
LEU N   H2   sing N N 154 
LEU CA  C    sing N N 155 
LEU CA  CB   sing N N 156 
LEU CA  HA   sing N N 157 
LEU C   O    doub N N 158 
LEU C   OXT  sing N N 159 
LEU CB  CG   sing N N 160 
LEU CB  HB2  sing N N 161 
LEU CB  HB3  sing N N 162 
LEU CG  CD1  sing N N 163 
LEU CG  CD2  sing N N 164 
LEU CG  HG   sing N N 165 
LEU CD1 HD11 sing N N 166 
LEU CD1 HD12 sing N N 167 
LEU CD1 HD13 sing N N 168 
LEU CD2 HD21 sing N N 169 
LEU CD2 HD22 sing N N 170 
LEU CD2 HD23 sing N N 171 
LEU OXT HXT  sing N N 172 
LYS N   CA   sing N N 173 
LYS N   H    sing N N 174 
LYS N   H2   sing N N 175 
LYS CA  C    sing N N 176 
LYS CA  CB   sing N N 177 
LYS CA  HA   sing N N 178 
LYS C   O    doub N N 179 
LYS C   OXT  sing N N 180 
LYS CB  CG   sing N N 181 
LYS CB  HB2  sing N N 182 
LYS CB  HB3  sing N N 183 
LYS CG  CD   sing N N 184 
LYS CG  HG2  sing N N 185 
LYS CG  HG3  sing N N 186 
LYS CD  CE   sing N N 187 
LYS CD  HD2  sing N N 188 
LYS CD  HD3  sing N N 189 
LYS CE  NZ   sing N N 190 
LYS CE  HE2  sing N N 191 
LYS CE  HE3  sing N N 192 
LYS NZ  HZ1  sing N N 193 
LYS NZ  HZ2  sing N N 194 
LYS NZ  HZ3  sing N N 195 
LYS OXT HXT  sing N N 196 
MET N   CA   sing N N 197 
MET N   H    sing N N 198 
MET N   H2   sing N N 199 
MET CA  C    sing N N 200 
MET CA  CB   sing N N 201 
MET CA  HA   sing N N 202 
MET C   O    doub N N 203 
MET C   OXT  sing N N 204 
MET CB  CG   sing N N 205 
MET CB  HB2  sing N N 206 
MET CB  HB3  sing N N 207 
MET CG  SD   sing N N 208 
MET CG  HG2  sing N N 209 
MET CG  HG3  sing N N 210 
MET SD  CE   sing N N 211 
MET CE  HE1  sing N N 212 
MET CE  HE2  sing N N 213 
MET CE  HE3  sing N N 214 
MET OXT HXT  sing N N 215 
PHE N   CA   sing N N 216 
PHE N   H    sing N N 217 
PHE N   H2   sing N N 218 
PHE CA  C    sing N N 219 
PHE CA  CB   sing N N 220 
PHE CA  HA   sing N N 221 
PHE C   O    doub N N 222 
PHE C   OXT  sing N N 223 
PHE CB  CG   sing N N 224 
PHE CB  HB2  sing N N 225 
PHE CB  HB3  sing N N 226 
PHE CG  CD1  doub Y N 227 
PHE CG  CD2  sing Y N 228 
PHE CD1 CE1  sing Y N 229 
PHE CD1 HD1  sing N N 230 
PHE CD2 CE2  doub Y N 231 
PHE CD2 HD2  sing N N 232 
PHE CE1 CZ   doub Y N 233 
PHE CE1 HE1  sing N N 234 
PHE CE2 CZ   sing Y N 235 
PHE CE2 HE2  sing N N 236 
PHE CZ  HZ   sing N N 237 
PHE OXT HXT  sing N N 238 
PRO N   CA   sing N N 239 
PRO N   CD   sing N N 240 
PRO N   H    sing N N 241 
PRO CA  C    sing N N 242 
PRO CA  CB   sing N N 243 
PRO CA  HA   sing N N 244 
PRO C   O    doub N N 245 
PRO C   OXT  sing N N 246 
PRO CB  CG   sing N N 247 
PRO CB  HB2  sing N N 248 
PRO CB  HB3  sing N N 249 
PRO CG  CD   sing N N 250 
PRO CG  HG2  sing N N 251 
PRO CG  HG3  sing N N 252 
PRO CD  HD2  sing N N 253 
PRO CD  HD3  sing N N 254 
PRO OXT HXT  sing N N 255 
SER N   CA   sing N N 256 
SER N   H    sing N N 257 
SER N   H2   sing N N 258 
SER CA  C    sing N N 259 
SER CA  CB   sing N N 260 
SER CA  HA   sing N N 261 
SER C   O    doub N N 262 
SER C   OXT  sing N N 263 
SER CB  OG   sing N N 264 
SER CB  HB2  sing N N 265 
SER CB  HB3  sing N N 266 
SER OG  HG   sing N N 267 
SER OXT HXT  sing N N 268 
THR N   CA   sing N N 269 
THR N   H    sing N N 270 
THR N   H2   sing N N 271 
THR CA  C    sing N N 272 
THR CA  CB   sing N N 273 
THR CA  HA   sing N N 274 
THR C   O    doub N N 275 
THR C   OXT  sing N N 276 
THR CB  OG1  sing N N 277 
THR CB  CG2  sing N N 278 
THR CB  HB   sing N N 279 
THR OG1 HG1  sing N N 280 
THR CG2 HG21 sing N N 281 
THR CG2 HG22 sing N N 282 
THR CG2 HG23 sing N N 283 
THR OXT HXT  sing N N 284 
TRP N   CA   sing N N 285 
TRP N   H    sing N N 286 
TRP N   H2   sing N N 287 
TRP CA  C    sing N N 288 
TRP CA  CB   sing N N 289 
TRP CA  HA   sing N N 290 
TRP C   O    doub N N 291 
TRP C   OXT  sing N N 292 
TRP CB  CG   sing N N 293 
TRP CB  HB2  sing N N 294 
TRP CB  HB3  sing N N 295 
TRP CG  CD1  doub Y N 296 
TRP CG  CD2  sing Y N 297 
TRP CD1 NE1  sing Y N 298 
TRP CD1 HD1  sing N N 299 
TRP CD2 CE2  doub Y N 300 
TRP CD2 CE3  sing Y N 301 
TRP NE1 CE2  sing Y N 302 
TRP NE1 HE1  sing N N 303 
TRP CE2 CZ2  sing Y N 304 
TRP CE3 CZ3  doub Y N 305 
TRP CE3 HE3  sing N N 306 
TRP CZ2 CH2  doub Y N 307 
TRP CZ2 HZ2  sing N N 308 
TRP CZ3 CH2  sing Y N 309 
TRP CZ3 HZ3  sing N N 310 
TRP CH2 HH2  sing N N 311 
TRP OXT HXT  sing N N 312 
TYR N   CA   sing N N 313 
TYR N   H    sing N N 314 
TYR N   H2   sing N N 315 
TYR CA  C    sing N N 316 
TYR CA  CB   sing N N 317 
TYR CA  HA   sing N N 318 
TYR C   O    doub N N 319 
TYR C   OXT  sing N N 320 
TYR CB  CG   sing N N 321 
TYR CB  HB2  sing N N 322 
TYR CB  HB3  sing N N 323 
TYR CG  CD1  doub Y N 324 
TYR CG  CD2  sing Y N 325 
TYR CD1 CE1  sing Y N 326 
TYR CD1 HD1  sing N N 327 
TYR CD2 CE2  doub Y N 328 
TYR CD2 HD2  sing N N 329 
TYR CE1 CZ   doub Y N 330 
TYR CE1 HE1  sing N N 331 
TYR CE2 CZ   sing Y N 332 
TYR CE2 HE2  sing N N 333 
TYR CZ  OH   sing N N 334 
TYR OH  HH   sing N N 335 
TYR OXT HXT  sing N N 336 
VAL N   CA   sing N N 337 
VAL N   H    sing N N 338 
VAL N   H2   sing N N 339 
VAL CA  C    sing N N 340 
VAL CA  CB   sing N N 341 
VAL CA  HA   sing N N 342 
VAL C   O    doub N N 343 
VAL C   OXT  sing N N 344 
VAL CB  CG1  sing N N 345 
VAL CB  CG2  sing N N 346 
VAL CB  HB   sing N N 347 
VAL CG1 HG11 sing N N 348 
VAL CG1 HG12 sing N N 349 
VAL CG1 HG13 sing N N 350 
VAL CG2 HG21 sing N N 351 
VAL CG2 HG22 sing N N 352 
VAL CG2 HG23 sing N N 353 
VAL OXT HXT  sing N N 354 
# 
_atom_sites.entry_id                    2EHG 
_atom_sites.fract_transf_matrix[1][1]   -0.01708668 
_atom_sites.fract_transf_matrix[1][2]   0.01568862 
_atom_sites.fract_transf_matrix[1][3]   0.01060513 
_atom_sites.fract_transf_matrix[2][1]   0.00018309 
_atom_sites.fract_transf_matrix[2][2]   0.01442027 
_atom_sites.fract_transf_matrix[2][3]   -0.02103754 
_atom_sites.fract_transf_matrix[3][1]   -0.00814497 
_atom_sites.fract_transf_matrix[3][2]   -0.00602923 
_atom_sites.fract_transf_matrix[3][3]   -0.00420365 
_atom_sites.fract_transf_vector[1]      0.489155 
_atom_sites.fract_transf_vector[2]      0.147149 
_atom_sites.fract_transf_vector[3]      0.003571 
# 
loop_
_atom_type.symbol 
C 
N 
O 
S 
# 
loop_
_atom_site.group_PDB 
_atom_site.id 
_atom_site.type_symbol 
_atom_site.label_atom_id 
_atom_site.label_alt_id 
_atom_site.label_comp_id 
_atom_site.label_asym_id 
_atom_site.label_entity_id 
_atom_site.label_seq_id 
_atom_site.pdbx_PDB_ins_code 
_atom_site.Cartn_x 
_atom_site.Cartn_y 
_atom_site.Cartn_z 
_atom_site.occupancy 
_atom_site.B_iso_or_equiv 
_atom_site.pdbx_formal_charge 
_atom_site.auth_seq_id 
_atom_site.auth_comp_id 
_atom_site.auth_asym_id 
_atom_site.auth_atom_id 
_atom_site.pdbx_PDB_model_num 
ATOM   1    N N   . MET A 1 1   ? -5.992  -11.617 16.719  1.00 28.73 ? 1   MET A N   1 
ATOM   2    C CA  . MET A 1 1   ? -5.957  -10.511 15.723  1.00 27.42 ? 1   MET A CA  1 
ATOM   3    C C   . MET A 1 1   ? -4.942  -10.785 14.618  1.00 26.12 ? 1   MET A C   1 
ATOM   4    O O   . MET A 1 1   ? -3.908  -11.417 14.844  1.00 26.72 ? 1   MET A O   1 
ATOM   5    C CB  . MET A 1 1   ? -5.599  -9.191  16.402  1.00 29.00 ? 1   MET A CB  1 
ATOM   6    C CG  . MET A 1 1   ? -4.231  -9.203  17.059  1.00 30.12 ? 1   MET A CG  1 
ATOM   7    S SD  . MET A 1 1   ? -3.613  -7.547  17.368  1.00 31.55 ? 1   MET A SD  1 
ATOM   8    C CE  . MET A 1 1   ? -4.260  -7.234  19.021  1.00 30.84 ? 1   MET A CE  1 
ATOM   9    N N   . ILE A 1 2   ? -5.237  -10.289 13.423  1.00 23.13 ? 2   ILE A N   1 
ATOM   10   C CA  . ILE A 1 2   ? -4.353  -10.479 12.286  1.00 20.79 ? 2   ILE A CA  1 
ATOM   11   C C   . ILE A 1 2   ? -3.603  -9.185  11.995  1.00 19.15 ? 2   ILE A C   1 
ATOM   12   O O   . ILE A 1 2   ? -4.162  -8.095  12.097  1.00 18.67 ? 2   ILE A O   1 
ATOM   13   C CB  . ILE A 1 2   ? -5.155  -10.910 11.045  1.00 20.96 ? 2   ILE A CB  1 
ATOM   14   C CG1 . ILE A 1 2   ? -5.882  -12.225 11.347  1.00 21.28 ? 2   ILE A CG1 1 
ATOM   15   C CG2 . ILE A 1 2   ? -4.223  -11.077 9.852   1.00 20.53 ? 2   ILE A CG2 1 
ATOM   16   C CD1 . ILE A 1 2   ? -6.855  -12.657 10.273  1.00 21.98 ? 2   ILE A CD1 1 
ATOM   17   N N   . ILE A 1 3   ? -2.331  -9.313  11.637  1.00 17.66 ? 3   ILE A N   1 
ATOM   18   C CA  . ILE A 1 3   ? -1.502  -8.152  11.347  1.00 16.73 ? 3   ILE A CA  1 
ATOM   19   C C   . ILE A 1 3   ? -1.061  -8.140  9.890   1.00 15.37 ? 3   ILE A C   1 
ATOM   20   O O   . ILE A 1 3   ? -0.732  -9.179  9.312   1.00 14.65 ? 3   ILE A O   1 
ATOM   21   C CB  . ILE A 1 3   ? -0.260  -8.129  12.271  1.00 17.80 ? 3   ILE A CB  1 
ATOM   22   C CG1 . ILE A 1 3   ? -0.713  -8.103  13.735  1.00 19.06 ? 3   ILE A CG1 1 
ATOM   23   C CG2 . ILE A 1 3   ? 0.597   -6.904  11.975  1.00 18.10 ? 3   ILE A CG2 1 
ATOM   24   C CD1 . ILE A 1 3   ? 0.404   -8.298  14.733  1.00 20.64 ? 3   ILE A CD1 1 
ATOM   25   N N   . GLY A 1 4   ? -1.082  -6.953  9.293   1.00 13.65 ? 4   GLY A N   1 
ATOM   26   C CA  . GLY A 1 4   ? -0.670  -6.807  7.911   1.00 13.04 ? 4   GLY A CA  1 
ATOM   27   C C   . GLY A 1 4   ? 0.246   -5.607  7.784   1.00 12.63 ? 4   GLY A C   1 
ATOM   28   O O   . GLY A 1 4   ? 0.194   -4.699  8.610   1.00 12.59 ? 4   GLY A O   1 
ATOM   29   N N   . TYR A 1 5   ? 1.092   -5.612  6.759   1.00 11.71 ? 5   TYR A N   1 
ATOM   30   C CA  . TYR A 1 5   ? 2.028   -4.517  6.507   1.00 12.31 ? 5   TYR A CA  1 
ATOM   31   C C   . TYR A 1 5   ? 1.855   -4.023  5.075   1.00 11.34 ? 5   TYR A C   1 
ATOM   32   O O   . TYR A 1 5   ? 1.478   -4.796  4.195   1.00 10.78 ? 5   TYR A O   1 
ATOM   33   C CB  . TYR A 1 5   ? 3.479   -4.987  6.662   1.00 13.47 ? 5   TYR A CB  1 
ATOM   34   C CG  . TYR A 1 5   ? 3.915   -5.313  8.069   1.00 14.95 ? 5   TYR A CG  1 
ATOM   35   C CD1 . TYR A 1 5   ? 3.432   -6.441  8.734   1.00 15.84 ? 5   TYR A CD1 1 
ATOM   36   C CD2 . TYR A 1 5   ? 4.828   -4.497  8.734   1.00 15.84 ? 5   TYR A CD2 1 
ATOM   37   C CE1 . TYR A 1 5   ? 3.854   -6.745  10.028  1.00 17.35 ? 5   TYR A CE1 1 
ATOM   38   C CE2 . TYR A 1 5   ? 5.253   -4.792  10.023  1.00 17.39 ? 5   TYR A CE2 1 
ATOM   39   C CZ  . TYR A 1 5   ? 4.761   -5.916  10.663  1.00 17.47 ? 5   TYR A CZ  1 
ATOM   40   O OH  . TYR A 1 5   ? 5.184   -6.196  11.944  1.00 19.54 ? 5   TYR A OH  1 
ATOM   41   N N   . PHE A 1 6   ? 2.139   -2.744  4.840   1.00 10.86 ? 6   PHE A N   1 
ATOM   42   C CA  . PHE A 1 6   ? 2.047   -2.185  3.496   1.00 10.41 ? 6   PHE A CA  1 
ATOM   43   C C   . PHE A 1 6   ? 3.215   -1.243  3.248   1.00 10.59 ? 6   PHE A C   1 
ATOM   44   O O   . PHE A 1 6   ? 3.738   -0.622  4.179   1.00 10.33 ? 6   PHE A O   1 
ATOM   45   C CB  . PHE A 1 6   ? 0.719   -1.433  3.305   1.00 10.53 ? 6   PHE A CB  1 
ATOM   46   C CG  . PHE A 1 6   ? 0.669   -0.096  3.992   1.00 10.35 ? 6   PHE A CG  1 
ATOM   47   C CD1 . PHE A 1 6   ? 0.982   1.069   3.298   1.00 10.16 ? 6   PHE A CD1 1 
ATOM   48   C CD2 . PHE A 1 6   ? 0.298   0.003   5.332   1.00 10.02 ? 6   PHE A CD2 1 
ATOM   49   C CE1 . PHE A 1 6   ? 0.942   2.317   3.928   1.00 9.60  ? 6   PHE A CE1 1 
ATOM   50   C CE2 . PHE A 1 6   ? 0.254   1.249   5.975   1.00 10.23 ? 6   PHE A CE2 1 
ATOM   51   C CZ  . PHE A 1 6   ? 0.572   2.407   5.264   1.00 10.31 ? 6   PHE A CZ  1 
ATOM   52   N N   . ASP A 1 7   ? 3.619   -1.150  1.985   1.00 10.33 ? 7   ASP A N   1 
ATOM   53   C CA  . ASP A 1 7   ? 4.719   -0.280  1.577   1.00 10.70 ? 7   ASP A CA  1 
ATOM   54   C C   . ASP A 1 7   ? 4.501   0.201   0.150   1.00 10.41 ? 7   ASP A C   1 
ATOM   55   O O   . ASP A 1 7   ? 3.747   -0.395  -0.614  1.00 10.06 ? 7   ASP A O   1 
ATOM   56   C CB  . ASP A 1 7   ? 6.056   -1.031  1.639   1.00 12.08 ? 7   ASP A CB  1 
ATOM   57   C CG  . ASP A 1 7   ? 7.217   -0.191  1.148   1.00 13.89 ? 7   ASP A CG  1 
ATOM   58   O OD1 . ASP A 1 7   ? 7.627   -0.325  -0.031  1.00 13.66 ? 7   ASP A OD1 1 
ATOM   59   O OD2 . ASP A 1 7   ? 7.730   0.627   1.940   1.00 14.70 ? 7   ASP A OD2 1 
ATOM   60   N N   . GLY A 1 8   ? 5.154   1.301   -0.191  1.00 10.04 ? 8   GLY A N   1 
ATOM   61   C CA  . GLY A 1 8   ? 5.066   1.824   -1.534  1.00 10.32 ? 8   GLY A CA  1 
ATOM   62   C C   . GLY A 1 8   ? 6.365   2.539   -1.846  1.00 10.15 ? 8   GLY A C   1 
ATOM   63   O O   . GLY A 1 8   ? 7.055   2.996   -0.937  1.00 10.18 ? 8   GLY A O   1 
ATOM   64   N N   . LEU A 1 9   ? 6.717   2.617   -3.126  1.00 10.09 ? 9   LEU A N   1 
ATOM   65   C CA  . LEU A 1 9   ? 7.925   3.317   -3.548  1.00 10.72 ? 9   LEU A CA  1 
ATOM   66   C C   . LEU A 1 9   ? 7.672   3.995   -4.884  1.00 10.70 ? 9   LEU A C   1 
ATOM   67   O O   . LEU A 1 9   ? 6.727   3.658   -5.593  1.00 10.16 ? 9   LEU A O   1 
ATOM   68   C CB  . LEU A 1 9   ? 9.103   2.341   -3.693  1.00 11.05 ? 9   LEU A CB  1 
ATOM   69   C CG  . LEU A 1 9   ? 9.028   1.315   -4.837  1.00 11.20 ? 9   LEU A CG  1 
ATOM   70   C CD1 . LEU A 1 9   ? 9.455   1.956   -6.164  1.00 10.99 ? 9   LEU A CD1 1 
ATOM   71   C CD2 . LEU A 1 9   ? 9.956   0.146   -4.525  1.00 11.58 ? 9   LEU A CD2 1 
ATOM   72   N N   . CYS A 1 10  ? 8.517   4.960   -5.222  1.00 11.01 ? 10  CYS A N   1 
ATOM   73   C CA  . CYS A 1 10  ? 8.414   5.652   -6.500  1.00 11.34 ? 10  CYS A CA  1 
ATOM   74   C C   . CYS A 1 10  ? 9.841   6.035   -6.877  1.00 11.87 ? 10  CYS A C   1 
ATOM   75   O O   . CYS A 1 10  ? 10.429  6.955   -6.303  1.00 12.94 ? 10  CYS A O   1 
ATOM   76   C CB  . CYS A 1 10  ? 7.522   6.893   -6.390  1.00 11.18 ? 10  CYS A CB  1 
ATOM   77   S SG  . CYS A 1 10  ? 7.238   7.704   -7.983  1.00 13.54 ? 10  CYS A SG  1 
ATOM   78   N N   . GLU A 1 11  ? 10.396  5.292   -7.830  1.00 12.11 ? 11  GLU A N   1 
ATOM   79   C CA  . GLU A 1 11  ? 11.768  5.496   -8.291  1.00 12.90 ? 11  GLU A CA  1 
ATOM   80   C C   . GLU A 1 11  ? 11.814  5.547   -9.813  1.00 13.02 ? 11  GLU A C   1 
ATOM   81   O O   . GLU A 1 11  ? 10.919  5.036   -10.489 1.00 12.35 ? 11  GLU A O   1 
ATOM   82   C CB  . GLU A 1 11  ? 12.650  4.352   -7.790  1.00 13.79 ? 11  GLU A CB  1 
ATOM   83   C CG  . GLU A 1 11  ? 12.891  4.372   -6.286  1.00 14.87 ? 11  GLU A CG  1 
ATOM   84   C CD  . GLU A 1 11  ? 13.493  3.083   -5.768  1.00 15.34 ? 11  GLU A CD  1 
ATOM   85   O OE1 . GLU A 1 11  ? 14.165  2.365   -6.548  1.00 16.99 ? 11  GLU A OE1 1 
ATOM   86   O OE2 . GLU A 1 11  ? 13.320  2.790   -4.562  1.00 17.33 ? 11  GLU A OE2 1 
ATOM   87   N N   . PRO A 1 12  ? 12.885  6.127   -10.380 1.00 13.52 ? 12  PRO A N   1 
ATOM   88   C CA  . PRO A 1 12  ? 14.042  6.730   -9.711  1.00 14.20 ? 12  PRO A CA  1 
ATOM   89   C C   . PRO A 1 12  ? 13.830  8.178   -9.280  1.00 14.92 ? 12  PRO A C   1 
ATOM   90   O O   . PRO A 1 12  ? 14.715  8.793   -8.682  1.00 15.69 ? 12  PRO A O   1 
ATOM   91   C CB  . PRO A 1 12  ? 15.133  6.608   -10.765 1.00 13.59 ? 12  PRO A CB  1 
ATOM   92   C CG  . PRO A 1 12  ? 14.374  6.863   -12.017 1.00 13.51 ? 12  PRO A CG  1 
ATOM   93   C CD  . PRO A 1 12  ? 13.113  6.041   -11.832 1.00 13.63 ? 12  PRO A CD  1 
ATOM   94   N N   . LYS A 1 13  ? 12.663  8.724   -9.597  1.00 15.39 ? 13  LYS A N   1 
ATOM   95   C CA  . LYS A 1 13  ? 12.353  10.098  -9.239  1.00 16.30 ? 13  LYS A CA  1 
ATOM   96   C C   . LYS A 1 13  ? 10.931  10.210  -8.719  1.00 16.00 ? 13  LYS A C   1 
ATOM   97   O O   . LYS A 1 13  ? 10.071  9.384   -9.032  1.00 15.95 ? 13  LYS A O   1 
ATOM   98   C CB  . LYS A 1 13  ? 12.531  11.015  -10.450 1.00 17.84 ? 13  LYS A CB  1 
ATOM   99   C CG  . LYS A 1 13  ? 11.613  10.689  -11.617 1.00 20.62 ? 13  LYS A CG  1 
ATOM   100  C CD  . LYS A 1 13  ? 11.880  11.590  -12.817 1.00 22.76 ? 13  LYS A CD  1 
ATOM   101  C CE  . LYS A 1 13  ? 11.573  13.047  -12.511 1.00 24.39 ? 13  LYS A CE  1 
ATOM   102  N NZ  . LYS A 1 13  ? 11.760  13.912  -13.711 1.00 26.02 ? 13  LYS A NZ  1 
ATOM   103  N N   . ASN A 1 14  ? 10.694  11.238  -7.915  1.00 16.05 ? 14  ASN A N   1 
ATOM   104  C CA  . ASN A 1 14  ? 9.384   11.474  -7.346  1.00 16.56 ? 14  ASN A CA  1 
ATOM   105  C C   . ASN A 1 14  ? 9.090   12.968  -7.338  1.00 16.60 ? 14  ASN A C   1 
ATOM   106  O O   . ASN A 1 14  ? 9.795   13.744  -6.687  1.00 17.11 ? 14  ASN A O   1 
ATOM   107  C CB  . ASN A 1 14  ? 9.330   10.922  -5.919  1.00 17.03 ? 14  ASN A CB  1 
ATOM   108  C CG  . ASN A 1 14  ? 8.029   11.241  -5.225  1.00 18.08 ? 14  ASN A CG  1 
ATOM   109  O OD1 . ASN A 1 14  ? 6.970   11.225  -5.845  1.00 19.71 ? 14  ASN A OD1 1 
ATOM   110  N ND2 . ASN A 1 14  ? 8.098   11.531  -3.932  1.00 18.59 ? 14  ASN A ND2 1 
ATOM   111  N N   . PRO A 1 15  ? 8.055   13.392  -8.081  1.00 17.08 ? 15  PRO A N   1 
ATOM   112  C CA  . PRO A 1 15  ? 7.173   12.525  -8.868  1.00 17.00 ? 15  PRO A CA  1 
ATOM   113  C C   . PRO A 1 15  ? 7.732   12.211  -10.256 1.00 16.71 ? 15  PRO A C   1 
ATOM   114  O O   . PRO A 1 15  ? 8.807   12.681  -10.628 1.00 17.48 ? 15  PRO A O   1 
ATOM   115  C CB  . PRO A 1 15  ? 5.893   13.338  -8.953  1.00 17.68 ? 15  PRO A CB  1 
ATOM   116  C CG  . PRO A 1 15  ? 6.426   14.722  -9.127  1.00 17.96 ? 15  PRO A CG  1 
ATOM   117  C CD  . PRO A 1 15  ? 7.554   14.782  -8.091  1.00 16.96 ? 15  PRO A CD  1 
ATOM   118  N N   . GLY A 1 16  ? 6.995   11.407  -11.013 1.00 16.02 ? 16  GLY A N   1 
ATOM   119  C CA  . GLY A 1 16  ? 7.420   11.081  -12.363 1.00 15.26 ? 16  GLY A CA  1 
ATOM   120  C C   . GLY A 1 16  ? 8.179   9.785   -12.548 1.00 14.99 ? 16  GLY A C   1 
ATOM   121  O O   . GLY A 1 16  ? 8.761   9.560   -13.607 1.00 15.69 ? 16  GLY A O   1 
ATOM   122  N N   . GLY A 1 17  ? 8.180   8.929   -11.536 1.00 14.19 ? 17  GLY A N   1 
ATOM   123  C CA  . GLY A 1 17  ? 8.880   7.666   -11.669 1.00 13.30 ? 17  GLY A CA  1 
ATOM   124  C C   . GLY A 1 17  ? 7.916   6.505   -11.784 1.00 13.19 ? 17  GLY A C   1 
ATOM   125  O O   . GLY A 1 17  ? 6.801   6.656   -12.289 1.00 13.31 ? 17  GLY A O   1 
ATOM   126  N N   . ILE A 1 18  ? 8.359   5.338   -11.327 1.00 11.92 ? 18  ILE A N   1 
ATOM   127  C CA  . ILE A 1 18  ? 7.539   4.132   -11.333 1.00 11.62 ? 18  ILE A CA  1 
ATOM   128  C C   . ILE A 1 18  ? 7.072   3.943   -9.899  1.00 11.20 ? 18  ILE A C   1 
ATOM   129  O O   . ILE A 1 18  ? 7.887   3.796   -8.989  1.00 11.12 ? 18  ILE A O   1 
ATOM   130  C CB  . ILE A 1 18  ? 8.352   2.895   -11.760 1.00 12.38 ? 18  ILE A CB  1 
ATOM   131  C CG1 . ILE A 1 18  ? 8.816   3.065   -13.206 1.00 13.22 ? 18  ILE A CG1 1 
ATOM   132  C CG2 . ILE A 1 18  ? 7.497   1.632   -11.607 1.00 13.25 ? 18  ILE A CG2 1 
ATOM   133  C CD1 . ILE A 1 18  ? 9.697   1.947   -13.706 1.00 13.34 ? 18  ILE A CD1 1 
ATOM   134  N N   . ALA A 1 19  ? 5.758   3.955   -9.707  1.00 10.53 ? 19  ALA A N   1 
ATOM   135  C CA  . ALA A 1 19  ? 5.168   3.822   -8.386  1.00 10.32 ? 19  ALA A CA  1 
ATOM   136  C C   . ALA A 1 19  ? 4.550   2.452   -8.180  1.00 9.85  ? 19  ALA A C   1 
ATOM   137  O O   . ALA A 1 19  ? 3.528   2.116   -8.781  1.00 10.24 ? 19  ALA A O   1 
ATOM   138  C CB  . ALA A 1 19  ? 4.116   4.907   -8.182  1.00 10.11 ? 19  ALA A CB  1 
ATOM   139  N N   . THR A 1 20  ? 5.185   1.658   -7.328  1.00 9.10  ? 20  THR A N   1 
ATOM   140  C CA  . THR A 1 20  ? 4.693   0.319   -7.033  1.00 9.59  ? 20  THR A CA  1 
ATOM   141  C C   . THR A 1 20  ? 4.533   0.149   -5.538  1.00 9.41  ? 20  THR A C   1 
ATOM   142  O O   . THR A 1 20  ? 5.031   0.952   -4.757  1.00 9.43  ? 20  THR A O   1 
ATOM   143  C CB  . THR A 1 20  ? 5.648   -0.768  -7.559  1.00 9.70  ? 20  THR A CB  1 
ATOM   144  O OG1 . THR A 1 20  ? 6.952   -0.585  -6.993  1.00 10.75 ? 20  THR A OG1 1 
ATOM   145  C CG2 . THR A 1 20  ? 5.730   -0.707  -9.070  1.00 10.38 ? 20  THR A CG2 1 
ATOM   146  N N   . PHE A 1 21  ? 3.836   -0.908  -5.144  1.00 8.32  ? 21  PHE A N   1 
ATOM   147  C CA  . PHE A 1 21  ? 3.598   -1.157  -3.735  1.00 8.99  ? 21  PHE A CA  1 
ATOM   148  C C   . PHE A 1 21  ? 3.681   -2.629  -3.404  1.00 9.22  ? 21  PHE A C   1 
ATOM   149  O O   . PHE A 1 21  ? 3.823   -3.472  -4.292  1.00 9.44  ? 21  PHE A O   1 
ATOM   150  C CB  . PHE A 1 21  ? 2.226   -0.596  -3.341  1.00 9.24  ? 21  PHE A CB  1 
ATOM   151  C CG  . PHE A 1 21  ? 1.099   -1.092  -4.209  1.00 10.11 ? 21  PHE A CG  1 
ATOM   152  C CD1 . PHE A 1 21  ? 0.509   -2.325  -3.966  1.00 9.89  ? 21  PHE A CD1 1 
ATOM   153  C CD2 . PHE A 1 21  ? 0.631   -0.322  -5.268  1.00 10.09 ? 21  PHE A CD2 1 
ATOM   154  C CE1 . PHE A 1 21  ? -0.532  -2.789  -4.769  1.00 9.99  ? 21  PHE A CE1 1 
ATOM   155  C CE2 . PHE A 1 21  ? -0.411  -0.772  -6.081  1.00 10.90 ? 21  PHE A CE2 1 
ATOM   156  C CZ  . PHE A 1 21  ? -0.993  -2.007  -5.825  1.00 10.15 ? 21  PHE A CZ  1 
ATOM   157  N N   . GLY A 1 22  ? 3.593   -2.923  -2.112  1.00 9.09  ? 22  GLY A N   1 
ATOM   158  C CA  . GLY A 1 22  ? 3.660   -4.294  -1.647  1.00 9.81  ? 22  GLY A CA  1 
ATOM   159  C C   . GLY A 1 22  ? 2.979   -4.422  -0.305  1.00 9.63  ? 22  GLY A C   1 
ATOM   160  O O   . GLY A 1 22  ? 2.904   -3.461  0.465   1.00 10.23 ? 22  GLY A O   1 
ATOM   161  N N   . PHE A 1 23  ? 2.457   -5.606  -0.022  1.00 9.37  ? 23  PHE A N   1 
ATOM   162  C CA  . PHE A 1 23  ? 1.794   -5.828  1.249   1.00 10.19 ? 23  PHE A CA  1 
ATOM   163  C C   . PHE A 1 23  ? 1.869   -7.285  1.659   1.00 10.20 ? 23  PHE A C   1 
ATOM   164  O O   . PHE A 1 23  ? 2.087   -8.171  0.830   1.00 9.62  ? 23  PHE A O   1 
ATOM   165  C CB  . PHE A 1 23  ? 0.334   -5.341  1.189   1.00 10.63 ? 23  PHE A CB  1 
ATOM   166  C CG  . PHE A 1 23  ? -0.499  -6.006  0.120   1.00 11.90 ? 23  PHE A CG  1 
ATOM   167  C CD1 . PHE A 1 23  ? -1.292  -7.106  0.424   1.00 12.05 ? 23  PHE A CD1 1 
ATOM   168  C CD2 . PHE A 1 23  ? -0.517  -5.507  -1.178  1.00 11.88 ? 23  PHE A CD2 1 
ATOM   169  C CE1 . PHE A 1 23  ? -2.092  -7.709  -0.552  1.00 12.42 ? 23  PHE A CE1 1 
ATOM   170  C CE2 . PHE A 1 23  ? -1.311  -6.102  -2.167  1.00 11.99 ? 23  PHE A CE2 1 
ATOM   171  C CZ  . PHE A 1 23  ? -2.102  -7.199  -1.847  1.00 11.41 ? 23  PHE A CZ  1 
ATOM   172  N N   . VAL A 1 24  ? 1.705   -7.525  2.954   1.00 10.73 ? 24  VAL A N   1 
ATOM   173  C CA  . VAL A 1 24  ? 1.763   -8.876  3.484   1.00 11.27 ? 24  VAL A CA  1 
ATOM   174  C C   . VAL A 1 24  ? 0.756   -9.019  4.614   1.00 11.26 ? 24  VAL A C   1 
ATOM   175  O O   . VAL A 1 24  ? 0.532   -8.084  5.377   1.00 11.52 ? 24  VAL A O   1 
ATOM   176  C CB  . VAL A 1 24  ? 3.195   -9.210  3.985   1.00 12.63 ? 24  VAL A CB  1 
ATOM   177  C CG1 . VAL A 1 24  ? 3.624   -8.217  5.045   1.00 14.24 ? 24  VAL A CG1 1 
ATOM   178  C CG2 . VAL A 1 24  ? 3.248   -10.630 4.522   1.00 13.37 ? 24  VAL A CG2 1 
ATOM   179  N N   . ILE A 1 25  ? 0.139   -10.193 4.695   1.00 10.58 ? 25  ILE A N   1 
ATOM   180  C CA  . ILE A 1 25  ? -0.847  -10.486 5.729   1.00 11.36 ? 25  ILE A CA  1 
ATOM   181  C C   . ILE A 1 25  ? -0.383  -11.751 6.435   1.00 12.01 ? 25  ILE A C   1 
ATOM   182  O O   . ILE A 1 25  ? -0.099  -12.756 5.781   1.00 12.10 ? 25  ILE A O   1 
ATOM   183  C CB  . ILE A 1 25  ? -2.237  -10.742 5.114   1.00 11.06 ? 25  ILE A CB  1 
ATOM   184  C CG1 . ILE A 1 25  ? -2.659  -9.536  4.274   1.00 11.19 ? 25  ILE A CG1 1 
ATOM   185  C CG2 . ILE A 1 25  ? -3.262  -10.979 6.216   1.00 11.56 ? 25  ILE A CG2 1 
ATOM   186  C CD1 . ILE A 1 25  ? -3.921  -9.771  3.458   1.00 11.67 ? 25  ILE A CD1 1 
ATOM   187  N N   . TYR A 1 26  ? -0.291  -11.704 7.760   1.00 13.14 ? 26  TYR A N   1 
ATOM   188  C CA  . TYR A 1 26  ? 0.159   -12.869 8.513   1.00 14.70 ? 26  TYR A CA  1 
ATOM   189  C C   . TYR A 1 26  ? -0.982  -13.612 9.195   1.00 15.47 ? 26  TYR A C   1 
ATOM   190  O O   . TYR A 1 26  ? -1.540  -13.138 10.184  1.00 16.39 ? 26  TYR A O   1 
ATOM   191  C CB  . TYR A 1 26  ? 1.201   -12.468 9.566   1.00 15.75 ? 26  TYR A CB  1 
ATOM   192  C CG  . TYR A 1 26  ? 2.467   -11.865 8.998   1.00 17.11 ? 26  TYR A CG  1 
ATOM   193  C CD1 . TYR A 1 26  ? 2.606   -10.484 8.880   1.00 17.36 ? 26  TYR A CD1 1 
ATOM   194  C CD2 . TYR A 1 26  ? 3.515   -12.675 8.559   1.00 17.52 ? 26  TYR A CD2 1 
ATOM   195  C CE1 . TYR A 1 26  ? 3.757   -9.919  8.341   1.00 18.88 ? 26  TYR A CE1 1 
ATOM   196  C CE2 . TYR A 1 26  ? 4.674   -12.117 8.013   1.00 17.76 ? 26  TYR A CE2 1 
ATOM   197  C CZ  . TYR A 1 26  ? 4.786   -10.741 7.909   1.00 18.52 ? 26  TYR A CZ  1 
ATOM   198  O OH  . TYR A 1 26  ? 5.916   -10.173 7.359   1.00 20.01 ? 26  TYR A OH  1 
ATOM   199  N N   . LEU A 1 27  ? -1.324  -14.779 8.661   1.00 15.84 ? 27  LEU A N   1 
ATOM   200  C CA  . LEU A 1 27  ? -2.382  -15.596 9.237   1.00 16.61 ? 27  LEU A CA  1 
ATOM   201  C C   . LEU A 1 27  ? -1.747  -16.586 10.206  1.00 17.40 ? 27  LEU A C   1 
ATOM   202  O O   . LEU A 1 27  ? -0.525  -16.630 10.335  1.00 17.98 ? 27  LEU A O   1 
ATOM   203  C CB  . LEU A 1 27  ? -3.122  -16.362 8.144   1.00 16.13 ? 27  LEU A CB  1 
ATOM   204  C CG  . LEU A 1 27  ? -3.691  -15.537 6.989   1.00 16.25 ? 27  LEU A CG  1 
ATOM   205  C CD1 . LEU A 1 27  ? -4.379  -16.474 6.013   1.00 16.71 ? 27  LEU A CD1 1 
ATOM   206  C CD2 . LEU A 1 27  ? -4.669  -14.489 7.514   1.00 16.44 ? 27  LEU A CD2 1 
ATOM   207  N N   . ASP A 1 28  ? -2.582  -17.383 10.869  1.00 18.85 ? 28  ASP A N   1 
ATOM   208  C CA  . ASP A 1 28  ? -2.122  -18.383 11.834  1.00 20.32 ? 28  ASP A CA  1 
ATOM   209  C C   . ASP A 1 28  ? -0.875  -19.139 11.381  1.00 20.39 ? 28  ASP A C   1 
ATOM   210  O O   . ASP A 1 28  ? 0.155   -19.111 12.054  1.00 20.75 ? 28  ASP A O   1 
ATOM   211  C CB  . ASP A 1 28  ? -3.239  -19.390 12.116  1.00 22.11 ? 28  ASP A CB  1 
ATOM   212  C CG  . ASP A 1 28  ? -4.438  -18.759 12.794  1.00 23.55 ? 28  ASP A CG  1 
ATOM   213  O OD1 . ASP A 1 28  ? -4.334  -18.423 13.991  1.00 24.81 ? 28  ASP A OD1 1 
ATOM   214  O OD2 . ASP A 1 28  ? -5.481  -18.598 12.126  1.00 25.81 ? 28  ASP A OD2 1 
ATOM   215  N N   . ASN A 1 29  ? -0.971  -19.828 10.247  1.00 20.14 ? 29  ASN A N   1 
ATOM   216  C CA  . ASN A 1 29  ? 0.165   -20.588 9.731   1.00 21.06 ? 29  ASN A CA  1 
ATOM   217  C C   . ASN A 1 29  ? 0.369   -20.377 8.242   1.00 20.92 ? 29  ASN A C   1 
ATOM   218  O O   . ASN A 1 29  ? 0.792   -21.285 7.528   1.00 21.52 ? 29  ASN A O   1 
ATOM   219  C CB  . ASN A 1 29  ? -0.006  -22.087 10.008  1.00 21.84 ? 29  ASN A CB  1 
ATOM   220  C CG  . ASN A 1 29  ? 0.118   -22.426 11.482  1.00 21.90 ? 29  ASN A CG  1 
ATOM   221  O OD1 . ASN A 1 29  ? -0.876  -22.697 12.152  1.00 22.97 ? 29  ASN A OD1 1 
ATOM   222  N ND2 . ASN A 1 29  ? 1.344   -22.406 11.995  1.00 22.51 ? 29  ASN A ND2 1 
ATOM   223  N N   . ARG A 1 30  ? 0.065   -19.174 7.776   1.00 20.76 ? 30  ARG A N   1 
ATOM   224  C CA  . ARG A 1 30  ? 0.238   -18.854 6.370   1.00 20.60 ? 30  ARG A CA  1 
ATOM   225  C C   . ARG A 1 30  ? 0.522   -17.370 6.203   1.00 19.47 ? 30  ARG A C   1 
ATOM   226  O O   . ARG A 1 30  ? 0.032   -16.545 6.971   1.00 19.13 ? 30  ARG A O   1 
ATOM   227  C CB  . ARG A 1 30  ? -1.014  -19.211 5.569   1.00 22.12 ? 30  ARG A CB  1 
ATOM   228  C CG  . ARG A 1 30  ? -0.835  -18.988 4.080   1.00 24.43 ? 30  ARG A CG  1 
ATOM   229  C CD  . ARG A 1 30  ? -2.145  -19.038 3.329   1.00 26.40 ? 30  ARG A CD  1 
ATOM   230  N NE  . ARG A 1 30  ? -1.979  -18.560 1.958   1.00 28.65 ? 30  ARG A NE  1 
ATOM   231  C CZ  . ARG A 1 30  ? -2.986  -18.291 1.134   1.00 29.25 ? 30  ARG A CZ  1 
ATOM   232  N NH1 . ARG A 1 30  ? -4.238  -18.455 1.540   1.00 30.23 ? 30  ARG A NH1 1 
ATOM   233  N NH2 . ARG A 1 30  ? -2.739  -17.857 -0.092  1.00 29.90 ? 30  ARG A NH2 1 
ATOM   234  N N   . LYS A 1 31  ? 1.318   -17.043 5.195   1.00 18.97 ? 31  LYS A N   1 
ATOM   235  C CA  . LYS A 1 31  ? 1.658   -15.660 4.904   1.00 18.53 ? 31  LYS A CA  1 
ATOM   236  C C   . LYS A 1 31  ? 1.140   -15.341 3.504   1.00 17.86 ? 31  LYS A C   1 
ATOM   237  O O   . LYS A 1 31  ? 1.414   -16.077 2.559   1.00 18.57 ? 31  LYS A O   1 
ATOM   238  C CB  . LYS A 1 31  ? 3.178   -15.467 4.964   1.00 19.67 ? 31  LYS A CB  1 
ATOM   239  C CG  . LYS A 1 31  ? 3.632   -14.049 4.670   1.00 21.04 ? 31  LYS A CG  1 
ATOM   240  C CD  . LYS A 1 31  ? 5.132   -13.882 4.867   1.00 22.76 ? 31  LYS A CD  1 
ATOM   241  C CE  . LYS A 1 31  ? 5.930   -14.673 3.847   1.00 23.26 ? 31  LYS A CE  1 
ATOM   242  N NZ  . LYS A 1 31  ? 7.394   -14.476 4.048   1.00 25.10 ? 31  LYS A NZ  1 
ATOM   243  N N   . ILE A 1 32  ? 0.372   -14.262 3.385   1.00 16.27 ? 32  ILE A N   1 
ATOM   244  C CA  . ILE A 1 32  ? -0.171  -13.841 2.096   1.00 15.45 ? 32  ILE A CA  1 
ATOM   245  C C   . ILE A 1 32  ? 0.646   -12.651 1.609   1.00 14.48 ? 32  ILE A C   1 
ATOM   246  O O   . ILE A 1 32  ? 0.825   -11.671 2.336   1.00 14.78 ? 32  ILE A O   1 
ATOM   247  C CB  . ILE A 1 32  ? -1.643  -13.415 2.217   1.00 15.71 ? 32  ILE A CB  1 
ATOM   248  C CG1 . ILE A 1 32  ? -2.478  -14.578 2.755   1.00 16.75 ? 32  ILE A CG1 1 
ATOM   249  C CG2 . ILE A 1 32  ? -2.178  -12.969 0.860   1.00 15.62 ? 32  ILE A CG2 1 
ATOM   250  C CD1 . ILE A 1 32  ? -3.899  -14.199 3.078   1.00 17.80 ? 32  ILE A CD1 1 
ATOM   251  N N   . GLU A 1 33  ? 1.142   -12.737 0.380   1.00 13.56 ? 33  GLU A N   1 
ATOM   252  C CA  . GLU A 1 33  ? 1.957   -11.669 -0.182  1.00 13.24 ? 33  GLU A CA  1 
ATOM   253  C C   . GLU A 1 33  ? 1.305   -11.071 -1.413  1.00 12.44 ? 33  GLU A C   1 
ATOM   254  O O   . GLU A 1 33  ? 0.669   -11.778 -2.190  1.00 12.47 ? 33  GLU A O   1 
ATOM   255  C CB  . GLU A 1 33  ? 3.337   -12.206 -0.560  1.00 14.80 ? 33  GLU A CB  1 
ATOM   256  C CG  . GLU A 1 33  ? 4.058   -12.908 0.580   1.00 17.98 ? 33  GLU A CG  1 
ATOM   257  C CD  . GLU A 1 33  ? 5.412   -13.446 0.157   1.00 20.42 ? 33  GLU A CD  1 
ATOM   258  O OE1 . GLU A 1 33  ? 5.494   -14.051 -0.933  1.00 21.65 ? 33  GLU A OE1 1 
ATOM   259  O OE2 . GLU A 1 33  ? 6.385   -13.285 0.924   1.00 23.45 ? 33  GLU A OE2 1 
ATOM   260  N N   . GLY A 1 34  ? 1.474   -9.764  -1.589  1.00 11.36 ? 34  GLY A N   1 
ATOM   261  C CA  . GLY A 1 34  ? 0.909   -9.100  -2.746  1.00 11.09 ? 34  GLY A CA  1 
ATOM   262  C C   . GLY A 1 34  ? 1.705   -7.868  -3.122  1.00 10.35 ? 34  GLY A C   1 
ATOM   263  O O   . GLY A 1 34  ? 2.565   -7.411  -2.368  1.00 10.46 ? 34  GLY A O   1 
ATOM   264  N N   . TYR A 1 35  ? 1.425   -7.331  -4.301  1.00 9.64  ? 35  TYR A N   1 
ATOM   265  C CA  . TYR A 1 35  ? 2.100   -6.128  -4.772  1.00 9.61  ? 35  TYR A CA  1 
ATOM   266  C C   . TYR A 1 35  ? 1.339   -5.579  -5.960  1.00 9.54  ? 35  TYR A C   1 
ATOM   267  O O   . TYR A 1 35  ? 0.256   -6.066  -6.281  1.00 10.06 ? 35  TYR A O   1 
ATOM   268  C CB  . TYR A 1 35  ? 3.559   -6.430  -5.152  1.00 10.34 ? 35  TYR A CB  1 
ATOM   269  C CG  . TYR A 1 35  ? 3.777   -7.589  -6.105  1.00 10.70 ? 35  TYR A CG  1 
ATOM   270  C CD1 . TYR A 1 35  ? 3.381   -7.518  -7.443  1.00 10.90 ? 35  TYR A CD1 1 
ATOM   271  C CD2 . TYR A 1 35  ? 4.428   -8.747  -5.672  1.00 12.00 ? 35  TYR A CD2 1 
ATOM   272  C CE1 . TYR A 1 35  ? 3.632   -8.576  -8.325  1.00 12.15 ? 35  TYR A CE1 1 
ATOM   273  C CE2 . TYR A 1 35  ? 4.685   -9.804  -6.546  1.00 12.19 ? 35  TYR A CE2 1 
ATOM   274  C CZ  . TYR A 1 35  ? 4.282   -9.706  -7.869  1.00 11.93 ? 35  TYR A CZ  1 
ATOM   275  O OH  . TYR A 1 35  ? 4.551   -10.753 -8.730  1.00 13.38 ? 35  TYR A OH  1 
ATOM   276  N N   . GLY A 1 36  ? 1.887   -4.558  -6.600  1.00 9.51  ? 36  GLY A N   1 
ATOM   277  C CA  . GLY A 1 36  ? 1.217   -3.999  -7.757  1.00 9.59  ? 36  GLY A CA  1 
ATOM   278  C C   . GLY A 1 36  ? 1.778   -2.676  -8.230  1.00 9.61  ? 36  GLY A C   1 
ATOM   279  O O   . GLY A 1 36  ? 2.740   -2.154  -7.663  1.00 9.32  ? 36  GLY A O   1 
ATOM   280  N N   . LEU A 1 37  ? 1.156   -2.147  -9.281  1.00 9.31  ? 37  LEU A N   1 
ATOM   281  C CA  . LEU A 1 37  ? 1.520   -0.871  -9.892  1.00 9.30  ? 37  LEU A CA  1 
ATOM   282  C C   . LEU A 1 37  ? 0.428   0.127   -9.487  1.00 9.76  ? 37  LEU A C   1 
ATOM   283  O O   . LEU A 1 37  ? -0.760  -0.186  -9.561  1.00 10.49 ? 37  LEU A O   1 
ATOM   284  C CB  . LEU A 1 37  ? 1.561   -1.022  -11.417 1.00 9.72  ? 37  LEU A CB  1 
ATOM   285  C CG  . LEU A 1 37  ? 1.815   0.241   -12.254 1.00 9.86  ? 37  LEU A CG  1 
ATOM   286  C CD1 . LEU A 1 37  ? 3.206   0.764   -11.984 1.00 10.90 ? 37  LEU A CD1 1 
ATOM   287  C CD2 . LEU A 1 37  ? 1.647   -0.095  -13.730 1.00 10.45 ? 37  LEU A CD2 1 
ATOM   288  N N   . ALA A 1 38  ? 0.829   1.323   -9.068  1.00 9.58  ? 38  ALA A N   1 
ATOM   289  C CA  . ALA A 1 38  ? -0.119  2.330   -8.600  1.00 10.18 ? 38  ALA A CA  1 
ATOM   290  C C   . ALA A 1 38  ? -0.531  3.406   -9.596  1.00 11.04 ? 38  ALA A C   1 
ATOM   291  O O   . ALA A 1 38  ? -1.577  4.039   -9.436  1.00 11.39 ? 38  ALA A O   1 
ATOM   292  C CB  . ALA A 1 38  ? 0.437   2.996   -7.342  1.00 10.53 ? 38  ALA A CB  1 
ATOM   293  N N   . GLU A 1 39  ? 0.289   3.622   -10.615 1.00 11.59 ? 39  GLU A N   1 
ATOM   294  C CA  . GLU A 1 39  ? 0.014   4.640   -11.626 1.00 12.66 ? 39  GLU A CA  1 
ATOM   295  C C   . GLU A 1 39  ? 0.828   4.370   -12.880 1.00 12.90 ? 39  GLU A C   1 
ATOM   296  O O   . GLU A 1 39  ? 1.704   3.507   -12.884 1.00 11.93 ? 39  GLU A O   1 
ATOM   297  C CB  . GLU A 1 39  ? 0.364   6.029   -11.081 1.00 14.66 ? 39  GLU A CB  1 
ATOM   298  C CG  . GLU A 1 39  ? -0.824  6.819   -10.564 1.00 18.16 ? 39  GLU A CG  1 
ATOM   299  C CD  . GLU A 1 39  ? -1.765  7.257   -11.680 1.00 18.91 ? 39  GLU A CD  1 
ATOM   300  O OE1 . GLU A 1 39  ? -2.794  7.889   -11.372 1.00 22.33 ? 39  GLU A OE1 1 
ATOM   301  O OE2 . GLU A 1 39  ? -1.468  6.976   -12.860 1.00 21.24 ? 39  GLU A OE2 1 
ATOM   302  N N   . LYS A 1 40  ? 0.535   5.111   -13.943 1.00 13.68 ? 40  LYS A N   1 
ATOM   303  C CA  . LYS A 1 40  ? 1.254   4.952   -15.198 1.00 15.08 ? 40  LYS A CA  1 
ATOM   304  C C   . LYS A 1 40  ? 2.736   5.251   -14.987 1.00 15.40 ? 40  LYS A C   1 
ATOM   305  O O   . LYS A 1 40  ? 3.096   6.296   -14.449 1.00 15.59 ? 40  LYS A O   1 
ATOM   306  C CB  . LYS A 1 40  ? 0.680   5.902   -16.254 1.00 15.86 ? 40  LYS A CB  1 
ATOM   307  C CG  . LYS A 1 40  ? 1.442   5.909   -17.566 1.00 17.70 ? 40  LYS A CG  1 
ATOM   308  C CD  . LYS A 1 40  ? 0.805   6.864   -18.564 1.00 18.14 ? 40  LYS A CD  1 
ATOM   309  C CE  . LYS A 1 40  ? 1.654   7.008   -19.812 1.00 19.11 ? 40  LYS A CE  1 
ATOM   310  N NZ  . LYS A 1 40  ? 1.976   5.689   -20.419 1.00 20.32 ? 40  LYS A NZ  1 
ATOM   311  N N   . PRO A 1 41  ? 3.613   4.326   -15.403 1.00 16.37 ? 41  PRO A N   1 
ATOM   312  C CA  . PRO A 1 41  ? 5.059   4.510   -15.254 1.00 17.43 ? 41  PRO A CA  1 
ATOM   313  C C   . PRO A 1 41  ? 5.553   5.839   -15.815 1.00 18.51 ? 41  PRO A C   1 
ATOM   314  O O   . PRO A 1 41  ? 5.199   6.228   -16.929 1.00 18.27 ? 41  PRO A O   1 
ATOM   315  C CB  . PRO A 1 41  ? 5.631   3.314   -16.006 1.00 16.98 ? 41  PRO A CB  1 
ATOM   316  C CG  . PRO A 1 41  ? 4.623   2.251   -15.737 1.00 17.06 ? 41  PRO A CG  1 
ATOM   317  C CD  . PRO A 1 41  ? 3.308   2.985   -15.933 1.00 16.60 ? 41  PRO A CD  1 
ATOM   318  N N   . PHE A 1 42  ? 6.376   6.524   -15.031 1.00 19.61 ? 42  PHE A N   1 
ATOM   319  C CA  . PHE A 1 42  ? 6.939   7.806   -15.426 1.00 21.17 ? 42  PHE A CA  1 
ATOM   320  C C   . PHE A 1 42  ? 5.895   8.885   -15.693 1.00 21.86 ? 42  PHE A C   1 
ATOM   321  O O   . PHE A 1 42  ? 6.141   9.829   -16.443 1.00 22.88 ? 42  PHE A O   1 
ATOM   322  C CB  . PHE A 1 42  ? 7.848   7.630   -16.646 1.00 21.89 ? 42  PHE A CB  1 
ATOM   323  C CG  . PHE A 1 42  ? 9.168   6.983   -16.325 1.00 22.83 ? 42  PHE A CG  1 
ATOM   324  C CD1 . PHE A 1 42  ? 9.273   5.603   -16.178 1.00 23.42 ? 42  PHE A CD1 1 
ATOM   325  C CD2 . PHE A 1 42  ? 10.301  7.763   -16.124 1.00 23.79 ? 42  PHE A CD2 1 
ATOM   326  C CE1 . PHE A 1 42  ? 10.492  5.008   -15.846 1.00 23.59 ? 42  PHE A CE1 1 
ATOM   327  C CE2 . PHE A 1 42  ? 11.523  7.181   -15.792 1.00 23.80 ? 42  PHE A CE2 1 
ATOM   328  C CZ  . PHE A 1 42  ? 11.615  5.801   -15.647 1.00 24.06 ? 42  PHE A CZ  1 
ATOM   329  N N   . SER A 1 43  ? 4.730   8.741   -15.070 1.00 22.43 ? 43  SER A N   1 
ATOM   330  C CA  . SER A 1 43  ? 3.664   9.722   -15.209 1.00 22.76 ? 43  SER A CA  1 
ATOM   331  C C   . SER A 1 43  ? 3.819   10.759  -14.108 1.00 22.80 ? 43  SER A C   1 
ATOM   332  O O   . SER A 1 43  ? 4.297   10.448  -13.018 1.00 21.66 ? 43  SER A O   1 
ATOM   333  C CB  . SER A 1 43  ? 2.297   9.056   -15.079 1.00 23.14 ? 43  SER A CB  1 
ATOM   334  O OG  . SER A 1 43  ? 1.279   10.039  -15.015 1.00 24.97 ? 43  SER A OG  1 
ATOM   335  N N   . ILE A 1 44  ? 3.402   11.988  -14.394 1.00 23.01 ? 44  ILE A N   1 
ATOM   336  C CA  . ILE A 1 44  ? 3.498   13.077  -13.429 1.00 23.33 ? 44  ILE A CA  1 
ATOM   337  C C   . ILE A 1 44  ? 2.721   12.723  -12.158 1.00 22.42 ? 44  ILE A C   1 
ATOM   338  O O   . ILE A 1 44  ? 3.048   13.183  -11.064 1.00 22.63 ? 44  ILE A O   1 
ATOM   339  C CB  . ILE A 1 44  ? 2.945   14.394  -14.050 1.00 24.71 ? 44  ILE A CB  1 
ATOM   340  C CG1 . ILE A 1 44  ? 3.447   15.613  -13.268 1.00 25.89 ? 44  ILE A CG1 1 
ATOM   341  C CG2 . ILE A 1 44  ? 1.420   14.351  -14.098 1.00 25.18 ? 44  ILE A CG2 1 
ATOM   342  C CD1 . ILE A 1 44  ? 2.772   15.844  -11.930 1.00 27.22 ? 44  ILE A CD1 1 
ATOM   343  N N   . ASN A 1 45  ? 1.706   11.880  -12.315 1.00 21.28 ? 45  ASN A N   1 
ATOM   344  C CA  . ASN A 1 45  ? 0.862   11.459  -11.207 1.00 20.07 ? 45  ASN A CA  1 
ATOM   345  C C   . ASN A 1 45  ? 1.505   10.390  -10.329 1.00 18.23 ? 45  ASN A C   1 
ATOM   346  O O   . ASN A 1 45  ? 1.013   10.093  -9.242  1.00 18.93 ? 45  ASN A O   1 
ATOM   347  C CB  . ASN A 1 45  ? -0.476  10.958  -11.750 1.00 21.88 ? 45  ASN A CB  1 
ATOM   348  C CG  . ASN A 1 45  ? -1.240  12.042  -12.483 1.00 23.94 ? 45  ASN A CG  1 
ATOM   349  O OD1 . ASN A 1 45  ? -1.565  13.077  -11.904 1.00 25.76 ? 45  ASN A OD1 1 
ATOM   350  N ND2 . ASN A 1 45  ? -1.520  11.816  -13.764 1.00 24.24 ? 45  ASN A ND2 1 
ATOM   351  N N   . SER A 1 46  ? 2.604   9.812   -10.802 1.00 15.73 ? 46  SER A N   1 
ATOM   352  C CA  . SER A 1 46  ? 3.310   8.791   -10.032 1.00 13.81 ? 46  SER A CA  1 
ATOM   353  C C   . SER A 1 46  ? 4.111   9.444   -8.921  1.00 13.14 ? 46  SER A C   1 
ATOM   354  O O   . SER A 1 46  ? 5.011   10.238  -9.183  1.00 12.77 ? 46  SER A O   1 
ATOM   355  C CB  . SER A 1 46  ? 4.259   7.994   -10.929 1.00 14.47 ? 46  SER A CB  1 
ATOM   356  O OG  . SER A 1 46  ? 3.549   7.157   -11.815 1.00 15.16 ? 46  SER A OG  1 
ATOM   357  N N   . THR A 1 47  ? 3.775   9.112   -7.678  1.00 11.58 ? 47  THR A N   1 
ATOM   358  C CA  . THR A 1 47  ? 4.483   9.657   -6.527  1.00 11.35 ? 47  THR A CA  1 
ATOM   359  C C   . THR A 1 47  ? 4.600   8.588   -5.455  1.00 10.54 ? 47  THR A C   1 
ATOM   360  O O   . THR A 1 47  ? 3.903   7.575   -5.490  1.00 10.57 ? 47  THR A O   1 
ATOM   361  C CB  . THR A 1 47  ? 3.756   10.876  -5.907  1.00 11.42 ? 47  THR A CB  1 
ATOM   362  O OG1 . THR A 1 47  ? 2.636   10.427  -5.136  1.00 11.53 ? 47  THR A OG1 1 
ATOM   363  C CG2 . THR A 1 47  ? 3.266   11.817  -6.990  1.00 12.46 ? 47  THR A CG2 1 
ATOM   364  N N   . ASN A 1 48  ? 5.493   8.820   -4.505  1.00 10.94 ? 48  ASN A N   1 
ATOM   365  C CA  . ASN A 1 48  ? 5.704   7.891   -3.408  1.00 11.08 ? 48  ASN A CA  1 
ATOM   366  C C   . ASN A 1 48  ? 4.430   7.730   -2.575  1.00 11.29 ? 48  ASN A C   1 
ATOM   367  O O   . ASN A 1 48  ? 4.029   6.613   -2.259  1.00 10.71 ? 48  ASN A O   1 
ATOM   368  C CB  . ASN A 1 48  ? 6.846   8.393   -2.520  1.00 11.67 ? 48  ASN A CB  1 
ATOM   369  C CG  . ASN A 1 48  ? 7.073   7.522   -1.300  1.00 12.43 ? 48  ASN A CG  1 
ATOM   370  O OD1 . ASN A 1 48  ? 7.050   8.008   -0.163  1.00 14.66 ? 48  ASN A OD1 1 
ATOM   371  N ND2 . ASN A 1 48  ? 7.297   6.234   -1.523  1.00 11.35 ? 48  ASN A ND2 1 
ATOM   372  N N   . ASN A 1 49  ? 3.789   8.838   -2.220  1.00 11.12 ? 49  ASN A N   1 
ATOM   373  C CA  . ASN A 1 49  ? 2.579   8.747   -1.405  1.00 11.26 ? 49  ASN A CA  1 
ATOM   374  C C   . ASN A 1 49  ? 1.434   8.040   -2.116  1.00 11.16 ? 49  ASN A C   1 
ATOM   375  O O   . ASN A 1 49  ? 0.631   7.358   -1.479  1.00 11.12 ? 49  ASN A O   1 
ATOM   376  C CB  . ASN A 1 49  ? 2.145   10.133  -0.920  1.00 12.56 ? 49  ASN A CB  1 
ATOM   377  C CG  . ASN A 1 49  ? 3.123   10.725  0.086   1.00 13.18 ? 49  ASN A CG  1 
ATOM   378  O OD1 . ASN A 1 49  ? 3.757   9.995   0.867   1.00 15.55 ? 49  ASN A OD1 1 
ATOM   379  N ND2 . ASN A 1 49  ? 3.227   12.042  0.102   1.00 12.82 ? 49  ASN A ND2 1 
ATOM   380  N N   . VAL A 1 50  ? 1.346   8.208   -3.432  1.00 10.43 ? 50  VAL A N   1 
ATOM   381  C CA  . VAL A 1 50  ? 0.312   7.530   -4.204  1.00 10.42 ? 50  VAL A CA  1 
ATOM   382  C C   . VAL A 1 50  ? 0.587   6.033   -4.131  1.00 10.02 ? 50  VAL A C   1 
ATOM   383  O O   . VAL A 1 50  ? -0.337  5.226   -3.996  1.00 9.80  ? 50  VAL A O   1 
ATOM   384  C CB  . VAL A 1 50  ? 0.316   7.983   -5.680  1.00 11.22 ? 50  VAL A CB  1 
ATOM   385  C CG1 . VAL A 1 50  ? -0.417  6.970   -6.548  1.00 11.67 ? 50  VAL A CG1 1 
ATOM   386  C CG2 . VAL A 1 50  ? -0.356  9.347   -5.798  1.00 11.62 ? 50  VAL A CG2 1 
ATOM   387  N N   . ALA A 1 51  ? 1.858   5.655   -4.212  1.00 9.19  ? 51  ALA A N   1 
ATOM   388  C CA  . ALA A 1 51  ? 2.221   4.242   -4.138  1.00 9.26  ? 51  ALA A CA  1 
ATOM   389  C C   . ALA A 1 51  ? 1.897   3.676   -2.756  1.00 9.55  ? 51  ALA A C   1 
ATOM   390  O O   . ALA A 1 51  ? 1.347   2.578   -2.635  1.00 9.17  ? 51  ALA A O   1 
ATOM   391  C CB  . ALA A 1 51  ? 3.714   4.075   -4.437  1.00 8.18  ? 51  ALA A CB  1 
ATOM   392  N N   . GLU A 1 52  ? 2.230   4.431   -1.714  1.00 9.93  ? 52  GLU A N   1 
ATOM   393  C CA  . GLU A 1 52  ? 1.973   3.969   -0.355  1.00 9.37  ? 52  GLU A CA  1 
ATOM   394  C C   . GLU A 1 52  ? 0.476   3.831   -0.073  1.00 9.30  ? 52  GLU A C   1 
ATOM   395  O O   . GLU A 1 52  ? 0.044   2.855   0.544   1.00 9.36  ? 52  GLU A O   1 
ATOM   396  C CB  . GLU A 1 52  ? 2.667   4.904   0.643   1.00 9.62  ? 52  GLU A CB  1 
ATOM   397  C CG  . GLU A 1 52  ? 4.176   4.998   0.343   1.00 10.70 ? 52  GLU A CG  1 
ATOM   398  C CD  . GLU A 1 52  ? 4.946   5.906   1.286   1.00 11.44 ? 52  GLU A CD  1 
ATOM   399  O OE1 . GLU A 1 52  ? 4.444   7.000   1.606   1.00 12.19 ? 52  GLU A OE1 1 
ATOM   400  O OE2 . GLU A 1 52  ? 6.080   5.544   1.671   1.00 11.76 ? 52  GLU A OE2 1 
ATOM   401  N N   . TYR A 1 53  ? -0.321  4.792   -0.531  1.00 9.44  ? 53  TYR A N   1 
ATOM   402  C CA  . TYR A 1 53  ? -1.759  4.696   -0.327  1.00 9.32  ? 53  TYR A CA  1 
ATOM   403  C C   . TYR A 1 53  ? -2.320  3.496   -1.073  1.00 9.37  ? 53  TYR A C   1 
ATOM   404  O O   . TYR A 1 53  ? -3.225  2.825   -0.592  1.00 9.63  ? 53  TYR A O   1 
ATOM   405  C CB  . TYR A 1 53  ? -2.475  5.956   -0.815  1.00 9.49  ? 53  TYR A CB  1 
ATOM   406  C CG  . TYR A 1 53  ? -2.849  6.899   0.293   1.00 9.37  ? 53  TYR A CG  1 
ATOM   407  C CD1 . TYR A 1 53  ? -2.113  8.060   0.529   1.00 10.33 ? 53  TYR A CD1 1 
ATOM   408  C CD2 . TYR A 1 53  ? -3.930  6.618   1.127   1.00 10.21 ? 53  TYR A CD2 1 
ATOM   409  C CE1 . TYR A 1 53  ? -2.450  8.919   1.570   1.00 11.10 ? 53  TYR A CE1 1 
ATOM   410  C CE2 . TYR A 1 53  ? -4.270  7.470   2.171   1.00 11.12 ? 53  TYR A CE2 1 
ATOM   411  C CZ  . TYR A 1 53  ? -3.526  8.615   2.383   1.00 11.41 ? 53  TYR A CZ  1 
ATOM   412  O OH  . TYR A 1 53  ? -3.868  9.467   3.417   1.00 12.82 ? 53  TYR A OH  1 
ATOM   413  N N   . SER A 1 54  ? -1.778  3.231   -2.256  1.00 9.25  ? 54  SER A N   1 
ATOM   414  C CA  . SER A 1 54  ? -2.252  2.115   -3.061  1.00 10.14 ? 54  SER A CA  1 
ATOM   415  C C   . SER A 1 54  ? -1.940  0.782   -2.389  1.00 10.12 ? 54  SER A C   1 
ATOM   416  O O   . SER A 1 54  ? -2.739  -0.154  -2.452  1.00 9.98  ? 54  SER A O   1 
ATOM   417  C CB  . SER A 1 54  ? -1.641  2.183   -4.457  1.00 9.65  ? 54  SER A CB  1 
ATOM   418  O OG  . SER A 1 54  ? -2.091  3.360   -5.128  1.00 10.40 ? 54  SER A OG  1 
ATOM   419  N N   . GLY A 1 55  ? -0.780  0.698   -1.741  1.00 9.80  ? 55  GLY A N   1 
ATOM   420  C CA  . GLY A 1 55  ? -0.425  -0.522  -1.034  1.00 9.96  ? 55  GLY A CA  1 
ATOM   421  C C   . GLY A 1 55  ? -1.366  -0.715  0.141   1.00 10.15 ? 55  GLY A C   1 
ATOM   422  O O   . GLY A 1 55  ? -1.805  -1.829  0.421   1.00 10.03 ? 55  GLY A O   1 
ATOM   423  N N   . LEU A 1 56  ? -1.674  0.376   0.837   1.00 9.94  ? 56  LEU A N   1 
ATOM   424  C CA  . LEU A 1 56  ? -2.584  0.321   1.984   1.00 9.16  ? 56  LEU A CA  1 
ATOM   425  C C   . LEU A 1 56  ? -3.960  -0.152  1.543   1.00 9.24  ? 56  LEU A C   1 
ATOM   426  O O   . LEU A 1 56  ? -4.572  -1.004  2.191   1.00 9.15  ? 56  LEU A O   1 
ATOM   427  C CB  . LEU A 1 56  ? -2.705  1.705   2.637   1.00 10.16 ? 56  LEU A CB  1 
ATOM   428  C CG  . LEU A 1 56  ? -3.823  1.889   3.661   1.00 10.12 ? 56  LEU A CG  1 
ATOM   429  C CD1 . LEU A 1 56  ? -3.639  0.938   4.843   1.00 10.79 ? 56  LEU A CD1 1 
ATOM   430  C CD2 . LEU A 1 56  ? -3.835  3.333   4.145   1.00 9.96  ? 56  LEU A CD2 1 
ATOM   431  N N   . ILE A 1 57  ? -4.440  0.412   0.439   1.00 9.46  ? 57  ILE A N   1 
ATOM   432  C CA  . ILE A 1 57  ? -5.750  0.067   -0.098  1.00 9.93  ? 57  ILE A CA  1 
ATOM   433  C C   . ILE A 1 57  ? -5.815  -1.389  -0.541  1.00 10.25 ? 57  ILE A C   1 
ATOM   434  O O   . ILE A 1 57  ? -6.781  -2.086  -0.240  1.00 11.27 ? 57  ILE A O   1 
ATOM   435  C CB  . ILE A 1 57  ? -6.117  0.996   -1.275  1.00 9.92  ? 57  ILE A CB  1 
ATOM   436  C CG1 . ILE A 1 57  ? -6.384  2.411   -0.738  1.00 10.48 ? 57  ILE A CG1 1 
ATOM   437  C CG2 . ILE A 1 57  ? -7.345  0.469   -2.002  1.00 10.42 ? 57  ILE A CG2 1 
ATOM   438  C CD1 . ILE A 1 57  ? -6.431  3.477   -1.822  1.00 10.97 ? 57  ILE A CD1 1 
ATOM   439  N N   . CYS A 1 58  ? -4.791  -1.862  -1.244  1.00 10.87 ? 58  CYS A N   1 
ATOM   440  C CA  . CYS A 1 58  ? -4.805  -3.251  -1.683  1.00 10.28 ? 58  CYS A CA  1 
ATOM   441  C C   . CYS A 1 58  ? -4.774  -4.207  -0.501  1.00 10.25 ? 58  CYS A C   1 
ATOM   442  O O   . CYS A 1 58  ? -5.433  -5.250  -0.518  1.00 11.35 ? 58  CYS A O   1 
ATOM   443  C CB  . CYS A 1 58  ? -3.634  -3.533  -2.605  1.00 11.86 ? 58  CYS A CB  1 
ATOM   444  S SG  . CYS A 1 58  ? -3.927  -2.948  -4.306  1.00 13.76 ? 58  CYS A SG  1 
ATOM   445  N N   . LEU A 1 59  ? -4.025  -3.836  0.532   1.00 9.64  ? 59  LEU A N   1 
ATOM   446  C CA  . LEU A 1 59  ? -3.927  -4.650  1.730   1.00 9.73  ? 59  LEU A CA  1 
ATOM   447  C C   . LEU A 1 59  ? -5.292  -4.779  2.387   1.00 10.34 ? 59  LEU A C   1 
ATOM   448  O O   . LEU A 1 59  ? -5.731  -5.879  2.733   1.00 10.87 ? 59  LEU A O   1 
ATOM   449  C CB  . LEU A 1 59  ? -2.943  -4.015  2.715   1.00 9.53  ? 59  LEU A CB  1 
ATOM   450  C CG  . LEU A 1 59  ? -2.929  -4.626  4.122   1.00 9.18  ? 59  LEU A CG  1 
ATOM   451  C CD1 . LEU A 1 59  ? -2.509  -6.088  4.052   1.00 10.67 ? 59  LEU A CD1 1 
ATOM   452  C CD2 . LEU A 1 59  ? -1.971  -3.843  5.004   1.00 9.78  ? 59  LEU A CD2 1 
ATOM   453  N N   . MET A 1 60  ? -5.968  -3.650  2.558   1.00 11.13 ? 60  MET A N   1 
ATOM   454  C CA  . MET A 1 60  ? -7.276  -3.663  3.196   1.00 11.34 ? 60  MET A CA  1 
ATOM   455  C C   . MET A 1 60  ? -8.368  -4.295  2.348   1.00 11.74 ? 60  MET A C   1 
ATOM   456  O O   . MET A 1 60  ? -9.261  -4.949  2.889   1.00 12.50 ? 60  MET A O   1 
ATOM   457  C CB  . MET A 1 60  ? -7.673  -2.248  3.606   1.00 11.43 ? 60  MET A CB  1 
ATOM   458  C CG  . MET A 1 60  ? -6.810  -1.692  4.726   1.00 12.29 ? 60  MET A CG  1 
ATOM   459  S SD  . MET A 1 60  ? -7.580  -0.317  5.597   1.00 12.88 ? 60  MET A SD  1 
ATOM   460  C CE  . MET A 1 60  ? -7.342  0.966   4.404   1.00 11.75 ? 60  MET A CE  1 
ATOM   461  N N   . GLU A 1 61  ? -8.311  -4.111  1.032   1.00 11.77 ? 61  GLU A N   1 
ATOM   462  C CA  . GLU A 1 61  ? -9.324  -4.719  0.174   1.00 12.62 ? 61  GLU A CA  1 
ATOM   463  C C   . GLU A 1 61  ? -9.173  -6.231  0.253   1.00 12.23 ? 61  GLU A C   1 
ATOM   464  O O   . GLU A 1 61  ? -10.162 -6.959  0.271   1.00 12.56 ? 61  GLU A O   1 
ATOM   465  C CB  . GLU A 1 61  ? -9.178  -4.255  -1.278  1.00 14.02 ? 61  GLU A CB  1 
ATOM   466  C CG  . GLU A 1 61  ? -9.453  -2.774  -1.465  1.00 16.64 ? 61  GLU A CG  1 
ATOM   467  C CD  . GLU A 1 61  ? -9.578  -2.377  -2.915  1.00 19.68 ? 61  GLU A CD  1 
ATOM   468  O OE1 . GLU A 1 61  ? -8.777  -2.868  -3.741  1.00 21.36 ? 61  GLU A OE1 1 
ATOM   469  O OE2 . GLU A 1 61  ? -10.467 -1.553  -3.227  1.00 21.65 ? 61  GLU A OE2 1 
ATOM   470  N N   . THR A 1 62  ? -7.931  -6.702  0.308   1.00 12.21 ? 62  THR A N   1 
ATOM   471  C CA  . THR A 1 62  ? -7.684  -8.134  0.399   1.00 12.31 ? 62  THR A CA  1 
ATOM   472  C C   . THR A 1 62  ? -8.198  -8.666  1.737   1.00 12.46 ? 62  THR A C   1 
ATOM   473  O O   . THR A 1 62  ? -8.820  -9.730  1.792   1.00 12.23 ? 62  THR A O   1 
ATOM   474  C CB  . THR A 1 62  ? -6.180  -8.449  0.253   1.00 12.14 ? 62  THR A CB  1 
ATOM   475  O OG1 . THR A 1 62  ? -5.714  -7.950  -1.007  1.00 12.52 ? 62  THR A OG1 1 
ATOM   476  C CG2 . THR A 1 62  ? -5.937  -9.953  0.311   1.00 12.30 ? 62  THR A CG2 1 
ATOM   477  N N   . MET A 1 63  ? -7.957  -7.931  2.817   1.00 12.49 ? 63  MET A N   1 
ATOM   478  C CA  . MET A 1 63  ? -8.431  -8.372  4.126   1.00 13.09 ? 63  MET A CA  1 
ATOM   479  C C   . MET A 1 63  ? -9.956  -8.449  4.149   1.00 14.11 ? 63  MET A C   1 
ATOM   480  O O   . MET A 1 63  ? -10.529 -9.389  4.694   1.00 14.26 ? 63  MET A O   1 
ATOM   481  C CB  . MET A 1 63  ? -7.942  -7.426  5.224   1.00 13.46 ? 63  MET A CB  1 
ATOM   482  C CG  . MET A 1 63  ? -6.441  -7.426  5.395   1.00 14.50 ? 63  MET A CG  1 
ATOM   483  S SD  . MET A 1 63  ? -5.948  -6.307  6.707   1.00 15.29 ? 63  MET A SD  1 
ATOM   484  C CE  . MET A 1 63  ? -4.593  -7.188  7.413   1.00 15.40 ? 63  MET A CE  1 
ATOM   485  N N   . LEU A 1 64  ? -10.614 -7.462  3.547   1.00 14.80 ? 64  LEU A N   1 
ATOM   486  C CA  . LEU A 1 64  ? -12.072 -7.445  3.514   1.00 15.84 ? 64  LEU A CA  1 
ATOM   487  C C   . LEU A 1 64  ? -12.611 -8.646  2.734   1.00 16.01 ? 64  LEU A C   1 
ATOM   488  O O   . LEU A 1 64  ? -13.549 -9.310  3.176   1.00 16.74 ? 64  LEU A O   1 
ATOM   489  C CB  . LEU A 1 64  ? -12.573 -6.149  2.873   1.00 16.20 ? 64  LEU A CB  1 
ATOM   490  C CG  . LEU A 1 64  ? -14.079 -5.895  2.932   1.00 17.43 ? 64  LEU A CG  1 
ATOM   491  C CD1 . LEU A 1 64  ? -14.496 -5.595  4.370   1.00 17.80 ? 64  LEU A CD1 1 
ATOM   492  C CD2 . LEU A 1 64  ? -14.433 -4.723  2.029   1.00 18.10 ? 64  LEU A CD2 1 
ATOM   493  N N   . ARG A 1 65  ? -12.010 -8.917  1.580   1.00 16.07 ? 65  ARG A N   1 
ATOM   494  C CA  . ARG A 1 65  ? -12.420 -10.031 0.733   1.00 16.79 ? 65  ARG A CA  1 
ATOM   495  C C   . ARG A 1 65  ? -12.272 -11.363 1.464   1.00 16.15 ? 65  ARG A C   1 
ATOM   496  O O   . ARG A 1 65  ? -13.067 -12.289 1.272   1.00 16.74 ? 65  ARG A O   1 
ATOM   497  C CB  . ARG A 1 65  ? -11.581 -10.058 -0.549  1.00 18.95 ? 65  ARG A CB  1 
ATOM   498  C CG  . ARG A 1 65  ? -11.811 -8.883  -1.490  1.00 22.14 ? 65  ARG A CG  1 
ATOM   499  C CD  . ARG A 1 65  ? -10.735 -8.826  -2.569  1.00 25.11 ? 65  ARG A CD  1 
ATOM   500  N NE  . ARG A 1 65  ? -10.958 -7.746  -3.529  1.00 27.31 ? 65  ARG A NE  1 
ATOM   501  C CZ  . ARG A 1 65  ? -11.918 -7.747  -4.449  1.00 28.28 ? 65  ARG A CZ  1 
ATOM   502  N NH1 . ARG A 1 65  ? -12.753 -8.776  -4.543  1.00 28.80 ? 65  ARG A NH1 1 
ATOM   503  N NH2 . ARG A 1 65  ? -12.051 -6.716  -5.272  1.00 29.58 ? 65  ARG A NH2 1 
ATOM   504  N N   . LEU A 1 66  ? -11.249 -11.460 2.304   1.00 15.51 ? 66  LEU A N   1 
ATOM   505  C CA  . LEU A 1 66  ? -10.989 -12.686 3.055   1.00 15.54 ? 66  LEU A CA  1 
ATOM   506  C C   . LEU A 1 66  ? -11.889 -12.841 4.271   1.00 15.18 ? 66  LEU A C   1 
ATOM   507  O O   . LEU A 1 66  ? -12.025 -13.939 4.806   1.00 14.70 ? 66  LEU A O   1 
ATOM   508  C CB  . LEU A 1 66  ? -9.529  -12.724 3.514   1.00 15.94 ? 66  LEU A CB  1 
ATOM   509  C CG  . LEU A 1 66  ? -8.463  -12.923 2.435   1.00 16.99 ? 66  LEU A CG  1 
ATOM   510  C CD1 . LEU A 1 66  ? -7.087  -12.729 3.049   1.00 18.64 ? 66  LEU A CD1 1 
ATOM   511  C CD2 . LEU A 1 66  ? -8.595  -14.310 1.833   1.00 18.60 ? 66  LEU A CD2 1 
ATOM   512  N N   . GLY A 1 67  ? -12.500 -11.746 4.707   1.00 15.26 ? 67  GLY A N   1 
ATOM   513  C CA  . GLY A 1 67  ? -13.370 -11.812 5.865   1.00 15.68 ? 67  GLY A CA  1 
ATOM   514  C C   . GLY A 1 67  ? -12.652 -11.500 7.165   1.00 16.09 ? 67  GLY A C   1 
ATOM   515  O O   . GLY A 1 67  ? -13.127 -11.847 8.247   1.00 16.79 ? 67  GLY A O   1 
ATOM   516  N N   . ILE A 1 68  ? -11.499 -10.847 7.065   1.00 16.15 ? 68  ILE A N   1 
ATOM   517  C CA  . ILE A 1 68  ? -10.729 -10.476 8.245   1.00 16.62 ? 68  ILE A CA  1 
ATOM   518  C C   . ILE A 1 68  ? -11.352 -9.236  8.870   1.00 17.25 ? 68  ILE A C   1 
ATOM   519  O O   . ILE A 1 68  ? -11.806 -8.341  8.159   1.00 17.59 ? 68  ILE A O   1 
ATOM   520  C CB  . ILE A 1 68  ? -9.259  -10.173 7.872   1.00 16.61 ? 68  ILE A CB  1 
ATOM   521  C CG1 . ILE A 1 68  ? -8.589  -11.450 7.363   1.00 17.11 ? 68  ILE A CG1 1 
ATOM   522  C CG2 . ILE A 1 68  ? -8.520  -9.587  9.080   1.00 16.83 ? 68  ILE A CG2 1 
ATOM   523  C CD1 . ILE A 1 68  ? -7.174  -11.256 6.860   1.00 16.94 ? 68  ILE A CD1 1 
ATOM   524  N N   . SER A 1 69  ? -11.378 -9.186  10.198  1.00 17.77 ? 69  SER A N   1 
ATOM   525  C CA  . SER A 1 69  ? -11.957 -8.043  10.891  1.00 17.81 ? 69  SER A CA  1 
ATOM   526  C C   . SER A 1 69  ? -11.057 -7.564  12.026  1.00 17.63 ? 69  SER A C   1 
ATOM   527  O O   . SER A 1 69  ? -10.297 -8.342  12.604  1.00 17.50 ? 69  SER A O   1 
ATOM   528  C CB  . SER A 1 69  ? -13.343 -8.411  11.431  1.00 19.13 ? 69  SER A CB  1 
ATOM   529  O OG  . SER A 1 69  ? -14.055 -7.253  11.840  1.00 21.17 ? 69  SER A OG  1 
ATOM   530  N N   . SER A 1 70  ? -11.147 -6.271  12.331  1.00 16.85 ? 70  SER A N   1 
ATOM   531  C CA  . SER A 1 70  ? -10.347 -5.645  13.380  1.00 16.83 ? 70  SER A CA  1 
ATOM   532  C C   . SER A 1 70  ? -8.859  -5.975  13.295  1.00 16.06 ? 70  SER A C   1 
ATOM   533  O O   . SER A 1 70  ? -8.231  -6.353  14.286  1.00 16.83 ? 70  SER A O   1 
ATOM   534  C CB  . SER A 1 70  ? -10.886 -6.034  14.757  1.00 17.00 ? 70  SER A CB  1 
ATOM   535  O OG  . SER A 1 70  ? -12.170 -5.479  14.962  1.00 18.27 ? 70  SER A OG  1 
ATOM   536  N N   . PRO A 1 71  ? -8.268  -5.825  12.101  1.00 15.79 ? 71  PRO A N   1 
ATOM   537  C CA  . PRO A 1 71  ? -6.845  -6.123  11.951  1.00 15.55 ? 71  PRO A CA  1 
ATOM   538  C C   . PRO A 1 71  ? -5.971  -4.955  12.383  1.00 15.04 ? 71  PRO A C   1 
ATOM   539  O O   . PRO A 1 71  ? -6.458  -3.844  12.601  1.00 15.06 ? 71  PRO A O   1 
ATOM   540  C CB  . PRO A 1 71  ? -6.721  -6.394  10.461  1.00 15.44 ? 71  PRO A CB  1 
ATOM   541  C CG  . PRO A 1 71  ? -7.641  -5.357  9.889   1.00 15.23 ? 71  PRO A CG  1 
ATOM   542  C CD  . PRO A 1 71  ? -8.865  -5.451  10.804  1.00 15.59 ? 71  PRO A CD  1 
ATOM   543  N N   . ILE A 1 72  ? -4.678  -5.230  12.507  1.00 15.01 ? 72  ILE A N   1 
ATOM   544  C CA  . ILE A 1 72  ? -3.687  -4.225  12.856  1.00 15.17 ? 72  ILE A CA  1 
ATOM   545  C C   . ILE A 1 72  ? -2.854  -4.044  11.593  1.00 14.95 ? 72  ILE A C   1 
ATOM   546  O O   . ILE A 1 72  ? -2.282  -5.007  11.082  1.00 15.55 ? 72  ILE A O   1 
ATOM   547  C CB  . ILE A 1 72  ? -2.776  -4.704  13.998  1.00 16.48 ? 72  ILE A CB  1 
ATOM   548  C CG1 . ILE A 1 72  ? -3.620  -5.005  15.238  1.00 17.55 ? 72  ILE A CG1 1 
ATOM   549  C CG2 . ILE A 1 72  ? -1.718  -3.650  14.301  1.00 16.86 ? 72  ILE A CG2 1 
ATOM   550  C CD1 . ILE A 1 72  ? -4.486  -3.852  15.690  1.00 19.33 ? 72  ILE A CD1 1 
ATOM   551  N N   . ILE A 1 73  ? -2.813  -2.815  11.084  1.00 14.20 ? 73  ILE A N   1 
ATOM   552  C CA  . ILE A 1 73  ? -2.068  -2.498  9.865   1.00 14.22 ? 73  ILE A CA  1 
ATOM   553  C C   . ILE A 1 73  ? -0.850  -1.650  10.198  1.00 13.72 ? 73  ILE A C   1 
ATOM   554  O O   . ILE A 1 73  ? -0.968  -0.615  10.849  1.00 14.51 ? 73  ILE A O   1 
ATOM   555  C CB  . ILE A 1 73  ? -2.954  -1.726  8.864   1.00 14.59 ? 73  ILE A CB  1 
ATOM   556  C CG1 . ILE A 1 73  ? -4.127  -2.606  8.418   1.00 15.55 ? 73  ILE A CG1 1 
ATOM   557  C CG2 . ILE A 1 73  ? -2.125  -1.275  7.662   1.00 14.95 ? 73  ILE A CG2 1 
ATOM   558  C CD1 . ILE A 1 73  ? -5.130  -1.890  7.558   1.00 16.82 ? 73  ILE A CD1 1 
ATOM   559  N N   . LYS A 1 74  ? 0.314   -2.096  9.741   1.00 13.08 ? 74  LYS A N   1 
ATOM   560  C CA  . LYS A 1 74  ? 1.560   -1.390  10.002  1.00 13.25 ? 74  LYS A CA  1 
ATOM   561  C C   . LYS A 1 74  ? 2.240   -0.944  8.714   1.00 12.56 ? 74  LYS A C   1 
ATOM   562  O O   . LYS A 1 74  ? 2.155   -1.612  7.685   1.00 12.43 ? 74  LYS A O   1 
ATOM   563  C CB  . LYS A 1 74  ? 2.512   -2.288  10.794  1.00 14.25 ? 74  LYS A CB  1 
ATOM   564  C CG  . LYS A 1 74  ? 1.996   -2.658  12.179  1.00 16.47 ? 74  LYS A CG  1 
ATOM   565  C CD  . LYS A 1 74  ? 3.015   -3.485  12.947  1.00 19.01 ? 74  LYS A CD  1 
ATOM   566  C CE  . LYS A 1 74  ? 2.586   -3.690  14.392  1.00 20.88 ? 74  LYS A CE  1 
ATOM   567  N NZ  . LYS A 1 74  ? 3.608   -4.447  15.167  1.00 23.05 ? 74  LYS A NZ  1 
ATOM   568  N N   . GLY A 1 75  ? 2.910   0.202   8.787   1.00 12.61 ? 75  GLY A N   1 
ATOM   569  C CA  . GLY A 1 75  ? 3.630   0.736   7.644   1.00 12.47 ? 75  GLY A CA  1 
ATOM   570  C C   . GLY A 1 75  ? 4.628   1.769   8.128   1.00 12.63 ? 75  GLY A C   1 
ATOM   571  O O   . GLY A 1 75  ? 4.492   2.275   9.244   1.00 11.63 ? 75  GLY A O   1 
ATOM   572  N N   . ASP A 1 76  ? 5.632   2.082   7.314   1.00 12.17 ? 76  ASP A N   1 
ATOM   573  C CA  . ASP A 1 76  ? 6.630   3.069   7.720   1.00 12.98 ? 76  ASP A CA  1 
ATOM   574  C C   . ASP A 1 76  ? 6.338   4.462   7.166   1.00 12.77 ? 76  ASP A C   1 
ATOM   575  O O   . ASP A 1 76  ? 7.108   5.395   7.395   1.00 12.83 ? 76  ASP A O   1 
ATOM   576  C CB  . ASP A 1 76  ? 8.036   2.633   7.292   1.00 14.31 ? 76  ASP A CB  1 
ATOM   577  C CG  . ASP A 1 76  ? 8.211   2.606   5.786   1.00 16.33 ? 76  ASP A CG  1 
ATOM   578  O OD1 . ASP A 1 76  ? 9.372   2.667   5.330   1.00 19.87 ? 76  ASP A OD1 1 
ATOM   579  O OD2 . ASP A 1 76  ? 7.201   2.519   5.071   1.00 19.41 ? 76  ASP A OD2 1 
ATOM   580  N N   . SER A 1 77  ? 5.229   4.603   6.444   1.00 11.75 ? 77  SER A N   1 
ATOM   581  C CA  . SER A 1 77  ? 4.844   5.901   5.902   1.00 11.69 ? 77  SER A CA  1 
ATOM   582  C C   . SER A 1 77  ? 4.060   6.671   6.959   1.00 11.81 ? 77  SER A C   1 
ATOM   583  O O   . SER A 1 77  ? 2.850   6.496   7.092   1.00 11.19 ? 77  SER A O   1 
ATOM   584  C CB  . SER A 1 77  ? 3.982   5.738   4.652   1.00 11.97 ? 77  SER A CB  1 
ATOM   585  O OG  . SER A 1 77  ? 3.563   7.013   4.171   1.00 12.27 ? 77  SER A OG  1 
ATOM   586  N N   . GLN A 1 78  ? 4.754   7.519   7.710   1.00 11.83 ? 78  GLN A N   1 
ATOM   587  C CA  . GLN A 1 78  ? 4.110   8.311   8.752   1.00 12.93 ? 78  GLN A CA  1 
ATOM   588  C C   . GLN A 1 78  ? 3.097   9.261   8.116   1.00 12.75 ? 78  GLN A C   1 
ATOM   589  O O   . GLN A 1 78  ? 2.054   9.566   8.704   1.00 12.79 ? 78  GLN A O   1 
ATOM   590  C CB  . GLN A 1 78  ? 5.157   9.107   9.537   1.00 14.00 ? 78  GLN A CB  1 
ATOM   591  C CG  . GLN A 1 78  ? 4.610   9.782   10.783  1.00 16.53 ? 78  GLN A CG  1 
ATOM   592  C CD  . GLN A 1 78  ? 4.241   8.782   11.863  1.00 17.48 ? 78  GLN A CD  1 
ATOM   593  O OE1 . GLN A 1 78  ? 5.039   8.491   12.758  1.00 19.92 ? 78  GLN A OE1 1 
ATOM   594  N NE2 . GLN A 1 78  ? 3.036   8.239   11.777  1.00 18.19 ? 78  GLN A NE2 1 
ATOM   595  N N   . LEU A 1 79  ? 3.398   9.722   6.906   1.00 12.64 ? 79  LEU A N   1 
ATOM   596  C CA  . LEU A 1 79  ? 2.503   10.629  6.197   1.00 13.16 ? 79  LEU A CA  1 
ATOM   597  C C   . LEU A 1 79  ? 1.134   9.988   6.003   1.00 13.06 ? 79  LEU A C   1 
ATOM   598  O O   . LEU A 1 79  ? 0.111   10.561  6.371   1.00 13.25 ? 79  LEU A O   1 
ATOM   599  C CB  . LEU A 1 79  ? 3.120   11.014  4.844   1.00 14.45 ? 79  LEU A CB  1 
ATOM   600  C CG  . LEU A 1 79  ? 2.369   11.952  3.884   1.00 15.21 ? 79  LEU A CG  1 
ATOM   601  C CD1 . LEU A 1 79  ? 1.242   11.202  3.182   1.00 16.36 ? 79  LEU A CD1 1 
ATOM   602  C CD2 . LEU A 1 79  ? 1.843   13.158  4.643   1.00 16.67 ? 79  LEU A CD2 1 
ATOM   603  N N   . VAL A 1 80  ? 1.116   8.789   5.431   1.00 12.60 ? 80  VAL A N   1 
ATOM   604  C CA  . VAL A 1 80  ? -0.142  8.089   5.193   1.00 12.66 ? 80  VAL A CA  1 
ATOM   605  C C   . VAL A 1 80  ? -0.854  7.744   6.500   1.00 12.12 ? 80  VAL A C   1 
ATOM   606  O O   . VAL A 1 80  ? -2.062  7.941   6.627   1.00 12.03 ? 80  VAL A O   1 
ATOM   607  C CB  . VAL A 1 80  ? 0.087   6.787   4.380   1.00 12.34 ? 80  VAL A CB  1 
ATOM   608  C CG1 . VAL A 1 80  ? -1.204  5.980   4.294   1.00 12.49 ? 80  VAL A CG1 1 
ATOM   609  C CG2 . VAL A 1 80  ? 0.570   7.137   2.975   1.00 13.30 ? 80  VAL A CG2 1 
ATOM   610  N N   . ILE A 1 81  ? -0.106  7.240   7.474   1.00 12.08 ? 81  ILE A N   1 
ATOM   611  C CA  . ILE A 1 81  ? -0.703  6.861   8.744   1.00 12.62 ? 81  ILE A CA  1 
ATOM   612  C C   . ILE A 1 81  ? -1.318  8.053   9.480   1.00 12.26 ? 81  ILE A C   1 
ATOM   613  O O   . ILE A 1 81  ? -2.441  7.962   9.981   1.00 12.12 ? 81  ILE A O   1 
ATOM   614  C CB  . ILE A 1 81  ? 0.333   6.137   9.625   1.00 13.17 ? 81  ILE A CB  1 
ATOM   615  C CG1 . ILE A 1 81  ? 0.741   4.834   8.930   1.00 15.28 ? 81  ILE A CG1 1 
ATOM   616  C CG2 . ILE A 1 81  ? -0.249  5.837   11.002  1.00 14.27 ? 81  ILE A CG2 1 
ATOM   617  C CD1 . ILE A 1 81  ? 1.926   4.145   9.538   1.00 16.01 ? 81  ILE A CD1 1 
ATOM   618  N N   . LYS A 1 82  ? -0.606  9.174   9.532   1.00 12.69 ? 82  LYS A N   1 
ATOM   619  C CA  . LYS A 1 82  ? -1.147  10.347  10.209  1.00 12.33 ? 82  LYS A CA  1 
ATOM   620  C C   . LYS A 1 82  ? -2.362  10.944  9.500   1.00 12.42 ? 82  LYS A C   1 
ATOM   621  O O   . LYS A 1 82  ? -3.250  11.500  10.148  1.00 12.34 ? 82  LYS A O   1 
ATOM   622  C CB  . LYS A 1 82  ? -0.061  11.406  10.409  1.00 14.14 ? 82  LYS A CB  1 
ATOM   623  C CG  . LYS A 1 82  ? 0.917   11.032  11.513  1.00 15.83 ? 82  LYS A CG  1 
ATOM   624  C CD  . LYS A 1 82  ? 1.906   12.143  11.792  1.00 17.98 ? 82  LYS A CD  1 
ATOM   625  C CE  . LYS A 1 82  ? 2.841   11.788  12.934  1.00 18.69 ? 82  LYS A CE  1 
ATOM   626  N NZ  . LYS A 1 82  ? 3.826   12.879  13.168  1.00 20.13 ? 82  LYS A NZ  1 
ATOM   627  N N   . GLN A 1 83  ? -2.415  10.843  8.176   1.00 11.97 ? 83  GLN A N   1 
ATOM   628  C CA  . GLN A 1 83  ? -3.574  11.355  7.458   1.00 11.76 ? 83  GLN A CA  1 
ATOM   629  C C   . GLN A 1 83  ? -4.748  10.435  7.765   1.00 12.28 ? 83  GLN A C   1 
ATOM   630  O O   . GLN A 1 83  ? -5.850  10.883  8.082   1.00 12.01 ? 83  GLN A O   1 
ATOM   631  C CB  . GLN A 1 83  ? -3.319  11.384  5.946   1.00 12.21 ? 83  GLN A CB  1 
ATOM   632  C CG  . GLN A 1 83  ? -2.248  12.385  5.527   1.00 13.56 ? 83  GLN A CG  1 
ATOM   633  C CD  . GLN A 1 83  ? -2.170  12.543  4.023   1.00 14.87 ? 83  GLN A CD  1 
ATOM   634  O OE1 . GLN A 1 83  ? -2.282  11.569  3.285   1.00 16.21 ? 83  GLN A OE1 1 
ATOM   635  N NE2 . GLN A 1 83  ? -1.959  13.771  3.562   1.00 15.39 ? 83  GLN A NE2 1 
ATOM   636  N N   . MET A 1 84  ? -4.497  9.135   7.691   1.00 12.25 ? 84  MET A N   1 
ATOM   637  C CA  . MET A 1 84  ? -5.537  8.149   7.952   1.00 12.93 ? 84  MET A CA  1 
ATOM   638  C C   . MET A 1 84  ? -6.092  8.250   9.366   1.00 13.41 ? 84  MET A C   1 
ATOM   639  O O   . MET A 1 84  ? -7.286  8.045   9.581   1.00 14.63 ? 84  MET A O   1 
ATOM   640  C CB  . MET A 1 84  ? -4.991  6.738   7.712   1.00 12.13 ? 84  MET A CB  1 
ATOM   641  C CG  . MET A 1 84  ? -4.804  6.373   6.231   1.00 13.06 ? 84  MET A CG  1 
ATOM   642  S SD  . MET A 1 84  ? -6.335  6.396   5.275   1.00 11.93 ? 84  MET A SD  1 
ATOM   643  C CE  . MET A 1 84  ? -7.271  5.063   6.115   1.00 12.62 ? 84  MET A CE  1 
ATOM   644  N N   . ASN A 1 85  ? -5.229  8.559   10.329  1.00 13.63 ? 85  ASN A N   1 
ATOM   645  C CA  . ASN A 1 85  ? -5.670  8.663   11.718  1.00 14.08 ? 85  ASN A CA  1 
ATOM   646  C C   . ASN A 1 85  ? -6.191  10.047  12.101  1.00 14.63 ? 85  ASN A C   1 
ATOM   647  O O   . ASN A 1 85  ? -6.472  10.313  13.271  1.00 15.07 ? 85  ASN A O   1 
ATOM   648  C CB  . ASN A 1 85  ? -4.550  8.226   12.659  1.00 14.11 ? 85  ASN A CB  1 
ATOM   649  C CG  . ASN A 1 85  ? -4.321  6.728   12.611  1.00 14.35 ? 85  ASN A CG  1 
ATOM   650  O OD1 . ASN A 1 85  ? -5.220  5.976   12.228  1.00 14.70 ? 85  ASN A OD1 1 
ATOM   651  N ND2 . ASN A 1 85  ? -3.137  6.284   13.015  1.00 14.40 ? 85  ASN A ND2 1 
ATOM   652  N N   . GLY A 1 86  ? -6.318  10.922  11.107  1.00 14.66 ? 86  GLY A N   1 
ATOM   653  C CA  . GLY A 1 86  ? -6.857  12.250  11.342  1.00 15.14 ? 86  GLY A CA  1 
ATOM   654  C C   . GLY A 1 86  ? -5.972  13.315  11.956  1.00 15.11 ? 86  GLY A C   1 
ATOM   655  O O   . GLY A 1 86  ? -6.491  14.299  12.490  1.00 15.36 ? 86  GLY A O   1 
ATOM   656  N N   . GLU A 1 87  ? -4.655  13.139  11.885  1.00 15.00 ? 87  GLU A N   1 
ATOM   657  C CA  . GLU A 1 87  ? -3.722  14.119  12.445  1.00 15.45 ? 87  GLU A CA  1 
ATOM   658  C C   . GLU A 1 87  ? -3.254  15.108  11.375  1.00 14.60 ? 87  GLU A C   1 
ATOM   659  O O   . GLU A 1 87  ? -2.940  16.259  11.678  1.00 14.11 ? 87  GLU A O   1 
ATOM   660  C CB  . GLU A 1 87  ? -2.506  13.412  13.055  1.00 17.07 ? 87  GLU A CB  1 
ATOM   661  C CG  . GLU A 1 87  ? -2.852  12.338  14.083  1.00 21.38 ? 87  GLU A CG  1 
ATOM   662  C CD  . GLU A 1 87  ? -1.626  11.738  14.747  1.00 23.44 ? 87  GLU A CD  1 
ATOM   663  O OE1 . GLU A 1 87  ? -1.702  10.564  15.174  1.00 25.50 ? 87  GLU A OE1 1 
ATOM   664  O OE2 . GLU A 1 87  ? -0.592  12.437  14.859  1.00 24.83 ? 87  GLU A OE2 1 
ATOM   665  N N   . TYR A 1 88  ? -3.203  14.644  10.128  1.00 13.45 ? 88  TYR A N   1 
ATOM   666  C CA  . TYR A 1 88  ? -2.789  15.468  8.990   1.00 13.27 ? 88  TYR A CA  1 
ATOM   667  C C   . TYR A 1 88  ? -3.965  15.579  8.026   1.00 13.63 ? 88  TYR A C   1 
ATOM   668  O O   . TYR A 1 88  ? -4.681  14.607  7.808   1.00 13.68 ? 88  TYR A O   1 
ATOM   669  C CB  . TYR A 1 88  ? -1.625  14.816  8.238   1.00 12.52 ? 88  TYR A CB  1 
ATOM   670  C CG  . TYR A 1 88  ? -0.266  14.869  8.895   1.00 12.89 ? 88  TYR A CG  1 
ATOM   671  C CD1 . TYR A 1 88  ? 0.816   14.190  8.330   1.00 13.63 ? 88  TYR A CD1 1 
ATOM   672  C CD2 . TYR A 1 88  ? -0.041  15.620  10.053  1.00 13.32 ? 88  TYR A CD2 1 
ATOM   673  C CE1 . TYR A 1 88  ? 2.085   14.257  8.895   1.00 14.40 ? 88  TYR A CE1 1 
ATOM   674  C CE2 . TYR A 1 88  ? 1.232   15.691  10.621  1.00 13.93 ? 88  TYR A CE2 1 
ATOM   675  C CZ  . TYR A 1 88  ? 2.288   15.005  10.032  1.00 13.99 ? 88  TYR A CZ  1 
ATOM   676  O OH  . TYR A 1 88  ? 3.552   15.078  10.585  1.00 14.14 ? 88  TYR A OH  1 
ATOM   677  N N   . LYS A 1 89  ? -4.154  16.754  7.440   1.00 14.18 ? 89  LYS A N   1 
ATOM   678  C CA  . LYS A 1 89  ? -5.240  16.945  6.496   1.00 16.24 ? 89  LYS A CA  1 
ATOM   679  C C   . LYS A 1 89  ? -4.829  16.453  5.118   1.00 16.62 ? 89  LYS A C   1 
ATOM   680  O O   . LYS A 1 89  ? -3.641  16.338  4.816   1.00 16.96 ? 89  LYS A O   1 
ATOM   681  C CB  . LYS A 1 89  ? -5.633  18.420  6.413   1.00 17.47 ? 89  LYS A CB  1 
ATOM   682  C CG  . LYS A 1 89  ? -6.178  18.987  7.711   1.00 20.41 ? 89  LYS A CG  1 
ATOM   683  C CD  . LYS A 1 89  ? -6.808  20.351  7.491   1.00 22.67 ? 89  LYS A CD  1 
ATOM   684  C CE  . LYS A 1 89  ? -8.029  20.248  6.584   1.00 23.59 ? 89  LYS A CE  1 
ATOM   685  N NZ  . LYS A 1 89  ? -8.684  21.569  6.356   1.00 25.63 ? 89  LYS A NZ  1 
ATOM   686  N N   . VAL A 1 90  ? -5.822  16.155  4.284   1.00 17.24 ? 90  VAL A N   1 
ATOM   687  C CA  . VAL A 1 90  ? -5.566  15.682  2.928   1.00 18.27 ? 90  VAL A CA  1 
ATOM   688  C C   . VAL A 1 90  ? -6.102  16.708  1.932   1.00 18.76 ? 90  VAL A C   1 
ATOM   689  O O   . VAL A 1 90  ? -7.303  16.969  1.892   1.00 19.37 ? 90  VAL A O   1 
ATOM   690  C CB  . VAL A 1 90  ? -6.259  14.328  2.670   1.00 18.01 ? 90  VAL A CB  1 
ATOM   691  C CG1 . VAL A 1 90  ? -6.015  13.887  1.232   1.00 18.15 ? 90  VAL A CG1 1 
ATOM   692  C CG2 . VAL A 1 90  ? -5.731  13.280  3.640   1.00 18.47 ? 90  VAL A CG2 1 
ATOM   693  N N   . LYS A 1 91  ? -5.207  17.283  1.133   1.00 19.84 ? 91  LYS A N   1 
ATOM   694  C CA  . LYS A 1 91  ? -5.600  18.281  0.141   1.00 20.64 ? 91  LYS A CA  1 
ATOM   695  C C   . LYS A 1 91  ? -5.117  17.972  -1.273  1.00 20.14 ? 91  LYS A C   1 
ATOM   696  O O   . LYS A 1 91  ? -5.679  18.483  -2.239  1.00 20.01 ? 91  LYS A O   1 
ATOM   697  C CB  . LYS A 1 91  ? -5.105  19.672  0.552   1.00 22.17 ? 91  LYS A CB  1 
ATOM   698  C CG  . LYS A 1 91  ? -5.938  20.335  1.637   1.00 24.07 ? 91  LYS A CG  1 
ATOM   699  C CD  . LYS A 1 91  ? -5.450  21.750  1.911   1.00 25.68 ? 91  LYS A CD  1 
ATOM   700  C CE  . LYS A 1 91  ? -6.388  22.488  2.853   1.00 26.90 ? 91  LYS A CE  1 
ATOM   701  N NZ  . LYS A 1 91  ? -6.536  21.781  4.153   1.00 27.40 ? 91  LYS A NZ  1 
ATOM   702  N N   . ALA A 1 92  ? -4.082  17.146  -1.395  1.00 19.91 ? 92  ALA A N   1 
ATOM   703  C CA  . ALA A 1 92  ? -3.553  16.785  -2.710  1.00 19.84 ? 92  ALA A CA  1 
ATOM   704  C C   . ALA A 1 92  ? -4.656  16.141  -3.547  1.00 19.66 ? 92  ALA A C   1 
ATOM   705  O O   . ALA A 1 92  ? -5.185  15.092  -3.187  1.00 19.15 ? 92  ALA A O   1 
ATOM   706  C CB  . ALA A 1 92  ? -2.377  15.826  -2.556  1.00 20.34 ? 92  ALA A CB  1 
ATOM   707  N N   . LYS A 1 93  ? -4.998  16.766  -4.670  1.00 19.97 ? 93  LYS A N   1 
ATOM   708  C CA  . LYS A 1 93  ? -6.061  16.259  -5.533  1.00 20.41 ? 93  LYS A CA  1 
ATOM   709  C C   . LYS A 1 93  ? -5.959  14.784  -5.905  1.00 20.11 ? 93  LYS A C   1 
ATOM   710  O O   . LYS A 1 93  ? -6.968  14.086  -5.954  1.00 20.04 ? 93  LYS A O   1 
ATOM   711  C CB  . LYS A 1 93  ? -6.144  17.112  -6.800  1.00 21.99 ? 93  LYS A CB  1 
ATOM   712  C CG  . LYS A 1 93  ? -6.686  18.506  -6.537  1.00 24.23 ? 93  LYS A CG  1 
ATOM   713  C CD  . LYS A 1 93  ? -8.139  18.444  -6.091  1.00 25.71 ? 93  LYS A CD  1 
ATOM   714  C CE  . LYS A 1 93  ? -8.578  19.749  -5.460  1.00 26.65 ? 93  LYS A CE  1 
ATOM   715  N NZ  . LYS A 1 93  ? -7.764  20.043  -4.247  1.00 27.96 ? 93  LYS A NZ  1 
ATOM   716  N N   . ARG A 1 94  ? -4.742  14.318  -6.163  1.00 19.85 ? 94  ARG A N   1 
ATOM   717  C CA  . ARG A 1 94  ? -4.507  12.927  -6.531  1.00 19.61 ? 94  ARG A CA  1 
ATOM   718  C C   . ARG A 1 94  ? -4.630  12.004  -5.322  1.00 18.16 ? 94  ARG A C   1 
ATOM   719  O O   . ARG A 1 94  ? -4.948  10.823  -5.460  1.00 17.66 ? 94  ARG A O   1 
ATOM   720  C CB  . ARG A 1 94  ? -3.111  12.787  -7.143  1.00 21.75 ? 94  ARG A CB  1 
ATOM   721  C CG  . ARG A 1 94  ? -2.692  11.366  -7.487  1.00 25.05 ? 94  ARG A CG  1 
ATOM   722  C CD  . ARG A 1 94  ? -3.573  10.759  -8.560  1.00 26.98 ? 94  ARG A CD  1 
ATOM   723  N NE  . ARG A 1 94  ? -3.641  11.593  -9.758  1.00 29.27 ? 94  ARG A NE  1 
ATOM   724  C CZ  . ARG A 1 94  ? -4.190  11.202  -10.903 1.00 30.18 ? 94  ARG A CZ  1 
ATOM   725  N NH1 . ARG A 1 94  ? -4.714  9.988   -11.006 1.00 30.77 ? 94  ARG A NH1 1 
ATOM   726  N NH2 . ARG A 1 94  ? -4.227  12.027  -11.940 1.00 31.47 ? 94  ARG A NH2 1 
ATOM   727  N N   . ILE A 1 95  ? -4.380  12.549  -4.136  1.00 16.17 ? 95  ILE A N   1 
ATOM   728  C CA  . ILE A 1 95  ? -4.451  11.767  -2.911  1.00 14.77 ? 95  ILE A CA  1 
ATOM   729  C C   . ILE A 1 95  ? -5.871  11.661  -2.357  1.00 14.61 ? 95  ILE A C   1 
ATOM   730  O O   . ILE A 1 95  ? -6.251  10.628  -1.808  1.00 13.87 ? 95  ILE A O   1 
ATOM   731  C CB  . ILE A 1 95  ? -3.524  12.370  -1.828  1.00 14.99 ? 95  ILE A CB  1 
ATOM   732  C CG1 . ILE A 1 95  ? -2.073  12.337  -2.316  1.00 15.07 ? 95  ILE A CG1 1 
ATOM   733  C CG2 . ILE A 1 95  ? -3.657  11.594  -0.519  1.00 14.78 ? 95  ILE A CG2 1 
ATOM   734  C CD1 . ILE A 1 95  ? -1.487  10.933  -2.435  1.00 14.63 ? 95  ILE A CD1 1 
ATOM   735  N N   . ILE A 1 96  ? -6.658  12.718  -2.518  1.00 14.04 ? 96  ILE A N   1 
ATOM   736  C CA  . ILE A 1 96  ? -8.027  12.732  -2.013  1.00 14.56 ? 96  ILE A CA  1 
ATOM   737  C C   . ILE A 1 96  ? -8.834  11.462  -2.294  1.00 14.36 ? 96  ILE A C   1 
ATOM   738  O O   . ILE A 1 96  ? -9.400  10.875  -1.372  1.00 14.40 ? 96  ILE A O   1 
ATOM   739  C CB  . ILE A 1 96  ? -8.800  13.959  -2.545  1.00 15.04 ? 96  ILE A CB  1 
ATOM   740  C CG1 . ILE A 1 96  ? -8.210  15.229  -1.936  1.00 16.26 ? 96  ILE A CG1 1 
ATOM   741  C CG2 . ILE A 1 96  ? -10.279 13.835  -2.207  1.00 15.35 ? 96  ILE A CG2 1 
ATOM   742  C CD1 . ILE A 1 96  ? -8.826  16.513  -2.450  1.00 17.42 ? 96  ILE A CD1 1 
ATOM   743  N N   . PRO A 1 97  ? -8.897  11.018  -3.563  1.00 14.58 ? 97  PRO A N   1 
ATOM   744  C CA  . PRO A 1 97  ? -9.659  9.804   -3.884  1.00 15.06 ? 97  PRO A CA  1 
ATOM   745  C C   . PRO A 1 97  ? -9.122  8.550   -3.192  1.00 14.49 ? 97  PRO A C   1 
ATOM   746  O O   . PRO A 1 97  ? -9.891  7.684   -2.777  1.00 14.59 ? 97  PRO A O   1 
ATOM   747  C CB  . PRO A 1 97  ? -9.547  9.719   -5.404  1.00 15.81 ? 97  PRO A CB  1 
ATOM   748  C CG  . PRO A 1 97  ? -8.228  10.377  -5.685  1.00 16.51 ? 97  PRO A CG  1 
ATOM   749  C CD  . PRO A 1 97  ? -8.288  11.583  -4.780  1.00 15.40 ? 97  PRO A CD  1 
ATOM   750  N N   . LEU A 1 98  ? -7.800  8.458   -3.074  1.00 13.96 ? 98  LEU A N   1 
ATOM   751  C CA  . LEU A 1 98  ? -7.180  7.307   -2.431  1.00 13.24 ? 98  LEU A CA  1 
ATOM   752  C C   . LEU A 1 98  ? -7.487  7.311   -0.942  1.00 12.70 ? 98  LEU A C   1 
ATOM   753  O O   . LEU A 1 98  ? -7.799  6.275   -0.349  1.00 12.35 ? 98  LEU A O   1 
ATOM   754  C CB  . LEU A 1 98  ? -5.668  7.332   -2.649  1.00 13.88 ? 98  LEU A CB  1 
ATOM   755  C CG  . LEU A 1 98  ? -5.226  7.192   -4.103  1.00 14.23 ? 98  LEU A CG  1 
ATOM   756  C CD1 . LEU A 1 98  ? -3.737  7.433   -4.195  1.00 14.78 ? 98  LEU A CD1 1 
ATOM   757  C CD2 . LEU A 1 98  ? -5.591  5.807   -4.630  1.00 14.76 ? 98  LEU A CD2 1 
ATOM   758  N N   . TYR A 1 99  ? -7.389  8.488   -0.337  1.00 12.63 ? 99  TYR A N   1 
ATOM   759  C CA  . TYR A 1 99  ? -7.666  8.653   1.081   1.00 12.64 ? 99  TYR A CA  1 
ATOM   760  C C   . TYR A 1 99  ? -9.117  8.293   1.400   1.00 12.75 ? 99  TYR A C   1 
ATOM   761  O O   . TYR A 1 99  ? -9.393  7.560   2.351   1.00 12.19 ? 99  TYR A O   1 
ATOM   762  C CB  . TYR A 1 99  ? -7.378  10.104  1.497   1.00 13.50 ? 99  TYR A CB  1 
ATOM   763  C CG  . TYR A 1 99  ? -7.950  10.487  2.843   1.00 13.46 ? 99  TYR A CG  1 
ATOM   764  C CD1 . TYR A 1 99  ? -7.365  10.040  4.027   1.00 13.88 ? 99  TYR A CD1 1 
ATOM   765  C CD2 . TYR A 1 99  ? -9.093  11.281  2.930   1.00 14.94 ? 99  TYR A CD2 1 
ATOM   766  C CE1 . TYR A 1 99  ? -7.906  10.377  5.269   1.00 15.22 ? 99  TYR A CE1 1 
ATOM   767  C CE2 . TYR A 1 99  ? -9.644  11.620  4.164   1.00 15.91 ? 99  TYR A CE2 1 
ATOM   768  C CZ  . TYR A 1 99  ? -9.045  11.164  5.328   1.00 15.90 ? 99  TYR A CZ  1 
ATOM   769  O OH  . TYR A 1 99  ? -9.595  11.495  6.548   1.00 17.79 ? 99  TYR A OH  1 
ATOM   770  N N   . GLU A 1 100 ? -10.051 8.796   0.599   1.00 12.92 ? 100 GLU A N   1 
ATOM   771  C CA  . GLU A 1 100 ? -11.461 8.514   0.854   1.00 13.59 ? 100 GLU A CA  1 
ATOM   772  C C   . GLU A 1 100 ? -11.778 7.029   0.739   1.00 13.80 ? 100 GLU A C   1 
ATOM   773  O O   . GLU A 1 100 ? -12.566 6.499   1.522   1.00 14.54 ? 100 GLU A O   1 
ATOM   774  C CB  . GLU A 1 100 ? -12.342 9.348   -0.079  1.00 13.88 ? 100 GLU A CB  1 
ATOM   775  C CG  . GLU A 1 100 ? -12.075 10.836  0.096   1.00 15.81 ? 100 GLU A CG  1 
ATOM   776  C CD  . GLU A 1 100 ? -13.099 11.723  -0.572  1.00 15.98 ? 100 GLU A CD  1 
ATOM   777  O OE1 . GLU A 1 100 ? -13.644 11.330  -1.623  1.00 17.42 ? 100 GLU A OE1 1 
ATOM   778  O OE2 . GLU A 1 100 ? -13.341 12.831  -0.045  1.00 16.99 ? 100 GLU A OE2 1 
ATOM   779  N N   . LYS A 1 101 ? -11.150 6.353   -0.219  1.00 13.87 ? 101 LYS A N   1 
ATOM   780  C CA  . LYS A 1 101 ? -11.375 4.923   -0.382  1.00 14.08 ? 101 LYS A CA  1 
ATOM   781  C C   . LYS A 1 101 ? -10.764 4.177   0.802   1.00 13.80 ? 101 LYS A C   1 
ATOM   782  O O   . LYS A 1 101 ? -11.368 3.253   1.349   1.00 14.01 ? 101 LYS A O   1 
ATOM   783  C CB  . LYS A 1 101 ? -10.752 4.436   -1.690  1.00 14.99 ? 101 LYS A CB  1 
ATOM   784  C CG  . LYS A 1 101 ? -10.914 2.946   -1.939  1.00 17.11 ? 101 LYS A CG  1 
ATOM   785  C CD  . LYS A 1 101 ? -10.414 2.562   -3.322  1.00 19.86 ? 101 LYS A CD  1 
ATOM   786  C CE  . LYS A 1 101 ? -11.290 3.156   -4.416  1.00 21.09 ? 101 LYS A CE  1 
ATOM   787  N NZ  . LYS A 1 101 ? -10.780 2.826   -5.780  1.00 22.49 ? 101 LYS A NZ  1 
ATOM   788  N N   . ALA A 1 102 ? -9.565  4.580   1.205   1.00 13.05 ? 102 ALA A N   1 
ATOM   789  C CA  . ALA A 1 102 ? -8.897  3.929   2.327   1.00 12.43 ? 102 ALA A CA  1 
ATOM   790  C C   . ALA A 1 102 ? -9.689  4.104   3.622   1.00 12.77 ? 102 ALA A C   1 
ATOM   791  O O   . ALA A 1 102 ? -9.759  3.192   4.442   1.00 12.88 ? 102 ALA A O   1 
ATOM   792  C CB  . ALA A 1 102 ? -7.483  4.487   2.496   1.00 12.12 ? 102 ALA A CB  1 
ATOM   793  N N   . ILE A 1 103 ? -10.282 5.279   3.802   1.00 13.28 ? 103 ILE A N   1 
ATOM   794  C CA  . ILE A 1 103 ? -11.067 5.560   4.999   1.00 14.62 ? 103 ILE A CA  1 
ATOM   795  C C   . ILE A 1 103 ? -12.295 4.658   5.098   1.00 14.97 ? 103 ILE A C   1 
ATOM   796  O O   . ILE A 1 103 ? -12.636 4.184   6.180   1.00 14.96 ? 103 ILE A O   1 
ATOM   797  C CB  . ILE A 1 103 ? -11.523 7.038   5.027   1.00 15.27 ? 103 ILE A CB  1 
ATOM   798  C CG1 . ILE A 1 103 ? -10.341 7.937   5.391   1.00 16.22 ? 103 ILE A CG1 1 
ATOM   799  C CG2 . ILE A 1 103 ? -12.677 7.219   6.011   1.00 16.26 ? 103 ILE A CG2 1 
ATOM   800  C CD1 . ILE A 1 103 ? -9.830  7.746   6.809   1.00 17.34 ? 103 ILE A CD1 1 
ATOM   801  N N   . GLU A 1 104 ? -12.961 4.425   3.973   1.00 15.61 ? 104 GLU A N   1 
ATOM   802  C CA  . GLU A 1 104 ? -14.143 3.568   3.983   1.00 16.38 ? 104 GLU A CA  1 
ATOM   803  C C   . GLU A 1 104 ? -13.763 2.130   4.300   1.00 15.92 ? 104 GLU A C   1 
ATOM   804  O O   . GLU A 1 104 ? -14.504 1.425   4.978   1.00 16.25 ? 104 GLU A O   1 
ATOM   805  C CB  . GLU A 1 104 ? -14.872 3.647   2.642   1.00 17.97 ? 104 GLU A CB  1 
ATOM   806  C CG  . GLU A 1 104 ? -15.479 5.015   2.386   1.00 20.95 ? 104 GLU A CG  1 
ATOM   807  C CD  . GLU A 1 104 ? -16.410 5.458   3.503   1.00 22.38 ? 104 GLU A CD  1 
ATOM   808  O OE1 . GLU A 1 104 ? -16.371 6.653   3.871   1.00 23.28 ? 104 GLU A OE1 1 
ATOM   809  O OE2 . GLU A 1 104 ? -17.187 4.620   4.013   1.00 23.70 ? 104 GLU A OE2 1 
ATOM   810  N N   . LEU A 1 105 ? -12.605 1.696   3.811   1.00 15.28 ? 105 LEU A N   1 
ATOM   811  C CA  . LEU A 1 105 ? -12.135 0.343   4.075   1.00 14.46 ? 105 LEU A CA  1 
ATOM   812  C C   . LEU A 1 105 ? -11.728 0.216   5.540   1.00 14.63 ? 105 LEU A C   1 
ATOM   813  O O   . LEU A 1 105 ? -11.997 -0.796  6.190   1.00 13.91 ? 105 LEU A O   1 
ATOM   814  C CB  . LEU A 1 105 ? -10.946 0.010   3.167   1.00 14.53 ? 105 LEU A CB  1 
ATOM   815  C CG  . LEU A 1 105 ? -11.275 -0.215  1.690   1.00 15.05 ? 105 LEU A CG  1 
ATOM   816  C CD1 . LEU A 1 105 ? -10.006 -0.141  0.853   1.00 14.63 ? 105 LEU A CD1 1 
ATOM   817  C CD2 . LEU A 1 105 ? -11.954 -1.570  1.521   1.00 15.23 ? 105 LEU A CD2 1 
ATOM   818  N N   . LYS A 1 106 ? -11.079 1.249   6.063   1.00 14.74 ? 106 LYS A N   1 
ATOM   819  C CA  . LYS A 1 106 ? -10.649 1.240   7.457   1.00 15.33 ? 106 LYS A CA  1 
ATOM   820  C C   . LYS A 1 106 ? -11.859 1.074   8.373   1.00 15.99 ? 106 LYS A C   1 
ATOM   821  O O   . LYS A 1 106 ? -11.816 0.319   9.345   1.00 15.39 ? 106 LYS A O   1 
ATOM   822  C CB  . LYS A 1 106 ? -9.910  2.542   7.779   1.00 15.98 ? 106 LYS A CB  1 
ATOM   823  C CG  . LYS A 1 106 ? -9.352  2.617   9.187   1.00 17.29 ? 106 LYS A CG  1 
ATOM   824  C CD  . LYS A 1 106 ? -8.594  3.918   9.389   1.00 18.49 ? 106 LYS A CD  1 
ATOM   825  C CE  . LYS A 1 106 ? -7.980  3.993   10.773  1.00 20.17 ? 106 LYS A CE  1 
ATOM   826  N NZ  . LYS A 1 106 ? -9.021  3.964   11.829  1.00 22.22 ? 106 LYS A NZ  1 
ATOM   827  N N   . LYS A 1 107 ? -12.940 1.778   8.052   1.00 16.44 ? 107 LYS A N   1 
ATOM   828  C CA  . LYS A 1 107 ? -14.163 1.710   8.847   1.00 17.31 ? 107 LYS A CA  1 
ATOM   829  C C   . LYS A 1 107 ? -14.826 0.338   8.742   1.00 17.01 ? 107 LYS A C   1 
ATOM   830  O O   . LYS A 1 107 ? -15.245 -0.232  9.750   1.00 17.35 ? 107 LYS A O   1 
ATOM   831  C CB  . LYS A 1 107 ? -15.142 2.798   8.399   1.00 18.61 ? 107 LYS A CB  1 
ATOM   832  C CG  . LYS A 1 107 ? -14.646 4.206   8.690   1.00 21.57 ? 107 LYS A CG  1 
ATOM   833  C CD  . LYS A 1 107 ? -15.623 5.259   8.202   1.00 23.32 ? 107 LYS A CD  1 
ATOM   834  C CE  . LYS A 1 107 ? -15.090 6.659   8.469   1.00 24.85 ? 107 LYS A CE  1 
ATOM   835  N NZ  . LYS A 1 107 ? -15.985 7.713   7.916   1.00 26.16 ? 107 LYS A NZ  1 
ATOM   836  N N   . LYS A 1 108 ? -14.914 -0.187  7.523   1.00 16.73 ? 108 LYS A N   1 
ATOM   837  C CA  . LYS A 1 108 ? -15.526 -1.494  7.300   1.00 16.93 ? 108 LYS A CA  1 
ATOM   838  C C   . LYS A 1 108 ? -14.760 -2.608  8.003   1.00 16.50 ? 108 LYS A C   1 
ATOM   839  O O   . LYS A 1 108 ? -15.346 -3.606  8.426   1.00 16.93 ? 108 LYS A O   1 
ATOM   840  C CB  . LYS A 1 108 ? -15.605 -1.799  5.805   1.00 18.02 ? 108 LYS A CB  1 
ATOM   841  C CG  . LYS A 1 108 ? -16.635 -0.975  5.060   1.00 20.21 ? 108 LYS A CG  1 
ATOM   842  C CD  . LYS A 1 108 ? -16.776 -1.446  3.625   1.00 21.88 ? 108 LYS A CD  1 
ATOM   843  C CE  . LYS A 1 108 ? -17.929 -0.749  2.927   1.00 23.42 ? 108 LYS A CE  1 
ATOM   844  N NZ  . LYS A 1 108 ? -18.136 -1.292  1.556   1.00 25.24 ? 108 LYS A NZ  1 
ATOM   845  N N   . LEU A 1 109 ? -13.449 -2.439  8.125   1.00 16.15 ? 109 LEU A N   1 
ATOM   846  C CA  . LEU A 1 109 ? -12.612 -3.439  8.778   1.00 16.43 ? 109 LEU A CA  1 
ATOM   847  C C   . LEU A 1 109 ? -12.381 -3.148  10.252  1.00 16.67 ? 109 LEU A C   1 
ATOM   848  O O   . LEU A 1 109 ? -11.973 -4.034  11.007  1.00 17.02 ? 109 LEU A O   1 
ATOM   849  C CB  . LEU A 1 109 ? -11.248 -3.508  8.095   1.00 16.20 ? 109 LEU A CB  1 
ATOM   850  C CG  . LEU A 1 109 ? -11.199 -4.043  6.670   1.00 16.04 ? 109 LEU A CG  1 
ATOM   851  C CD1 . LEU A 1 109 ? -9.837  -3.742  6.070   1.00 16.75 ? 109 LEU A CD1 1 
ATOM   852  C CD2 . LEU A 1 109 ? -11.481 -5.543  6.674   1.00 16.70 ? 109 LEU A CD2 1 
ATOM   853  N N   . ASN A 1 110 ? -12.640 -1.908  10.654  1.00 17.18 ? 110 ASN A N   1 
ATOM   854  C CA  . ASN A 1 110 ? -12.399 -1.484  12.027  1.00 17.40 ? 110 ASN A CA  1 
ATOM   855  C C   . ASN A 1 110 ? -10.909 -1.718  12.264  1.00 16.63 ? 110 ASN A C   1 
ATOM   856  O O   . ASN A 1 110 ? -10.494 -2.216  13.311  1.00 16.69 ? 110 ASN A O   1 
ATOM   857  C CB  . ASN A 1 110 ? -13.232 -2.304  13.019  1.00 19.09 ? 110 ASN A CB  1 
ATOM   858  C CG  . ASN A 1 110 ? -13.108 -1.789  14.443  1.00 20.78 ? 110 ASN A CG  1 
ATOM   859  O OD1 . ASN A 1 110 ? -13.371 -0.618  14.714  1.00 22.20 ? 110 ASN A OD1 1 
ATOM   860  N ND2 . ASN A 1 110 ? -12.707 -2.664  15.361  1.00 21.90 ? 110 ASN A ND2 1 
ATOM   861  N N   . ALA A 1 111 ? -10.107 -1.356  11.267  1.00 15.76 ? 111 ALA A N   1 
ATOM   862  C CA  . ALA A 1 111 ? -8.665  -1.541  11.333  1.00 15.18 ? 111 ALA A CA  1 
ATOM   863  C C   . ALA A 1 111 ? -7.961  -0.429  12.087  1.00 15.22 ? 111 ALA A C   1 
ATOM   864  O O   . ALA A 1 111 ? -8.410  0.716   12.091  1.00 15.51 ? 111 ALA A O   1 
ATOM   865  C CB  . ALA A 1 111 ? -8.090  -1.641  9.922   1.00 15.58 ? 111 ALA A CB  1 
ATOM   866  N N   . THR A 1 112 ? -6.858  -0.780  12.734  1.00 15.05 ? 112 THR A N   1 
ATOM   867  C CA  . THR A 1 112 ? -6.061  0.191   13.461  1.00 15.24 ? 112 THR A CA  1 
ATOM   868  C C   . THR A 1 112 ? -4.738  0.312   12.713  1.00 15.31 ? 112 THR A C   1 
ATOM   869  O O   . THR A 1 112 ? -4.105  -0.695  12.405  1.00 15.66 ? 112 THR A O   1 
ATOM   870  C CB  . THR A 1 112 ? -5.785  -0.266  14.906  1.00 15.82 ? 112 THR A CB  1 
ATOM   871  O OG1 . THR A 1 112 ? -7.027  -0.497  15.581  1.00 17.18 ? 112 THR A OG1 1 
ATOM   872  C CG2 . THR A 1 112 ? -5.012  0.801   15.659  1.00 16.92 ? 112 THR A CG2 1 
ATOM   873  N N   . LEU A 1 113 ? -4.338  1.542   12.394  1.00 14.93 ? 113 LEU A N   1 
ATOM   874  C CA  . LEU A 1 113 ? -3.088  1.780   11.676  1.00 14.62 ? 113 LEU A CA  1 
ATOM   875  C C   . LEU A 1 113 ? -2.002  2.268   12.627  1.00 14.38 ? 113 LEU A C   1 
ATOM   876  O O   . LEU A 1 113 ? -2.206  3.220   13.382  1.00 14.89 ? 113 LEU A O   1 
ATOM   877  C CB  . LEU A 1 113 ? -3.303  2.803   10.557  1.00 14.83 ? 113 LEU A CB  1 
ATOM   878  C CG  . LEU A 1 113 ? -3.921  2.281   9.255   1.00 14.81 ? 113 LEU A CG  1 
ATOM   879  C CD1 . LEU A 1 113 ? -5.336  1.776   9.499   1.00 16.08 ? 113 LEU A CD1 1 
ATOM   880  C CD2 . LEU A 1 113 ? -3.929  3.394   8.216   1.00 15.41 ? 113 LEU A CD2 1 
ATOM   881  N N   . ILE A 1 114 ? -0.850  1.605   12.581  1.00 14.52 ? 114 ILE A N   1 
ATOM   882  C CA  . ILE A 1 114 ? 0.282   1.930   13.442  1.00 14.73 ? 114 ILE A CA  1 
ATOM   883  C C   . ILE A 1 114 ? 1.576   2.107   12.652  1.00 14.34 ? 114 ILE A C   1 
ATOM   884  O O   . ILE A 1 114 ? 1.899   1.307   11.777  1.00 13.59 ? 114 ILE A O   1 
ATOM   885  C CB  . ILE A 1 114 ? 0.526   0.814   14.481  1.00 15.31 ? 114 ILE A CB  1 
ATOM   886  C CG1 . ILE A 1 114 ? -0.709  0.642   15.365  1.00 16.43 ? 114 ILE A CG1 1 
ATOM   887  C CG2 . ILE A 1 114 ? 1.749   1.144   15.323  1.00 16.55 ? 114 ILE A CG2 1 
ATOM   888  C CD1 . ILE A 1 114 ? -0.598  -0.520  16.328  1.00 17.70 ? 114 ILE A CD1 1 
ATOM   889  N N   . TRP A 1 115 ? 2.326   3.151   12.983  1.00 14.20 ? 115 TRP A N   1 
ATOM   890  C CA  . TRP A 1 115 ? 3.585   3.410   12.312  1.00 14.31 ? 115 TRP A CA  1 
ATOM   891  C C   . TRP A 1 115 ? 4.750   2.620   12.903  1.00 14.49 ? 115 TRP A C   1 
ATOM   892  O O   . TRP A 1 115 ? 4.886   2.498   14.124  1.00 15.62 ? 115 TRP A O   1 
ATOM   893  C CB  . TRP A 1 115 ? 3.925   4.904   12.376  1.00 14.16 ? 115 TRP A CB  1 
ATOM   894  C CG  . TRP A 1 115 ? 5.254   5.238   11.769  1.00 15.31 ? 115 TRP A CG  1 
ATOM   895  C CD1 . TRP A 1 115 ? 5.524   5.453   10.449  1.00 15.78 ? 115 TRP A CD1 1 
ATOM   896  C CD2 . TRP A 1 115 ? 6.505   5.347   12.458  1.00 15.75 ? 115 TRP A CD2 1 
ATOM   897  N NE1 . TRP A 1 115 ? 6.868   5.696   10.271  1.00 15.93 ? 115 TRP A NE1 1 
ATOM   898  C CE2 . TRP A 1 115 ? 7.491   5.643   11.489  1.00 15.82 ? 115 TRP A CE2 1 
ATOM   899  C CE3 . TRP A 1 115 ? 6.885   5.241   13.803  1.00 15.51 ? 115 TRP A CE3 1 
ATOM   900  C CZ2 . TRP A 1 115 ? 8.837   5.809   11.821  1.00 16.41 ? 115 TRP A CZ2 1 
ATOM   901  C CZ3 . TRP A 1 115 ? 8.226   5.409   14.131  1.00 15.79 ? 115 TRP A CZ3 1 
ATOM   902  C CH2 . TRP A 1 115 ? 9.183   5.700   13.143  1.00 16.21 ? 115 TRP A CH2 1 
ATOM   903  N N   . VAL A 1 116 ? 5.588   2.084   12.024  1.00 14.73 ? 116 VAL A N   1 
ATOM   904  C CA  . VAL A 1 116 ? 6.777   1.356   12.441  1.00 15.37 ? 116 VAL A CA  1 
ATOM   905  C C   . VAL A 1 116 ? 7.947   1.876   11.611  1.00 15.67 ? 116 VAL A C   1 
ATOM   906  O O   . VAL A 1 116 ? 7.762   2.358   10.491  1.00 15.66 ? 116 VAL A O   1 
ATOM   907  C CB  . VAL A 1 116 ? 6.626   -0.171  12.233  1.00 15.26 ? 116 VAL A CB  1 
ATOM   908  C CG1 . VAL A 1 116 ? 5.472   -0.692  13.075  1.00 16.33 ? 116 VAL A CG1 1 
ATOM   909  C CG2 . VAL A 1 116 ? 6.406   -0.485  10.759  1.00 15.48 ? 116 VAL A CG2 1 
ATOM   910  N N   . PRO A 1 117 ? 9.167   1.806   12.158  1.00 16.45 ? 117 PRO A N   1 
ATOM   911  C CA  . PRO A 1 117 ? 10.345  2.279   11.432  1.00 16.93 ? 117 PRO A CA  1 
ATOM   912  C C   . PRO A 1 117 ? 10.583  1.466   10.163  1.00 17.08 ? 117 PRO A C   1 
ATOM   913  O O   . PRO A 1 117 ? 10.135  0.326   10.050  1.00 16.40 ? 117 PRO A O   1 
ATOM   914  C CB  . PRO A 1 117 ? 11.468  2.123   12.460  1.00 17.32 ? 117 PRO A CB  1 
ATOM   915  C CG  . PRO A 1 117 ? 11.016  0.964   13.269  1.00 17.82 ? 117 PRO A CG  1 
ATOM   916  C CD  . PRO A 1 117 ? 9.547   1.248   13.466  1.00 16.96 ? 117 PRO A CD  1 
ATOM   917  N N   . ARG A 1 118 ? 11.278  2.071   9.210   1.00 18.03 ? 118 ARG A N   1 
ATOM   918  C CA  . ARG A 1 118 ? 11.580  1.433   7.937   1.00 18.96 ? 118 ARG A CA  1 
ATOM   919  C C   . ARG A 1 118 ? 12.211  0.047   8.098   1.00 19.11 ? 118 ARG A C   1 
ATOM   920  O O   . ARG A 1 118 ? 11.920  -0.871  7.330   1.00 18.72 ? 118 ARG A O   1 
ATOM   921  C CB  . ARG A 1 118 ? 12.508  2.346   7.134   1.00 20.74 ? 118 ARG A CB  1 
ATOM   922  C CG  . ARG A 1 118 ? 12.857  1.852   5.753   1.00 23.25 ? 118 ARG A CG  1 
ATOM   923  C CD  . ARG A 1 118 ? 13.736  2.865   5.040   1.00 25.16 ? 118 ARG A CD  1 
ATOM   924  N NE  . ARG A 1 118 ? 14.171  2.376   3.737   1.00 27.56 ? 118 ARG A NE  1 
ATOM   925  C CZ  . ARG A 1 118 ? 14.949  3.058   2.903   1.00 28.23 ? 118 ARG A CZ  1 
ATOM   926  N NH1 . ARG A 1 118 ? 15.382  4.268   3.238   1.00 29.05 ? 118 ARG A NH1 1 
ATOM   927  N NH2 . ARG A 1 118 ? 15.295  2.530   1.736   1.00 29.55 ? 118 ARG A NH2 1 
ATOM   928  N N   . GLU A 1 119 ? 13.067  -0.106  9.105   1.00 19.49 ? 119 GLU A N   1 
ATOM   929  C CA  . GLU A 1 119 ? 13.744  -1.379  9.352   1.00 19.98 ? 119 GLU A CA  1 
ATOM   930  C C   . GLU A 1 119 ? 12.809  -2.510  9.768   1.00 19.39 ? 119 GLU A C   1 
ATOM   931  O O   . GLU A 1 119 ? 13.205  -3.677  9.794   1.00 19.79 ? 119 GLU A O   1 
ATOM   932  C CB  . GLU A 1 119 ? 14.832  -1.202  10.417  1.00 21.57 ? 119 GLU A CB  1 
ATOM   933  C CG  . GLU A 1 119 ? 14.372  -0.451  11.658  1.00 24.25 ? 119 GLU A CG  1 
ATOM   934  C CD  . GLU A 1 119 ? 14.766  1.017   11.627  1.00 25.38 ? 119 GLU A CD  1 
ATOM   935  O OE1 . GLU A 1 119 ? 14.509  1.693   10.607  1.00 26.18 ? 119 GLU A OE1 1 
ATOM   936  O OE2 . GLU A 1 119 ? 15.328  1.500   12.633  1.00 27.04 ? 119 GLU A OE2 1 
ATOM   937  N N   . GLU A 1 120 ? 11.568  -2.166  10.091  1.00 18.33 ? 120 GLU A N   1 
ATOM   938  C CA  . GLU A 1 120 ? 10.583  -3.162  10.502  1.00 17.61 ? 120 GLU A CA  1 
ATOM   939  C C   . GLU A 1 120 ? 9.562   -3.437  9.413   1.00 16.71 ? 120 GLU A C   1 
ATOM   940  O O   . GLU A 1 120 ? 8.611   -4.177  9.632   1.00 17.15 ? 120 GLU A O   1 
ATOM   941  C CB  . GLU A 1 120 ? 9.858   -2.689  11.765  1.00 18.27 ? 120 GLU A CB  1 
ATOM   942  C CG  . GLU A 1 120 ? 10.634  -2.914  13.046  1.00 20.18 ? 120 GLU A CG  1 
ATOM   943  C CD  . GLU A 1 120 ? 10.036  -2.186  14.231  1.00 21.12 ? 120 GLU A CD  1 
ATOM   944  O OE1 . GLU A 1 120 ? 8.800   -2.216  14.394  1.00 22.68 ? 120 GLU A OE1 1 
ATOM   945  O OE2 . GLU A 1 120 ? 10.810  -1.587  15.009  1.00 23.18 ? 120 GLU A OE2 1 
ATOM   946  N N   . ASN A 1 121 ? 9.768   -2.857  8.237   1.00 15.51 ? 121 ASN A N   1 
ATOM   947  C CA  . ASN A 1 121 ? 8.819   -3.036  7.146   1.00 14.68 ? 121 ASN A CA  1 
ATOM   948  C C   . ASN A 1 121 ? 9.515   -3.549  5.886   1.00 14.81 ? 121 ASN A C   1 
ATOM   949  O O   . ASN A 1 121 ? 9.088   -3.269  4.766   1.00 13.80 ? 121 ASN A O   1 
ATOM   950  C CB  . ASN A 1 121 ? 8.120   -1.695  6.891   1.00 14.33 ? 121 ASN A CB  1 
ATOM   951  C CG  . ASN A 1 121 ? 6.847   -1.840  6.089   1.00 12.88 ? 121 ASN A CG  1 
ATOM   952  O OD1 . ASN A 1 121 ? 6.151   -2.848  6.185   1.00 13.51 ? 121 ASN A OD1 1 
ATOM   953  N ND2 . ASN A 1 121 ? 6.520   -0.814  5.311   1.00 12.32 ? 121 ASN A ND2 1 
ATOM   954  N N   . LYS A 1 122 ? 10.586  -4.320  6.082   1.00 15.32 ? 122 LYS A N   1 
ATOM   955  C CA  . LYS A 1 122 ? 11.377  -4.858  4.975   1.00 15.29 ? 122 LYS A CA  1 
ATOM   956  C C   . LYS A 1 122 ? 10.650  -5.866  4.091   1.00 14.80 ? 122 LYS A C   1 
ATOM   957  O O   . LYS A 1 122 ? 10.965  -5.989  2.908   1.00 13.55 ? 122 LYS A O   1 
ATOM   958  C CB  . LYS A 1 122 ? 12.661  -5.492  5.515   1.00 17.06 ? 122 LYS A CB  1 
ATOM   959  C CG  . LYS A 1 122 ? 13.631  -4.503  6.148   1.00 18.89 ? 122 LYS A CG  1 
ATOM   960  C CD  . LYS A 1 122 ? 14.919  -5.198  6.566   1.00 20.64 ? 122 LYS A CD  1 
ATOM   961  C CE  . LYS A 1 122 ? 15.892  -4.233  7.219   1.00 21.78 ? 122 LYS A CE  1 
ATOM   962  N NZ  . LYS A 1 122 ? 17.174  -4.900  7.576   1.00 23.50 ? 122 LYS A NZ  1 
ATOM   963  N N   . GLU A 1 123 ? 9.688   -6.587  4.663   1.00 14.80 ? 123 GLU A N   1 
ATOM   964  C CA  . GLU A 1 123 ? 8.923   -7.574  3.907   1.00 15.12 ? 123 GLU A CA  1 
ATOM   965  C C   . GLU A 1 123 ? 8.120   -6.901  2.799   1.00 13.88 ? 123 GLU A C   1 
ATOM   966  O O   . GLU A 1 123 ? 8.217   -7.264  1.626   1.00 13.11 ? 123 GLU A O   1 
ATOM   967  C CB  . GLU A 1 123 ? 7.975   -8.322  4.842   1.00 17.49 ? 123 GLU A CB  1 
ATOM   968  C CG  . GLU A 1 123 ? 8.528   -9.610  5.399   1.00 22.06 ? 123 GLU A CG  1 
ATOM   969  C CD  . GLU A 1 123 ? 8.528   -10.714 4.370   1.00 24.00 ? 123 GLU A CD  1 
ATOM   970  O OE1 . GLU A 1 123 ? 9.321   -10.638 3.408   1.00 25.13 ? 123 GLU A OE1 1 
ATOM   971  O OE2 . GLU A 1 123 ? 7.712   -11.655 4.513   1.00 26.67 ? 123 GLU A OE2 1 
ATOM   972  N N   . ALA A 1 124 ? 7.318   -5.918  3.184   1.00 12.67 ? 124 ALA A N   1 
ATOM   973  C CA  . ALA A 1 124 ? 6.503   -5.200  2.219   1.00 12.02 ? 124 ALA A CA  1 
ATOM   974  C C   . ALA A 1 124 ? 7.384   -4.424  1.236   1.00 12.44 ? 124 ALA A C   1 
ATOM   975  O O   . ALA A 1 124 ? 7.032   -4.268  0.062   1.00 11.68 ? 124 ALA A O   1 
ATOM   976  C CB  . ALA A 1 124 ? 5.543   -4.262  2.942   1.00 11.84 ? 124 ALA A CB  1 
ATOM   977  N N   . ASP A 1 125 ? 8.532   -3.941  1.710   1.00 12.38 ? 125 ASP A N   1 
ATOM   978  C CA  . ASP A 1 125 ? 9.468   -3.202  0.863   1.00 12.96 ? 125 ASP A CA  1 
ATOM   979  C C   . ASP A 1 125 ? 9.990   -4.140  -0.224  1.00 12.92 ? 125 ASP A C   1 
ATOM   980  O O   . ASP A 1 125 ? 10.100  -3.759  -1.384  1.00 11.96 ? 125 ASP A O   1 
ATOM   981  C CB  . ASP A 1 125 ? 10.636  -2.673  1.709   1.00 13.93 ? 125 ASP A CB  1 
ATOM   982  C CG  . ASP A 1 125 ? 11.764  -2.087  0.866   1.00 14.78 ? 125 ASP A CG  1 
ATOM   983  O OD1 . ASP A 1 125 ? 11.680  -0.902  0.485   1.00 17.49 ? 125 ASP A OD1 1 
ATOM   984  O OD2 . ASP A 1 125 ? 12.734  -2.820  0.582   1.00 17.06 ? 125 ASP A OD2 1 
ATOM   985  N N   . ARG A 1 126 ? 10.299  -5.372  0.166   1.00 12.24 ? 126 ARG A N   1 
ATOM   986  C CA  . ARG A 1 126 ? 10.802  -6.371  -0.767  1.00 13.33 ? 126 ARG A CA  1 
ATOM   987  C C   . ARG A 1 126 ? 9.782   -6.592  -1.874  1.00 12.74 ? 126 ARG A C   1 
ATOM   988  O O   . ARG A 1 126 ? 10.132  -6.659  -3.059  1.00 13.04 ? 126 ARG A O   1 
ATOM   989  C CB  . ARG A 1 126 ? 11.063  -7.688  -0.033  1.00 14.05 ? 126 ARG A CB  1 
ATOM   990  C CG  . ARG A 1 126 ? 11.572  -8.817  -0.909  1.00 17.13 ? 126 ARG A CG  1 
ATOM   991  C CD  . ARG A 1 126 ? 11.731  -10.102 -0.110  1.00 18.86 ? 126 ARG A CD  1 
ATOM   992  N NE  . ARG A 1 126 ? 10.452  -10.673 0.301   1.00 21.37 ? 126 ARG A NE  1 
ATOM   993  C CZ  . ARG A 1 126 ? 9.576   -11.229 -0.532  1.00 22.06 ? 126 ARG A CZ  1 
ATOM   994  N NH1 . ARG A 1 126 ? 9.836   -11.292 -1.831  1.00 22.59 ? 126 ARG A NH1 1 
ATOM   995  N NH2 . ARG A 1 126 ? 8.440   -11.733 -0.065  1.00 23.22 ? 126 ARG A NH2 1 
ATOM   996  N N   . LEU A 1 127 ? 8.512   -6.684  -1.490  1.00 11.39 ? 127 LEU A N   1 
ATOM   997  C CA  . LEU A 1 127 ? 7.448   -6.910  -2.466  1.00 11.81 ? 127 LEU A CA  1 
ATOM   998  C C   . LEU A 1 127 ? 7.279   -5.720  -3.409  1.00 11.84 ? 127 LEU A C   1 
ATOM   999  O O   . LEU A 1 127 ? 7.049   -5.905  -4.608  1.00 11.83 ? 127 LEU A O   1 
ATOM   1000 C CB  . LEU A 1 127 ? 6.142   -7.243  -1.738  1.00 11.78 ? 127 LEU A CB  1 
ATOM   1001 C CG  . LEU A 1 127 ? 6.198   -8.615  -1.037  1.00 11.59 ? 127 LEU A CG  1 
ATOM   1002 C CD1 . LEU A 1 127 ? 5.047   -8.770  -0.069  1.00 12.61 ? 127 LEU A CD1 1 
ATOM   1003 C CD2 . LEU A 1 127 ? 6.171   -9.713  -2.094  1.00 12.53 ? 127 LEU A CD2 1 
ATOM   1004 N N   . SER A 1 128 ? 7.403   -4.503  -2.881  1.00 11.59 ? 128 SER A N   1 
ATOM   1005 C CA  . SER A 1 128 ? 7.288   -3.315  -3.726  1.00 11.46 ? 128 SER A CA  1 
ATOM   1006 C C   . SER A 1 128 ? 8.373   -3.359  -4.801  1.00 11.75 ? 128 SER A C   1 
ATOM   1007 O O   . SER A 1 128 ? 8.134   -2.990  -5.953  1.00 11.17 ? 128 SER A O   1 
ATOM   1008 C CB  . SER A 1 128 ? 7.460   -2.035  -2.902  1.00 11.22 ? 128 SER A CB  1 
ATOM   1009 O OG  . SER A 1 128 ? 6.414   -1.882  -1.962  1.00 12.01 ? 128 SER A OG  1 
ATOM   1010 N N   . ARG A 1 129 ? 9.569   -3.800  -4.415  1.00 11.75 ? 129 ARG A N   1 
ATOM   1011 C CA  . ARG A 1 129 ? 10.683  -3.883  -5.355  1.00 13.21 ? 129 ARG A CA  1 
ATOM   1012 C C   . ARG A 1 129 ? 10.446  -4.964  -6.394  1.00 12.54 ? 129 ARG A C   1 
ATOM   1013 O O   . ARG A 1 129 ? 10.853  -4.818  -7.549  1.00 12.70 ? 129 ARG A O   1 
ATOM   1014 C CB  . ARG A 1 129 ? 12.000  -4.168  -4.628  1.00 15.55 ? 129 ARG A CB  1 
ATOM   1015 C CG  . ARG A 1 129 ? 12.491  -3.059  -3.719  1.00 19.82 ? 129 ARG A CG  1 
ATOM   1016 C CD  . ARG A 1 129 ? 14.009  -2.930  -3.817  1.00 23.03 ? 129 ARG A CD  1 
ATOM   1017 N NE  . ARG A 1 129 ? 14.614  -2.438  -2.587  1.00 26.42 ? 129 ARG A NE  1 
ATOM   1018 C CZ  . ARG A 1 129 ? 14.737  -3.155  -1.474  1.00 27.28 ? 129 ARG A CZ  1 
ATOM   1019 N NH1 . ARG A 1 129 ? 14.294  -4.403  -1.436  1.00 28.46 ? 129 ARG A NH1 1 
ATOM   1020 N NH2 . ARG A 1 129 ? 15.320  -2.630  -0.398  1.00 28.79 ? 129 ARG A NH2 1 
ATOM   1021 N N   . VAL A 1 130 ? 9.812   -6.059  -5.988  1.00 11.89 ? 130 VAL A N   1 
ATOM   1022 C CA  . VAL A 1 130 ? 9.516   -7.127  -6.936  1.00 11.55 ? 130 VAL A CA  1 
ATOM   1023 C C   . VAL A 1 130 ? 8.641   -6.543  -8.044  1.00 11.60 ? 130 VAL A C   1 
ATOM   1024 O O   . VAL A 1 130 ? 8.918   -6.737  -9.228  1.00 11.71 ? 130 VAL A O   1 
ATOM   1025 C CB  . VAL A 1 130 ? 8.759   -8.303  -6.275  1.00 11.44 ? 130 VAL A CB  1 
ATOM   1026 C CG1 . VAL A 1 130 ? 8.340   -9.311  -7.345  1.00 11.26 ? 130 VAL A CG1 1 
ATOM   1027 C CG2 . VAL A 1 130 ? 9.651   -8.989  -5.255  1.00 12.92 ? 130 VAL A CG2 1 
ATOM   1028 N N   . ALA A 1 131 ? 7.593   -5.819  -7.656  1.00 10.71 ? 131 ALA A N   1 
ATOM   1029 C CA  . ALA A 1 131 ? 6.694   -5.211  -8.629  1.00 10.15 ? 131 ALA A CA  1 
ATOM   1030 C C   . ALA A 1 131 ? 7.452   -4.214  -9.500  1.00 9.87  ? 131 ALA A C   1 
ATOM   1031 O O   . ALA A 1 131 ? 7.257   -4.167  -10.711 1.00 9.54  ? 131 ALA A O   1 
ATOM   1032 C CB  . ALA A 1 131 ? 5.541   -4.517  -7.917  1.00 9.92  ? 131 ALA A CB  1 
ATOM   1033 N N   . TYR A 1 132 ? 8.304   -3.410  -8.872  1.00 10.36 ? 132 TYR A N   1 
ATOM   1034 C CA  . TYR A 1 132 ? 9.102   -2.421  -9.589  1.00 11.33 ? 132 TYR A CA  1 
ATOM   1035 C C   . TYR A 1 132 ? 9.878   -3.096  -10.720 1.00 11.49 ? 132 TYR A C   1 
ATOM   1036 O O   . TYR A 1 132 ? 9.851   -2.640  -11.863 1.00 10.21 ? 132 TYR A O   1 
ATOM   1037 C CB  . TYR A 1 132 ? 10.080  -1.748  -8.620  1.00 12.45 ? 132 TYR A CB  1 
ATOM   1038 C CG  . TYR A 1 132 ? 10.985  -0.704  -9.234  1.00 15.18 ? 132 TYR A CG  1 
ATOM   1039 C CD1 . TYR A 1 132 ? 10.469  0.490   -9.743  1.00 15.74 ? 132 TYR A CD1 1 
ATOM   1040 C CD2 . TYR A 1 132 ? 12.365  -0.891  -9.265  1.00 16.48 ? 132 TYR A CD2 1 
ATOM   1041 C CE1 . TYR A 1 132 ? 11.314  1.475   -10.265 1.00 17.66 ? 132 TYR A CE1 1 
ATOM   1042 C CE2 . TYR A 1 132 ? 13.214  0.086   -9.782  1.00 17.94 ? 132 TYR A CE2 1 
ATOM   1043 C CZ  . TYR A 1 132 ? 12.683  1.263   -10.276 1.00 17.67 ? 132 TYR A CZ  1 
ATOM   1044 O OH  . TYR A 1 132 ? 13.530  2.243   -10.760 1.00 19.60 ? 132 TYR A OH  1 
ATOM   1045 N N   . GLU A 1 133 ? 10.568  -4.185  -10.399 1.00 11.72 ? 133 GLU A N   1 
ATOM   1046 C CA  . GLU A 1 133 ? 11.345  -4.902  -11.400 1.00 12.57 ? 133 GLU A CA  1 
ATOM   1047 C C   . GLU A 1 133 ? 10.458  -5.482  -12.502 1.00 12.46 ? 133 GLU A C   1 
ATOM   1048 O O   . GLU A 1 133 ? 10.845  -5.494  -13.675 1.00 12.28 ? 133 GLU A O   1 
ATOM   1049 C CB  . GLU A 1 133 ? 12.168  -6.007  -10.739 1.00 14.26 ? 133 GLU A CB  1 
ATOM   1050 C CG  . GLU A 1 133 ? 13.276  -5.482  -9.833  1.00 17.23 ? 133 GLU A CG  1 
ATOM   1051 C CD  . GLU A 1 133 ? 14.239  -4.569  -10.563 1.00 18.84 ? 133 GLU A CD  1 
ATOM   1052 O OE1 . GLU A 1 133 ? 14.684  -4.938  -11.670 1.00 21.38 ? 133 GLU A OE1 1 
ATOM   1053 O OE2 . GLU A 1 133 ? 14.562  -3.478  -10.043 1.00 20.92 ? 133 GLU A OE2 1 
ATOM   1054 N N   . LEU A 1 134 ? 9.268   -5.956  -12.145 1.00 11.51 ? 134 LEU A N   1 
ATOM   1055 C CA  . LEU A 1 134 ? 8.373   -6.504  -13.156 1.00 10.84 ? 134 LEU A CA  1 
ATOM   1056 C C   . LEU A 1 134 ? 7.918   -5.393  -14.094 1.00 10.69 ? 134 LEU A C   1 
ATOM   1057 O O   . LEU A 1 134 ? 7.750   -5.617  -15.293 1.00 10.12 ? 134 LEU A O   1 
ATOM   1058 C CB  . LEU A 1 134 ? 7.168   -7.180  -12.499 1.00 11.30 ? 134 LEU A CB  1 
ATOM   1059 C CG  . LEU A 1 134 ? 7.484   -8.482  -11.751 1.00 11.21 ? 134 LEU A CG  1 
ATOM   1060 C CD1 . LEU A 1 134 ? 6.272   -8.922  -10.947 1.00 11.89 ? 134 LEU A CD1 1 
ATOM   1061 C CD2 . LEU A 1 134 ? 7.890   -9.572  -12.748 1.00 12.42 ? 134 LEU A CD2 1 
ATOM   1062 N N   . VAL A 1 135 ? 7.727   -4.190  -13.561 1.00 10.33 ? 135 VAL A N   1 
ATOM   1063 C CA  . VAL A 1 135 ? 7.311   -3.084  -14.416 1.00 11.23 ? 135 VAL A CA  1 
ATOM   1064 C C   . VAL A 1 135 ? 8.404   -2.779  -15.434 1.00 11.90 ? 135 VAL A C   1 
ATOM   1065 O O   . VAL A 1 135 ? 8.120   -2.578  -16.612 1.00 12.05 ? 135 VAL A O   1 
ATOM   1066 C CB  . VAL A 1 135 ? 7.018   -1.800  -13.615 1.00 11.04 ? 135 VAL A CB  1 
ATOM   1067 C CG1 . VAL A 1 135 ? 6.724   -0.652  -14.580 1.00 11.75 ? 135 VAL A CG1 1 
ATOM   1068 C CG2 . VAL A 1 135 ? 5.832   -2.020  -12.700 1.00 11.30 ? 135 VAL A CG2 1 
ATOM   1069 N N   . ARG A 1 136 ? 9.653   -2.745  -14.979 1.00 13.20 ? 136 ARG A N   1 
ATOM   1070 C CA  . ARG A 1 136 ? 10.768  -2.464  -15.876 1.00 14.42 ? 136 ARG A CA  1 
ATOM   1071 C C   . ARG A 1 136 ? 10.889  -3.520  -16.971 1.00 14.57 ? 136 ARG A C   1 
ATOM   1072 O O   . ARG A 1 136 ? 11.359  -3.231  -18.072 1.00 15.05 ? 136 ARG A O   1 
ATOM   1073 C CB  . ARG A 1 136 ? 12.075  -2.376  -15.085 1.00 15.88 ? 136 ARG A CB  1 
ATOM   1074 C CG  . ARG A 1 136 ? 12.095  -1.224  -14.091 1.00 18.28 ? 136 ARG A CG  1 
ATOM   1075 C CD  . ARG A 1 136 ? 13.426  -1.091  -13.369 1.00 21.48 ? 136 ARG A CD  1 
ATOM   1076 N NE  . ARG A 1 136 ? 14.525  -0.782  -14.277 1.00 24.19 ? 136 ARG A NE  1 
ATOM   1077 C CZ  . ARG A 1 136 ? 15.304  -1.690  -14.855 1.00 26.00 ? 136 ARG A CZ  1 
ATOM   1078 N NH1 . ARG A 1 136 ? 15.116  -2.983  -14.619 1.00 27.18 ? 136 ARG A NH1 1 
ATOM   1079 N NH2 . ARG A 1 136 ? 16.274  -1.304  -15.676 1.00 27.01 ? 136 ARG A NH2 1 
ATOM   1080 N N   . ARG A 1 137 ? 10.457  -4.739  -16.665 1.00 14.34 ? 137 ARG A N   1 
ATOM   1081 C CA  . ARG A 1 137 ? 10.510  -5.843  -17.618 1.00 14.52 ? 137 ARG A CA  1 
ATOM   1082 C C   . ARG A 1 137 ? 9.271   -5.930  -18.500 1.00 14.72 ? 137 ARG A C   1 
ATOM   1083 O O   . ARG A 1 137 ? 9.178   -6.813  -19.352 1.00 15.23 ? 137 ARG A O   1 
ATOM   1084 C CB  . ARG A 1 137 ? 10.699  -7.168  -16.870 1.00 14.73 ? 137 ARG A CB  1 
ATOM   1085 C CG  . ARG A 1 137 ? 12.102  -7.384  -16.330 1.00 14.93 ? 137 ARG A CG  1 
ATOM   1086 C CD  . ARG A 1 137 ? 13.059  -7.774  -17.444 1.00 15.26 ? 137 ARG A CD  1 
ATOM   1087 N NE  . ARG A 1 137 ? 12.719  -9.084  -18.004 1.00 15.84 ? 137 ARG A NE  1 
ATOM   1088 C CZ  . ARG A 1 137 ? 12.522  -9.312  -19.298 1.00 16.39 ? 137 ARG A CZ  1 
ATOM   1089 N NH1 . ARG A 1 137 ? 12.625  -8.319  -20.172 1.00 17.77 ? 137 ARG A NH1 1 
ATOM   1090 N NH2 . ARG A 1 137 ? 12.220  -10.532 -19.716 1.00 17.73 ? 137 ARG A NH2 1 
ATOM   1091 N N   . GLY A 1 138 ? 8.321   -5.023  -18.291 1.00 13.68 ? 138 GLY A N   1 
ATOM   1092 C CA  . GLY A 1 138 ? 7.101   -5.035  -19.075 1.00 14.00 ? 138 GLY A CA  1 
ATOM   1093 C C   . GLY A 1 138 ? 6.159   -6.152  -18.674 1.00 13.98 ? 138 GLY A C   1 
ATOM   1094 O O   . GLY A 1 138 ? 5.223   -6.472  -19.406 1.00 14.09 ? 138 GLY A O   1 
ATOM   1095 N N   . LYS A 1 139 ? 6.400   -6.739  -17.506 1.00 13.52 ? 139 LYS A N   1 
ATOM   1096 C CA  . LYS A 1 139 ? 5.584   -7.840  -17.005 1.00 14.02 ? 139 LYS A CA  1 
ATOM   1097 C C   . LYS A 1 139 ? 4.465   -7.368  -16.082 1.00 13.84 ? 139 LYS A C   1 
ATOM   1098 O O   . LYS A 1 139 ? 3.608   -8.154  -15.680 1.00 14.84 ? 139 LYS A O   1 
ATOM   1099 C CB  . LYS A 1 139 ? 6.469   -8.848  -16.272 1.00 14.33 ? 139 LYS A CB  1 
ATOM   1100 C CG  . LYS A 1 139 ? 7.428   -9.604  -17.185 1.00 16.44 ? 139 LYS A CG  1 
ATOM   1101 C CD  . LYS A 1 139 ? 8.461   -10.369 -16.368 1.00 18.50 ? 139 LYS A CD  1 
ATOM   1102 C CE  . LYS A 1 139 ? 9.329   -11.259 -17.242 1.00 19.95 ? 139 LYS A CE  1 
ATOM   1103 N NZ  . LYS A 1 139 ? 8.591   -12.467 -17.708 1.00 22.59 ? 139 LYS A NZ  1 
ATOM   1104 N N   . LEU A 1 140 ? 4.486   -6.087  -15.731 1.00 13.45 ? 140 LEU A N   1 
ATOM   1105 C CA  . LEU A 1 140 ? 3.450   -5.500  -14.883 1.00 13.43 ? 140 LEU A CA  1 
ATOM   1106 C C   . LEU A 1 140 ? 3.140   -4.167  -15.550 1.00 13.25 ? 140 LEU A C   1 
ATOM   1107 O O   . LEU A 1 140 ? 3.993   -3.286  -15.592 1.00 13.06 ? 140 LEU A O   1 
ATOM   1108 C CB  . LEU A 1 140 ? 3.981   -5.273  -13.468 1.00 15.29 ? 140 LEU A CB  1 
ATOM   1109 C CG  . LEU A 1 140 ? 3.043   -5.662  -12.330 1.00 18.08 ? 140 LEU A CG  1 
ATOM   1110 C CD1 . LEU A 1 140 ? 3.670   -5.244  -11.009 1.00 17.65 ? 140 LEU A CD1 1 
ATOM   1111 C CD2 . LEU A 1 140 ? 1.683   -5.001  -12.503 1.00 18.35 ? 140 LEU A CD2 1 
ATOM   1112 N N   . ARG A 1 141 ? 1.922   -4.019  -16.062 1.00 12.69 ? 141 ARG A N   1 
ATOM   1113 C CA  . ARG A 1 141 ? 1.562   -2.798  -16.774 1.00 12.56 ? 141 ARG A CA  1 
ATOM   1114 C C   . ARG A 1 141 ? 0.124   -2.338  -16.554 1.00 13.28 ? 141 ARG A C   1 
ATOM   1115 O O   . ARG A 1 141 ? -0.375  -1.473  -17.276 1.00 14.05 ? 141 ARG A O   1 
ATOM   1116 C CB  . ARG A 1 141 ? 1.812   -3.003  -18.269 1.00 11.90 ? 141 ARG A CB  1 
ATOM   1117 C CG  . ARG A 1 141 ? 0.949   -4.095  -18.876 1.00 12.27 ? 141 ARG A CG  1 
ATOM   1118 C CD  . ARG A 1 141 ? 1.475   -4.545  -20.224 1.00 12.40 ? 141 ARG A CD  1 
ATOM   1119 N NE  . ARG A 1 141 ? 0.585   -5.548  -20.814 1.00 13.18 ? 141 ARG A NE  1 
ATOM   1120 C CZ  . ARG A 1 141 ? 0.868   -6.254  -21.904 1.00 13.80 ? 141 ARG A CZ  1 
ATOM   1121 N NH1 . ARG A 1 141 ? 2.023   -6.080  -22.538 1.00 15.08 ? 141 ARG A NH1 1 
ATOM   1122 N NH2 . ARG A 1 141 ? -0.011  -7.130  -22.365 1.00 13.34 ? 141 ARG A NH2 1 
ATOM   1123 N N   . ASP A 1 142 ? -0.539  -2.928  -15.566 1.00 13.21 ? 142 ASP A N   1 
ATOM   1124 C CA  . ASP A 1 142 ? -1.911  -2.571  -15.229 1.00 13.71 ? 142 ASP A CA  1 
ATOM   1125 C C   . ASP A 1 142 ? -1.938  -2.067  -13.795 1.00 13.99 ? 142 ASP A C   1 
ATOM   1126 O O   . ASP A 1 142 ? -1.227  -2.586  -12.937 1.00 14.03 ? 142 ASP A O   1 
ATOM   1127 C CB  . ASP A 1 142 ? -2.834  -3.790  -15.328 1.00 14.67 ? 142 ASP A CB  1 
ATOM   1128 C CG  . ASP A 1 142 ? -2.972  -4.314  -16.741 1.00 15.32 ? 142 ASP A CG  1 
ATOM   1129 O OD1 . ASP A 1 142 ? -3.693  -3.684  -17.544 1.00 15.11 ? 142 ASP A OD1 1 
ATOM   1130 O OD2 . ASP A 1 142 ? -2.356  -5.353  -17.038 1.00 15.87 ? 142 ASP A OD2 1 
ATOM   1131 N N   . ILE A 1 143 ? -2.749  -1.046  -13.546 1.00 14.26 ? 143 ILE A N   1 
ATOM   1132 C CA  . ILE A 1 143 ? -2.893  -0.503  -12.204 1.00 14.61 ? 143 ILE A CA  1 
ATOM   1133 C C   . ILE A 1 143 ? -3.881  -1.418  -11.483 1.00 14.62 ? 143 ILE A C   1 
ATOM   1134 O O   . ILE A 1 143 ? -5.001  -1.632  -11.952 1.00 15.78 ? 143 ILE A O   1 
ATOM   1135 C CB  . ILE A 1 143 ? -3.446  0.941   -12.240 1.00 14.71 ? 143 ILE A CB  1 
ATOM   1136 C CG1 . ILE A 1 143 ? -2.428  1.865   -12.917 1.00 14.86 ? 143 ILE A CG1 1 
ATOM   1137 C CG2 . ILE A 1 143 ? -3.761  1.420   -10.828 1.00 14.54 ? 143 ILE A CG2 1 
ATOM   1138 C CD1 . ILE A 1 143 ? -2.907  3.290   -13.095 1.00 16.79 ? 143 ILE A CD1 1 
ATOM   1139 N N   . GLY A 1 144 ? -3.454  -1.988  -10.362 1.00 14.61 ? 144 GLY A N   1 
ATOM   1140 C CA  . GLY A 1 144 ? -4.327  -2.874  -9.618  1.00 14.39 ? 144 GLY A CA  1 
ATOM   1141 C C   . GLY A 1 144 ? -3.574  -3.718  -8.608  1.00 14.03 ? 144 GLY A C   1 
ATOM   1142 O O   . GLY A 1 144 ? -2.348  -3.646  -8.524  1.00 14.39 ? 144 GLY A O   1 
ATOM   1143 N N   . CYS A 1 145 ? -4.312  -4.522  -7.851  1.00 14.52 ? 145 CYS A N   1 
ATOM   1144 C CA  . CYS A 1 145 ? -3.715  -5.381  -6.835  1.00 14.40 ? 145 CYS A CA  1 
ATOM   1145 C C   . CYS A 1 145 ? -3.371  -6.751  -7.402  1.00 14.86 ? 145 CYS A C   1 
ATOM   1146 O O   . CYS A 1 145 ? -4.088  -7.296  -8.247  1.00 15.15 ? 145 CYS A O   1 
ATOM   1147 C CB  . CYS A 1 145 ? -4.677  -5.582  -5.653  1.00 14.85 ? 145 CYS A CB  1 
ATOM   1148 S SG  . CYS A 1 145 ? -5.474  -4.090  -4.970  1.00 16.00 ? 145 CYS A SG  1 
ATOM   1149 N N   . ILE A 1 146 ? -2.265  -7.306  -6.925  1.00 14.09 ? 146 ILE A N   1 
ATOM   1150 C CA  . ILE A 1 146 ? -1.841  -8.630  -7.342  1.00 14.04 ? 146 ILE A CA  1 
ATOM   1151 C C   . ILE A 1 146 ? -1.580  -9.414  -6.061  1.00 13.47 ? 146 ILE A C   1 
ATOM   1152 O O   . ILE A 1 146 ? -0.858  -8.952  -5.183  1.00 13.40 ? 146 ILE A O   1 
ATOM   1153 C CB  . ILE A 1 146 ? -0.552  -8.568  -8.189  1.00 14.88 ? 146 ILE A CB  1 
ATOM   1154 C CG1 . ILE A 1 146 ? -0.819  -7.763  -9.467  1.00 16.65 ? 146 ILE A CG1 1 
ATOM   1155 C CG2 . ILE A 1 146 ? -0.081  -9.978  -8.528  1.00 14.70 ? 146 ILE A CG2 1 
ATOM   1156 C CD1 . ILE A 1 146 ? 0.394   -7.571  -10.341 1.00 18.25 ? 146 ILE A CD1 1 
ATOM   1157 N N   . ILE A 1 147 ? -2.202  -10.580 -5.939  1.00 13.08 ? 147 ILE A N   1 
ATOM   1158 C CA  . ILE A 1 147 ? -2.009  -11.425 -4.765  1.00 13.42 ? 147 ILE A CA  1 
ATOM   1159 C C   . ILE A 1 147 ? -1.375  -12.726 -5.236  1.00 13.68 ? 147 ILE A C   1 
ATOM   1160 O O   . ILE A 1 147 ? -1.884  -13.370 -6.152  1.00 12.75 ? 147 ILE A O   1 
ATOM   1161 C CB  . ILE A 1 147 ? -3.352  -11.741 -4.065  1.00 13.91 ? 147 ILE A CB  1 
ATOM   1162 C CG1 . ILE A 1 147 ? -3.995  -10.449 -3.564  1.00 15.34 ? 147 ILE A CG1 1 
ATOM   1163 C CG2 . ILE A 1 147 ? -3.122  -12.713 -2.901  1.00 13.80 ? 147 ILE A CG2 1 
ATOM   1164 C CD1 . ILE A 1 147 ? -5.402  -10.627 -3.032  1.00 17.17 ? 147 ILE A CD1 1 
ATOM   1165 N N   . LEU A 1 148 ? -0.255  -13.098 -4.625  1.00 13.54 ? 148 LEU A N   1 
ATOM   1166 C CA  . LEU A 1 148 ? 0.434   -14.328 -4.993  1.00 14.25 ? 148 LEU A CA  1 
ATOM   1167 C C   . LEU A 1 148 ? -0.310  -15.529 -4.419  1.00 15.18 ? 148 LEU A C   1 
ATOM   1168 O O   . LEU A 1 148 ? -0.838  -15.471 -3.310  1.00 14.96 ? 148 LEU A O   1 
ATOM   1169 C CB  . LEU A 1 148 ? 1.876   -14.307 -4.472  1.00 14.49 ? 148 LEU A CB  1 
ATOM   1170 C CG  . LEU A 1 148 ? 2.771   -13.194 -5.018  1.00 14.59 ? 148 LEU A CG  1 
ATOM   1171 C CD1 . LEU A 1 148 ? 4.129   -13.246 -4.339  1.00 14.96 ? 148 LEU A CD1 1 
ATOM   1172 C CD2 . LEU A 1 148 ? 2.923   -13.349 -6.524  1.00 15.61 ? 148 LEU A CD2 1 
ATOM   1173 N N   . THR A 1 149 ? -0.364  -16.620 -5.175  1.00 15.76 ? 149 THR A N   1 
ATOM   1174 C CA  . THR A 1 149 ? -1.049  -17.811 -4.695  1.00 17.71 ? 149 THR A CA  1 
ATOM   1175 C C   . THR A 1 149 ? -0.282  -18.435 -3.534  1.00 18.65 ? 149 THR A C   1 
ATOM   1176 O O   . THR A 1 149 ? 0.954   -18.263 -3.483  1.00 19.54 ? 149 THR A O   1 
ATOM   1177 C CB  . THR A 1 149 ? -1.207  -18.854 -5.823  1.00 17.64 ? 149 THR A CB  1 
ATOM   1178 O OG1 . THR A 1 149 ? 0.076   -19.157 -6.381  1.00 18.68 ? 149 THR A OG1 1 
ATOM   1179 C CG2 . THR A 1 149 ? -2.118  -18.317 -6.913  1.00 17.92 ? 149 THR A CG2 1 
ATOM   1180 O OXT . THR A 1 149 ? -0.928  -19.101 -2.692  1.00 20.66 ? 149 THR A OXT 1 
HETATM 1181 O O   . HOH B 2 .   ? 8.032   4.741   0.250   1.00 8.38  ? 150 HOH A O   1 
HETATM 1182 O O   . HOH B 2 .   ? 5.321   11.331  -2.385  1.00 13.26 ? 151 HOH A O   1 
HETATM 1183 O O   . HOH B 2 .   ? 4.191   4.414   -11.966 1.00 12.63 ? 152 HOH A O   1 
HETATM 1184 O O   . HOH B 2 .   ? 0.057   -6.220  -15.843 1.00 13.72 ? 153 HOH A O   1 
HETATM 1185 O O   . HOH B 2 .   ? -1.675  -6.597  -19.253 1.00 11.40 ? 154 HOH A O   1 
HETATM 1186 O O   . HOH B 2 .   ? 4.276   2.250   4.590   1.00 13.13 ? 155 HOH A O   1 
HETATM 1187 O O   . HOH B 2 .   ? 6.834   -5.526  5.919   1.00 12.54 ? 156 HOH A O   1 
HETATM 1188 O O   . HOH B 2 .   ? 6.061   9.491   5.543   1.00 13.57 ? 157 HOH A O   1 
HETATM 1189 O O   . HOH B 2 .   ? 5.946   2.803   2.486   1.00 13.38 ? 158 HOH A O   1 
HETATM 1190 O O   . HOH B 2 .   ? 0.706   -15.145 -1.030  1.00 13.35 ? 159 HOH A O   1 
HETATM 1191 O O   . HOH B 2 .   ? 7.800   8.083   7.275   1.00 14.11 ? 160 HOH A O   1 
HETATM 1192 O O   . HOH B 2 .   ? -5.981  3.622   13.483  1.00 16.77 ? 161 HOH A O   1 
HETATM 1193 O O   . HOH B 2 .   ? 10.619  -8.918  -10.048 1.00 18.25 ? 162 HOH A O   1 
HETATM 1194 O O   . HOH B 2 .   ? 1.539   7.682   13.921  1.00 18.95 ? 163 HOH A O   1 
HETATM 1195 O O   . HOH B 2 .   ? 3.773   14.497  1.374   1.00 21.78 ? 164 HOH A O   1 
HETATM 1196 O O   . HOH B 2 .   ? -8.958  10.574  9.025   1.00 21.58 ? 165 HOH A O   1 
HETATM 1197 O O   . HOH B 2 .   ? -0.696  -4.079  -10.703 1.00 16.00 ? 166 HOH A O   1 
HETATM 1198 O O   . HOH B 2 .   ? -12.573 7.387   -3.693  1.00 20.88 ? 167 HOH A O   1 
HETATM 1199 O O   . HOH B 2 .   ? 15.521  2.523   -8.849  1.00 17.17 ? 168 HOH A O   1 
HETATM 1200 O O   . HOH B 2 .   ? 5.476   -2.419  -17.638 1.00 18.24 ? 169 HOH A O   1 
HETATM 1201 O O   . HOH B 2 .   ? -5.646  8.920   -7.326  1.00 26.66 ? 170 HOH A O   1 
HETATM 1202 O O   . HOH B 2 .   ? -6.182  -9.155  -7.547  1.00 20.12 ? 171 HOH A O   1 
HETATM 1203 O O   . HOH B 2 .   ? 13.641  2.419   -13.361 1.00 20.06 ? 172 HOH A O   1 
HETATM 1204 O O   . HOH B 2 .   ? -7.066  13.472  7.907   1.00 18.82 ? 173 HOH A O   1 
HETATM 1205 O O   . HOH B 2 .   ? -14.242 -8.057  7.313   1.00 24.14 ? 174 HOH A O   1 
HETATM 1206 O O   . HOH B 2 .   ? 12.582  -7.565  -3.971  1.00 22.52 ? 175 HOH A O   1 
HETATM 1207 O O   . HOH B 2 .   ? 11.818  -1.239  4.686   1.00 20.96 ? 176 HOH A O   1 
HETATM 1208 O O   . HOH B 2 .   ? 1.511   12.537  -3.766  1.00 16.85 ? 177 HOH A O   1 
HETATM 1209 O O   . HOH B 2 .   ? 1.003   13.397  -1.061  1.00 18.84 ? 178 HOH A O   1 
HETATM 1210 O O   . HOH B 2 .   ? 4.666   -5.260  -21.863 1.00 18.87 ? 179 HOH A O   1 
HETATM 1211 O O   . HOH B 2 .   ? -6.157  -3.988  -12.599 1.00 19.02 ? 180 HOH A O   1 
HETATM 1212 O O   . HOH B 2 .   ? -2.398  16.475  1.023   1.00 20.39 ? 181 HOH A O   1 
HETATM 1213 O O   . HOH B 2 .   ? -3.487  4.318   -7.469  1.00 19.29 ? 182 HOH A O   1 
HETATM 1214 O O   . HOH B 2 .   ? 5.249   12.977  10.662  1.00 20.67 ? 183 HOH A O   1 
HETATM 1215 O O   . HOH B 2 .   ? -0.448  14.588  0.967   1.00 23.51 ? 184 HOH A O   1 
HETATM 1216 O O   . HOH B 2 .   ? 2.238   -16.071 9.067   1.00 22.51 ? 185 HOH A O   1 
HETATM 1217 O O   . HOH B 2 .   ? 8.977   3.072   1.949   1.00 20.38 ? 186 HOH A O   1 
HETATM 1218 O O   . HOH B 2 .   ? 11.528  -5.845  8.591   1.00 25.95 ? 187 HOH A O   1 
HETATM 1219 O O   . HOH B 2 .   ? 9.293   -7.084  -22.040 1.00 20.51 ? 188 HOH A O   1 
HETATM 1220 O O   . HOH B 2 .   ? 10.305  5.873   -3.022  1.00 20.06 ? 189 HOH A O   1 
HETATM 1221 O O   . HOH B 2 .   ? -10.617 -11.650 11.570  1.00 25.02 ? 190 HOH A O   1 
HETATM 1222 O O   . HOH B 2 .   ? -0.907  -11.757 12.504  1.00 19.61 ? 191 HOH A O   1 
HETATM 1223 O O   . HOH B 2 .   ? 1.446   5.122   14.999  1.00 19.48 ? 192 HOH A O   1 
HETATM 1224 O O   . HOH B 2 .   ? 6.431   -12.651 -8.137  1.00 26.28 ? 193 HOH A O   1 
HETATM 1225 O O   . HOH B 2 .   ? -5.683  -19.096 9.543   1.00 23.18 ? 194 HOH A O   1 
HETATM 1226 O O   . HOH B 2 .   ? -8.255  -2.971  14.810  1.00 22.25 ? 195 HOH A O   1 
HETATM 1227 O O   . HOH B 2 .   ? -14.682 7.971   2.418   1.00 27.81 ? 196 HOH A O   1 
HETATM 1228 O O   . HOH B 2 .   ? -1.601  17.964  4.851   1.00 20.77 ? 197 HOH A O   1 
HETATM 1229 O O   . HOH B 2 .   ? 9.932   0.982   -0.605  1.00 21.62 ? 198 HOH A O   1 
HETATM 1230 O O   . HOH B 2 .   ? -3.634  -1.026  -18.383 1.00 25.23 ? 199 HOH A O   1 
HETATM 1231 O O   . HOH B 2 .   ? 12.639  4.662   -2.787  1.00 25.86 ? 200 HOH A O   1 
HETATM 1232 O O   . HOH B 2 .   ? -5.004  -7.520  -10.913 1.00 31.53 ? 201 HOH A O   1 
HETATM 1233 O O   . HOH B 2 .   ? 6.391   -7.552  7.781   1.00 24.31 ? 202 HOH A O   1 
HETATM 1234 O O   . HOH B 2 .   ? -1.176  8.066   13.916  1.00 23.20 ? 203 HOH A O   1 
HETATM 1235 O O   . HOH B 2 .   ? -1.131  9.308   -15.192 1.00 24.40 ? 204 HOH A O   1 
HETATM 1236 O O   . HOH B 2 .   ? 3.774   4.046   16.139  1.00 25.67 ? 205 HOH A O   1 
HETATM 1237 O O   . HOH B 2 .   ? -11.413 13.859  1.562   1.00 24.30 ? 206 HOH A O   1 
HETATM 1238 O O   . HOH B 2 .   ? 13.906  0.485   -0.800  1.00 27.98 ? 207 HOH A O   1 
HETATM 1239 O O   . HOH B 2 .   ? -2.715  3.690   15.994  1.00 23.05 ? 208 HOH A O   1 
HETATM 1240 O O   . HOH B 2 .   ? 12.284  1.281   2.170   1.00 29.22 ? 209 HOH A O   1 
HETATM 1241 O O   . HOH B 2 .   ? -13.828 -7.644  14.469  1.00 29.41 ? 210 HOH A O   1 
HETATM 1242 O O   . HOH B 2 .   ? -14.081 -6.865  -7.325  1.00 29.54 ? 211 HOH A O   1 
HETATM 1243 O O   . HOH B 2 .   ? 9.530   0.086   3.881   1.00 23.31 ? 212 HOH A O   1 
HETATM 1244 O O   . HOH B 2 .   ? 6.635   -4.137  13.878  1.00 33.82 ? 213 HOH A O   1 
HETATM 1245 O O   . HOH B 2 .   ? 12.142  4.816   9.402   1.00 25.29 ? 214 HOH A O   1 
HETATM 1246 O O   . HOH B 2 .   ? -15.059 -6.254  9.263   1.00 26.44 ? 215 HOH A O   1 
HETATM 1247 O O   . HOH B 2 .   ? -15.437 -8.957  5.169   1.00 24.81 ? 216 HOH A O   1 
HETATM 1248 O O   . HOH B 2 .   ? -2.109  15.724  -6.503  1.00 28.58 ? 217 HOH A O   1 
HETATM 1249 O O   . HOH B 2 .   ? 4.388   4.784   -19.252 1.00 27.02 ? 218 HOH A O   1 
HETATM 1250 O O   . HOH B 2 .   ? -5.954  -16.543 0.810   1.00 26.13 ? 219 HOH A O   1 
HETATM 1251 O O   . HOH B 2 .   ? 15.295  10.561  -6.810  1.00 28.81 ? 220 HOH A O   1 
HETATM 1252 O O   . HOH B 2 .   ? 7.808   -5.501  11.968  1.00 29.42 ? 221 HOH A O   1 
HETATM 1253 O O   . HOH B 2 .   ? 3.576   -9.618  14.674  1.00 32.40 ? 222 HOH A O   1 
HETATM 1254 O O   . HOH B 2 .   ? -6.889  0.000   -13.219 1.00 24.76 ? 223 HOH A O   1 
HETATM 1255 O O   . HOH B 2 .   ? -0.183  15.662  4.795   1.00 29.28 ? 224 HOH A O   1 
HETATM 1256 O O   . HOH B 2 .   ? 3.360   -15.949 -1.172  1.00 34.21 ? 225 HOH A O   1 
HETATM 1257 O O   . HOH B 2 .   ? 9.139   -6.934  7.623   1.00 28.35 ? 226 HOH A O   1 
HETATM 1258 O O   . HOH B 2 .   ? -2.849  17.333  14.193  1.00 21.96 ? 227 HOH A O   1 
HETATM 1259 O O   . HOH B 2 .   ? -17.128 2.234   5.152   1.00 30.99 ? 228 HOH A O   1 
HETATM 1260 O O   . HOH B 2 .   ? 3.862   -7.036  14.208  1.00 32.12 ? 229 HOH A O   1 
HETATM 1261 O O   . HOH B 2 .   ? -9.087  5.113   -6.230  1.00 47.90 ? 230 HOH A O   1 
HETATM 1262 O O   . HOH B 2 .   ? -12.875 11.368  6.267   1.00 35.36 ? 231 HOH A O   1 
HETATM 1263 O O   . HOH B 2 .   ? 11.648  -8.781  -22.814 1.00 26.99 ? 232 HOH A O   1 
HETATM 1264 O O   . HOH B 2 .   ? 12.727  12.970  -7.269  1.00 36.56 ? 233 HOH A O   1 
HETATM 1265 O O   . HOH B 2 .   ? 12.362  -11.363 -22.608 1.00 32.73 ? 234 HOH A O   1 
HETATM 1266 O O   . HOH B 2 .   ? -10.742 21.922  8.393   1.00 28.08 ? 235 HOH A O   1 
HETATM 1267 O O   . HOH B 2 .   ? 15.457  -5.283  -16.122 1.00 35.57 ? 236 HOH A O   1 
HETATM 1268 O O   . HOH B 2 .   ? 2.291   14.755  -8.799  1.00 37.24 ? 237 HOH A O   1 
HETATM 1269 O O   . HOH B 2 .   ? 0.168   -19.832 14.777  1.00 31.50 ? 238 HOH A O   1 
HETATM 1270 O O   . HOH B 2 .   ? -8.087  -9.773  13.246  1.00 28.61 ? 239 HOH A O   1 
HETATM 1271 O O   . HOH B 2 .   ? -15.313 12.545  2.328   1.00 27.71 ? 240 HOH A O   1 
HETATM 1272 O O   . HOH B 2 .   ? -3.984  7.334   -8.495  1.00 34.19 ? 241 HOH A O   1 
HETATM 1273 O O   . HOH B 2 .   ? 8.654   -13.243 -14.335 1.00 31.41 ? 242 HOH A O   1 
HETATM 1274 O O   . HOH B 2 .   ? 9.567   15.410  -4.636  1.00 29.24 ? 243 HOH A O   1 
HETATM 1275 O O   . HOH B 2 .   ? -11.125 2.315   13.129  1.00 37.98 ? 244 HOH A O   1 
HETATM 1276 O O   . HOH B 2 .   ? 13.618  -5.602  -13.875 1.00 30.78 ? 245 HOH A O   1 
HETATM 1277 O O   . HOH B 2 .   ? 17.549  -4.369  10.322  1.00 38.20 ? 246 HOH A O   1 
HETATM 1278 O O   . HOH B 2 .   ? -13.317 1.773   -0.304  1.00 26.27 ? 247 HOH A O   1 
HETATM 1279 O O   . HOH B 2 .   ? -14.038 9.537   -3.529  1.00 33.45 ? 248 HOH A O   1 
HETATM 1280 O O   . HOH B 2 .   ? -3.967  -19.042 -2.677  1.00 34.96 ? 249 HOH A O   1 
HETATM 1281 O O   . HOH B 2 .   ? -4.180  0.400   -15.591 1.00 29.46 ? 250 HOH A O   1 
HETATM 1282 O O   . HOH B 2 .   ? 13.591  -5.474  1.280   1.00 52.23 ? 251 HOH A O   1 
HETATM 1283 O O   . HOH B 2 .   ? -7.939  -3.768  -14.575 1.00 17.85 ? 252 HOH A O   1 
HETATM 1284 O O   . HOH B 2 .   ? 9.580   6.565   0.894   1.00 21.14 ? 253 HOH A O   1 
HETATM 1285 O O   . HOH B 2 .   ? 11.325  -9.009  -12.750 1.00 23.04 ? 254 HOH A O   1 
HETATM 1286 O O   . HOH B 2 .   ? -8.731  -1.168  -14.779 1.00 21.40 ? 255 HOH A O   1 
HETATM 1287 O O   . HOH B 2 .   ? 9.294   -11.735 -9.745  1.00 22.84 ? 256 HOH A O   1 
HETATM 1288 O O   . HOH B 2 .   ? 10.331  3.743   -0.635  1.00 23.88 ? 257 HOH A O   1 
HETATM 1289 O O   . HOH B 2 .   ? 12.737  -9.121  -8.279  1.00 26.51 ? 258 HOH A O   1 
HETATM 1290 O O   . HOH B 2 .   ? -6.066  4.372   -8.124  1.00 31.28 ? 259 HOH A O   1 
HETATM 1291 O O   . HOH B 2 .   ? 14.857  13.858  -8.679  1.00 29.40 ? 260 HOH A O   1 
HETATM 1292 O O   . HOH B 2 .   ? -8.901  -12.351 13.525  1.00 25.05 ? 261 HOH A O   1 
HETATM 1293 O O   . HOH B 2 .   ? -5.126  -22.110 11.135  1.00 29.93 ? 262 HOH A O   1 
HETATM 1294 O O   . HOH B 2 .   ? 0.097   13.930  -5.847  1.00 28.80 ? 263 HOH A O   1 
HETATM 1295 O O   . HOH B 2 .   ? 1.730   -11.675 13.654  1.00 28.11 ? 264 HOH A O   1 
HETATM 1296 O O   . HOH B 2 .   ? -5.272  4.264   16.298  1.00 26.69 ? 265 HOH A O   1 
HETATM 1297 O O   . HOH B 2 .   ? 13.510  -7.320  -6.453  1.00 34.79 ? 266 HOH A O   1 
HETATM 1298 O O   . HOH B 2 .   ? 3.861   15.646  -6.845  1.00 33.82 ? 267 HOH A O   1 
HETATM 1299 O O   . HOH B 2 .   ? -12.472 4.111   11.311  1.00 36.35 ? 268 HOH A O   1 
HETATM 1300 O O   . HOH B 2 .   ? -14.031 10.507  3.826   1.00 33.68 ? 269 HOH A O   1 
HETATM 1301 O O   . HOH B 2 .   ? -10.108 1.584   15.705  1.00 41.64 ? 270 HOH A O   1 
HETATM 1302 O O   . HOH B 2 .   ? 5.443   14.833  3.581   1.00 32.26 ? 271 HOH A O   1 
HETATM 1303 O O   . HOH B 2 .   ? 10.569  14.794  -10.109 1.00 27.46 ? 272 HOH A O   1 
HETATM 1304 O O   . HOH B 2 .   ? -14.508 5.997   -2.234  1.00 34.97 ? 273 HOH A O   1 
HETATM 1305 O O   . HOH B 2 .   ? -2.951  1.995   18.184  1.00 35.54 ? 274 HOH A O   1 
HETATM 1306 O O   . HOH B 2 .   ? -15.808 7.837   -0.319  1.00 38.10 ? 275 HOH A O   1 
HETATM 1307 O O   . HOH B 2 .   ? -15.145 0.850   12.293  1.00 30.90 ? 276 HOH A O   1 
HETATM 1308 O O   . HOH B 2 .   ? 13.807  -0.546  -5.906  1.00 39.91 ? 277 HOH A O   1 
HETATM 1309 O O   . HOH B 2 .   ? -5.304  -20.391 -4.655  1.00 40.27 ? 278 HOH A O   1 
HETATM 1310 O O   . HOH B 2 .   ? 6.501   1.844   16.238  1.00 33.32 ? 279 HOH A O   1 
HETATM 1311 O O   . HOH B 2 .   ? 12.823  3.948   0.257   1.00 33.49 ? 280 HOH A O   1 
HETATM 1312 O O   . HOH B 2 .   ? 8.539   -0.210  -18.730 1.00 44.15 ? 281 HOH A O   1 
HETATM 1313 O O   . HOH B 2 .   ? 14.281  -1.116  3.661   1.00 42.13 ? 282 HOH A O   1 
HETATM 1314 O O   . HOH B 2 .   ? 17.086  12.654  -5.806  1.00 38.73 ? 283 HOH A O   1 
HETATM 1315 O O   . HOH B 2 .   ? 14.009  6.807   -3.601  1.00 19.19 ? 284 HOH A O   1 
HETATM 1316 O O   . HOH B 2 .   ? 11.653  5.373   2.355   1.00 26.06 ? 285 HOH A O   1 
HETATM 1317 O O   . HOH B 2 .   ? 10.478  -12.885 -5.118  1.00 43.86 ? 286 HOH A O   1 
HETATM 1318 O O   . HOH B 2 .   ? 14.902  -9.719  -9.858  1.00 30.09 ? 287 HOH A O   1 
HETATM 1319 O O   . HOH B 2 .   ? 13.724  -5.727  -20.103 1.00 47.29 ? 288 HOH A O   1 
# 
